data_9FA7
#
_entry.id   9FA7
#
_cell.length_a   1.00
_cell.length_b   1.00
_cell.length_c   1.00
_cell.angle_alpha   90.00
_cell.angle_beta   90.00
_cell.angle_gamma   90.00
#
_symmetry.space_group_name_H-M   'P 1'
#
loop_
_entity.id
_entity.type
_entity.pdbx_description
1 polymer 'Integrator complex subunit 15'
2 polymer 'Integrator complex subunit 10'
3 polymer 'Integrator complex subunit 13'
4 polymer 'Integrator complex subunit 14'
#
loop_
_entity_poly.entity_id
_entity_poly.type
_entity_poly.pdbx_seq_one_letter_code
_entity_poly.pdbx_strand_id
1 'polypeptide(L)'
;MSDIRHSLLRRDALSAAKEVLYHLDIYFSSQLQSAPLPIVDKGPVELLEEFVFQVPKERSAQPKRLNSLQELQLLEIMCN
YFQEQTKDSVRQIIFSSLFSPQGNKADDSRMSLLGKLVSMAVAVCRIPVLECAASWLQRTPVVYCVRLAKALVDDYCCLV
PGSIQTLKQIFSASPRFCCQFITSVTALYDLSSDDLIPPMDLLEMIVTWIFEDPRLILITFLNTPIAANLPIGFLELTPL
VGLIRWCVKAPLAYKRKKKPPLSNGHVSNKVTKDPGVGMDRDSHLLYSKLHLSVLQVLMTLQLHLTEKNLYGRLGLILFD
HMVPLVEEINRLADELNPLNASQEIELSLDRLAQALQVAMASGALLCTRDDLRTLCSRLPHNNLLQLVISGPVQQSPHAA
LPPGFYPHIHTPPLGYGAVPAHPAAHPALPTHPGHTFISGVTFPFRPIR
;
C
2 'polypeptide(L)'
;MSAQGDCEFLVQRARELVPQDLWAAKAWLITARSLYPADFNIQYEMYTIERNAERTATAGRLLYDMFVNFPDQPVVWREI
SIITSALRNDSQDKQTQFLRSLFETLPGRVQCEMLLKVTEQCFNTLERSEMLLLLLRRFPETVVQHGVGLGEALLEAETI
EEQESPVNCFRKLFVCDVLPLIINNHDVRLPANLLYKYLNKAAEFYINYVTRSTQIENQHQGAQDTSDLMSPSKRSSQKY
IIEGLTEKSSQIVDPWERLFKILNVVGMRCEWQMDKGRRSYGDILHRMKDLCRYMNNFDSEAHAKYKNQVVYSTMLVFFK
NAFQYVNSIQPSLFQGPNAPSQVPLVLLEDVSNVYGDVEIDRNKHIHKKRKLAEGREKTMSSDDEDCSAKGRNRHIVVNK
AELANSTEVLESFKLARESWELLYSLEFLDKEFTRICLAWKTDTWLWLRIFLTDMIIYQGQYKKAIASLHHLAALQGSIS
QPQITGQGTLEHQRALIQLATCHFALGEYRMTCEKVLDLMCYMVLPIQDGGKSQEEPSKVKPKFRKGSDLKLLPCTSKAI
MPYCLHLMLACFKLRAFTDNRDDMALGHVIVLLQQEWPRGENLFLKAVNKICQQGNFQYENFFNYVTNIDMLEEFAYLRT
QEGGKIHLELLPNQGMLIKHHTVTRGITKGVKEDFRLAMERQVSRCGENLMVVLHRFCINEKILLLQTLT
;
D
3 'polypeptide(L)'
;MKIFSESHKTVFVVDHCPYMAESCRQHVEFDMLVKNRTQGIIPLAPISKSLWTCSVESSMEYCRIMYDIFPFKKLVNFIV
SDSGAHVLNSWTQEDQNLQELMAALAAVGPPNPRADPECCSILHGLVAAVETLCKITEYQHEARTLLMENAERVGNRGRI
ICITNAKSDSHVRMLEDCVQETIHEHNKLAANSDHLMQIQKCELVLIHTYPVGEDSLVSDRSKKELSPVLTSEVHSVRAG
RHLATKLNILVQQHFDLASTTITNIPMKEEQHANTSANYDVELLHHKDAHVDFLKSGDSHLGGGSREGSFKETITLKWCT
PRTNNIELHYCTGAYRISPVDVNSRPSSCLTNFLLNGRSVLLEQPRKSGSKVISHMLSSHGGEIFLHVLSSSRSILEDPP
SISEGCGGRVTDYRITDFGEFMRENRLTPFLDPRYKIDGSLEVPLERAKDQLEKHTRYWPMIISQTTIFNMQAVVPLASV
IVKESLTEEDVLNCQKTIYNLVDMERKNDPLPISTVGTRGKGPKRDEQYRIMWNELETLVRAHINNSEKHQRVLECLMAC
RSKPPEEEERKKRGRKREDKEDKSEKAVKDYEQEKSWQDSERLKGILERGKEELAEAEIIKDSPDSPEPPNKKPLVEMDE
TPQVEKSKGPVSLLSLWSNRINTANSRKHQEFAGRLNSVNNRAELYQHLKEENGMETTENGKASRQ
;
A
4 'polypeptide(L)'
;MPTVVVMDVSLSMTRPVSIEGSEEYQRKHLAAHGLTMLFEHMATNYKLEFTALVVFSSLWELMVPFTRDYNTLQEALSNM
DDYDKTCLESALVGVCNIVQQEWGGAIPCQVVLVTDGCLGIGRGSLRHSLATQNQRSESNRFPLPFPFPSKLYIMCMANL
EELQSTDSLECLERLIDLNNGEGQIFTIDGPLCLKNVQSMFGKLIDLAYTPFHAVLKCGHLTADVQVFPRPEPFVVDEEI
DPIPKVINTDLEIVGFIDIADISSPPVLSRHLVLPIALNKEGDEVGTGITDDNEDENSANQIAGKIPNFCVLLHGSLKVE
GMVAIVQLGPEWHGMLYSQADSKKKSNLMMSLFEPGPEPLPWLGKMAQLGPISDAKENPYGEDDNKSPFPLQPKNKRSYA
QNVTVWIKPSGLQTDVQKILRNARKLPEKTQTFYKELNRLRKAALAFGFLDLLKGVADMLERECTLLPETAHPDAAFQLT
HAAQQLKLASTGTSEYAAYDQNITPLHTDFSGSSTERI
;
B
#
# COMPACT_ATOMS: atom_id res chain seq x y z
N MET A 1 97.36 24.12 47.63
CA MET A 1 96.41 25.21 47.41
C MET A 1 97.09 26.41 46.74
N SER A 2 98.42 26.41 46.76
CA SER A 2 99.17 27.48 46.13
C SER A 2 98.96 27.49 44.62
N ASP A 3 98.94 26.30 44.00
CA ASP A 3 98.72 26.22 42.56
C ASP A 3 97.32 26.72 42.19
N ILE A 4 96.31 26.39 42.99
CA ILE A 4 94.96 26.85 42.72
C ILE A 4 94.88 28.37 42.80
N ARG A 5 95.52 28.96 43.81
CA ARG A 5 95.52 30.41 43.93
C ARG A 5 96.26 31.06 42.76
N HIS A 6 97.40 30.49 42.36
CA HIS A 6 98.17 31.05 41.25
C HIS A 6 97.38 30.98 39.94
N SER A 7 96.72 29.86 39.69
CA SER A 7 95.97 29.70 38.44
C SER A 7 94.80 30.67 38.37
N LEU A 8 94.09 30.86 39.49
CA LEU A 8 92.91 31.72 39.50
C LEU A 8 93.24 33.21 39.48
N LEU A 9 94.52 33.58 39.69
CA LEU A 9 94.90 34.98 39.67
C LEU A 9 94.88 35.59 38.27
N ARG A 10 94.82 34.77 37.23
CA ARG A 10 94.80 35.25 35.85
C ARG A 10 93.39 35.41 35.30
N ARG A 11 92.37 35.18 36.11
CA ARG A 11 90.97 35.26 35.69
C ARG A 11 90.30 36.46 36.35
N ASP A 12 89.14 36.82 35.81
CA ASP A 12 88.36 37.91 36.38
C ASP A 12 87.73 37.48 37.70
N ALA A 13 87.20 38.46 38.44
CA ALA A 13 86.72 38.21 39.79
C ALA A 13 85.59 37.18 39.81
N LEU A 14 84.60 37.34 38.91
CA LEU A 14 83.49 36.39 38.87
C LEU A 14 83.96 35.01 38.45
N SER A 15 84.79 34.94 37.40
CA SER A 15 85.30 33.65 36.95
C SER A 15 86.18 33.01 38.01
N ALA A 16 87.04 33.81 38.65
CA ALA A 16 87.90 33.26 39.71
C ALA A 16 87.05 32.70 40.85
N ALA A 17 85.99 33.42 41.24
CA ALA A 17 85.09 32.93 42.27
C ALA A 17 84.44 31.63 41.86
N LYS A 18 84.01 31.52 40.59
CA LYS A 18 83.35 30.31 40.12
C LYS A 18 84.29 29.11 40.18
N GLU A 19 85.51 29.25 39.64
CA GLU A 19 86.44 28.13 39.68
C GLU A 19 86.91 27.80 41.09
N VAL A 20 87.08 28.78 41.97
CA VAL A 20 87.48 28.42 43.32
C VAL A 20 86.33 27.75 44.06
N LEU A 21 85.08 28.13 43.77
CA LEU A 21 83.95 27.41 44.33
C LEU A 21 83.92 25.96 43.85
N TYR A 22 84.19 25.74 42.56
CA TYR A 22 84.24 24.37 42.05
C TYR A 22 85.39 23.59 42.68
N HIS A 23 86.54 24.22 42.86
CA HIS A 23 87.68 23.57 43.48
C HIS A 23 87.39 23.21 44.93
N LEU A 24 86.72 24.10 45.66
CA LEU A 24 86.32 23.78 47.03
C LEU A 24 85.31 22.65 47.04
N ASP A 25 84.40 22.63 46.05
CA ASP A 25 83.43 21.53 45.96
C ASP A 25 84.15 20.19 45.81
N ILE A 26 85.07 20.09 44.86
CA ILE A 26 85.73 18.80 44.63
C ILE A 26 86.63 18.44 45.81
N TYR A 27 87.32 19.43 46.40
CA TYR A 27 88.18 19.16 47.53
C TYR A 27 87.39 18.65 48.73
N PHE A 28 86.25 19.29 49.02
CA PHE A 28 85.42 18.85 50.14
C PHE A 28 84.77 17.50 49.87
N SER A 29 84.39 17.24 48.61
CA SER A 29 83.87 15.92 48.28
C SER A 29 84.93 14.84 48.51
N SER A 30 86.17 15.10 48.10
CA SER A 30 87.24 14.15 48.34
C SER A 30 87.50 13.98 49.84
N GLN A 31 87.48 15.08 50.59
CA GLN A 31 87.71 15.01 52.03
C GLN A 31 86.64 14.18 52.72
N LEU A 32 85.38 14.38 52.34
CA LEU A 32 84.29 13.62 52.95
C LEU A 32 84.31 12.15 52.51
N GLN A 33 84.74 11.88 51.28
CA GLN A 33 84.92 10.49 50.86
C GLN A 33 86.02 9.81 51.67
N SER A 34 87.11 10.53 51.94
CA SER A 34 88.22 9.95 52.69
C SER A 34 87.86 9.76 54.16
N ALA A 35 87.26 10.77 54.77
CA ALA A 35 86.93 10.72 56.19
C ALA A 35 85.51 11.21 56.43
N PRO A 36 84.78 10.61 57.37
CA PRO A 36 83.42 11.08 57.66
C PRO A 36 83.36 12.51 58.15
N LEU A 37 84.37 12.98 58.88
CA LEU A 37 84.37 14.34 59.41
C LEU A 37 85.50 15.14 58.77
N PRO A 38 85.22 16.00 57.81
CA PRO A 38 86.29 16.80 57.19
C PRO A 38 86.65 18.01 58.02
N ILE A 39 87.93 18.28 58.13
CA ILE A 39 88.44 19.44 58.87
C ILE A 39 88.52 20.62 57.92
N VAL A 40 87.90 21.73 58.32
CA VAL A 40 87.92 22.94 57.50
C VAL A 40 89.27 23.64 57.71
N ASP A 41 90.05 23.74 56.64
CA ASP A 41 91.36 24.35 56.71
C ASP A 41 91.26 25.85 56.41
N LYS A 42 92.32 26.58 56.76
CA LYS A 42 92.37 28.01 56.51
C LYS A 42 92.57 28.32 55.03
N GLY A 43 93.01 27.35 54.24
CA GLY A 43 93.23 27.55 52.82
C GLY A 43 91.97 27.91 52.06
N PRO A 44 90.92 27.10 52.19
CA PRO A 44 89.63 27.48 51.59
C PRO A 44 89.10 28.81 52.11
N VAL A 45 89.31 29.10 53.39
CA VAL A 45 88.81 30.34 53.96
C VAL A 45 89.50 31.54 53.30
N GLU A 46 90.83 31.50 53.18
CA GLU A 46 91.53 32.61 52.56
C GLU A 46 91.24 32.69 51.06
N LEU A 47 91.08 31.54 50.39
CA LEU A 47 90.72 31.55 48.98
C LEU A 47 89.37 32.24 48.77
N LEU A 48 88.38 31.93 49.61
CA LEU A 48 87.09 32.62 49.51
C LEU A 48 87.23 34.09 49.88
N GLU A 49 88.13 34.41 50.83
CA GLU A 49 88.29 35.79 51.25
C GLU A 49 88.84 36.67 50.13
N GLU A 50 89.90 36.22 49.46
CA GLU A 50 90.51 37.02 48.40
C GLU A 50 90.04 36.65 47.00
N PHE A 51 89.04 35.79 46.87
CA PHE A 51 88.46 35.48 45.56
C PHE A 51 86.95 35.70 45.51
N VAL A 52 86.24 35.42 46.59
CA VAL A 52 84.79 35.62 46.61
C VAL A 52 84.44 36.82 47.48
N ASN A 67 81.08 46.23 41.21
CA ASN A 67 79.90 47.09 41.11
C ASN A 67 78.63 46.32 41.39
N SER A 68 77.48 46.99 41.25
CA SER A 68 76.20 46.33 41.47
C SER A 68 75.96 45.22 40.47
N LEU A 69 76.28 45.47 39.20
CA LEU A 69 76.11 44.43 38.18
C LEU A 69 77.01 43.24 38.43
N GLN A 70 78.27 43.49 38.80
CA GLN A 70 79.19 42.39 39.11
C GLN A 70 78.71 41.60 40.31
N GLU A 71 78.24 42.28 41.36
CA GLU A 71 77.72 41.58 42.53
C GLU A 71 76.49 40.74 42.18
N LEU A 72 75.60 41.29 41.36
CA LEU A 72 74.43 40.52 40.93
C LEU A 72 74.82 39.30 40.12
N GLN A 73 75.79 39.46 39.22
CA GLN A 73 76.26 38.32 38.44
C GLN A 73 76.90 37.26 39.33
N LEU A 74 77.68 37.68 40.32
CA LEU A 74 78.28 36.73 41.25
C LEU A 74 77.22 35.99 42.05
N LEU A 75 76.19 36.71 42.50
CA LEU A 75 75.10 36.07 43.23
C LEU A 75 74.36 35.07 42.36
N GLU A 76 74.10 35.43 41.10
CA GLU A 76 73.43 34.50 40.19
C GLU A 76 74.28 33.26 39.93
N ILE A 77 75.60 33.45 39.78
CA ILE A 77 76.50 32.32 39.59
C ILE A 77 76.48 31.42 40.82
N MET A 78 76.49 32.02 42.02
CA MET A 78 76.44 31.23 43.24
C MET A 78 75.14 30.44 43.34
N CYS A 79 74.00 31.07 43.00
CA CYS A 79 72.73 30.38 43.02
C CYS A 79 72.71 29.22 42.03
N ASN A 80 73.23 29.45 40.82
CA ASN A 80 73.29 28.38 39.83
C ASN A 80 74.16 27.23 40.31
N TYR A 81 75.31 27.54 40.90
CA TYR A 81 76.20 26.51 41.42
C TYR A 81 75.53 25.71 42.54
N PHE A 82 74.84 26.41 43.45
CA PHE A 82 74.18 25.73 44.55
C PHE A 82 73.05 24.83 44.04
N GLN A 83 72.31 25.30 43.03
CA GLN A 83 71.21 24.50 42.50
C GLN A 83 71.73 23.30 41.73
N GLU A 84 72.86 23.45 41.03
CA GLU A 84 73.37 22.37 40.19
C GLU A 84 73.81 21.17 41.02
N GLN A 85 74.62 21.41 42.06
CA GLN A 85 75.10 20.30 42.88
C GLN A 85 73.97 19.75 43.74
N THR A 86 74.02 18.43 43.97
CA THR A 86 72.91 17.73 44.63
C THR A 86 73.29 17.12 45.97
N LYS A 87 74.55 17.18 46.39
CA LYS A 87 74.99 16.53 47.61
C LYS A 87 74.98 17.55 48.75
N ASP A 88 74.24 17.22 49.82
CA ASP A 88 73.88 18.22 50.83
C ASP A 88 75.06 18.56 51.74
N SER A 89 75.89 17.57 52.06
CA SER A 89 76.98 17.81 53.01
C SER A 89 77.97 18.83 52.48
N VAL A 90 78.33 18.72 51.20
CA VAL A 90 79.22 19.72 50.59
C VAL A 90 78.55 21.08 50.57
N ARG A 91 77.25 21.12 50.26
CA ARG A 91 76.52 22.38 50.27
C ARG A 91 76.64 23.07 51.63
N GLN A 92 76.33 22.34 52.70
CA GLN A 92 76.37 22.92 54.03
C GLN A 92 77.79 23.33 54.43
N ILE A 93 78.78 22.49 54.15
CA ILE A 93 80.16 22.79 54.54
C ILE A 93 80.66 24.03 53.81
N ILE A 94 80.38 24.12 52.51
CA ILE A 94 80.85 25.27 51.73
C ILE A 94 80.11 26.53 52.16
N PHE A 95 78.81 26.42 52.45
CA PHE A 95 78.07 27.58 52.94
C PHE A 95 78.64 28.08 54.26
N SER A 96 78.95 27.16 55.17
CA SER A 96 79.55 27.55 56.44
C SER A 96 80.91 28.21 56.22
N SER A 97 81.78 27.58 55.42
CA SER A 97 83.10 28.14 55.16
C SER A 97 83.01 29.51 54.50
N LEU A 98 81.96 29.75 53.70
CA LEU A 98 81.79 31.05 53.08
C LEU A 98 81.32 32.10 54.09
N PHE A 99 80.40 31.72 54.98
CA PHE A 99 79.70 32.71 55.79
C PHE A 99 79.95 32.61 57.29
N SER A 100 80.72 31.64 57.76
CA SER A 100 81.02 31.58 59.19
C SER A 100 81.91 32.73 59.59
N PRO A 101 81.55 33.50 60.62
CA PRO A 101 82.40 34.61 61.05
C PRO A 101 83.78 34.12 61.50
N GLN A 102 84.80 34.88 61.17
CA GLN A 102 86.18 34.55 61.51
C GLN A 102 86.81 35.56 62.46
N GLY A 103 86.02 36.51 62.98
CA GLY A 103 86.56 37.51 63.87
C GLY A 103 87.41 38.56 63.20
N ASN A 104 87.24 38.76 61.89
CA ASN A 104 88.02 39.73 61.14
C ASN A 104 87.11 40.84 60.63
N LYS A 105 87.72 41.82 59.96
CA LYS A 105 86.98 42.97 59.43
C LYS A 105 86.16 42.63 58.19
N ALA A 106 86.37 41.45 57.60
CA ALA A 106 85.65 41.05 56.40
C ALA A 106 84.29 40.44 56.69
N ASP A 107 83.91 40.31 57.97
CA ASP A 107 82.61 39.72 58.30
C ASP A 107 81.46 40.57 57.80
N ASP A 108 81.60 41.90 57.84
CA ASP A 108 80.54 42.78 57.38
C ASP A 108 80.24 42.58 55.90
N SER A 109 81.30 42.47 55.08
CA SER A 109 81.09 42.17 53.66
C SER A 109 80.47 40.80 53.47
N ARG A 110 80.92 39.81 54.25
CA ARG A 110 80.31 38.49 54.20
C ARG A 110 78.85 38.53 54.63
N MET A 111 78.54 39.32 55.66
CA MET A 111 77.16 39.44 56.11
C MET A 111 76.28 40.07 55.04
N SER A 112 76.77 41.13 54.38
CA SER A 112 76.00 41.77 53.33
C SER A 112 75.79 40.83 52.14
N LEU A 113 76.84 40.11 51.74
CA LEU A 113 76.70 39.16 50.64
C LEU A 113 75.71 38.06 50.99
N LEU A 114 75.78 37.55 52.22
CA LEU A 114 74.84 36.51 52.65
C LEU A 114 73.41 37.02 52.67
N GLY A 115 73.21 38.25 53.15
CA GLY A 115 71.87 38.81 53.16
C GLY A 115 71.31 38.97 51.76
N LYS A 116 72.13 39.49 50.84
CA LYS A 116 71.68 39.62 49.46
C LYS A 116 71.39 38.27 48.83
N LEU A 117 72.23 37.27 49.10
CA LEU A 117 72.02 35.94 48.55
C LEU A 117 70.73 35.32 49.08
N VAL A 118 70.46 35.48 50.38
CA VAL A 118 69.24 34.91 50.95
C VAL A 118 68.01 35.64 50.43
N SER A 119 68.10 36.97 50.27
CA SER A 119 66.98 37.72 49.71
C SER A 119 66.69 37.27 48.28
N MET A 120 67.75 37.08 47.48
CA MET A 120 67.56 36.59 46.12
C MET A 120 66.98 35.18 46.10
N ALA A 121 67.45 34.31 47.00
CA ALA A 121 66.92 32.95 47.06
C ALA A 121 65.44 32.94 47.43
N VAL A 122 65.04 33.79 48.37
CA VAL A 122 63.63 33.93 48.69
C VAL A 122 62.87 34.46 47.49
N ALA A 123 63.49 35.37 46.73
CA ALA A 123 62.83 35.94 45.55
C ALA A 123 62.58 34.88 44.49
N VAL A 124 63.53 33.97 44.26
CA VAL A 124 63.45 33.00 43.18
C VAL A 124 63.22 31.58 43.70
N CYS A 125 62.94 31.42 44.99
CA CYS A 125 62.64 30.12 45.59
C CYS A 125 63.77 29.11 45.36
N ARG A 126 64.93 29.43 45.92
CA ARG A 126 66.11 28.56 45.85
C ARG A 126 66.13 27.71 47.11
N ILE A 127 65.50 26.53 47.03
CA ILE A 127 65.39 25.67 48.21
C ILE A 127 66.74 25.23 48.75
N PRO A 128 67.70 24.76 47.94
CA PRO A 128 69.02 24.41 48.51
C PRO A 128 69.69 25.58 49.21
N VAL A 129 69.58 26.79 48.66
CA VAL A 129 70.17 27.95 49.32
C VAL A 129 69.45 28.24 50.63
N LEU A 130 68.12 28.10 50.65
CA LEU A 130 67.37 28.33 51.87
C LEU A 130 67.76 27.35 52.96
N GLU A 131 67.89 26.06 52.62
CA GLU A 131 68.26 25.08 53.63
C GLU A 131 69.71 25.25 54.07
N CYS A 132 70.60 25.67 53.15
CA CYS A 132 71.96 25.98 53.55
C CYS A 132 72.00 27.15 54.53
N ALA A 133 71.21 28.19 54.27
CA ALA A 133 71.14 29.32 55.20
C ALA A 133 70.58 28.87 56.55
N ALA A 134 69.55 28.03 56.54
CA ALA A 134 68.97 27.54 57.79
C ALA A 134 69.99 26.73 58.58
N SER A 135 70.76 25.87 57.90
CA SER A 135 71.78 25.08 58.58
C SER A 135 72.89 25.96 59.14
N TRP A 136 73.36 26.93 58.34
CA TRP A 136 74.41 27.83 58.83
C TRP A 136 73.90 28.70 59.98
N LEU A 137 72.68 29.23 59.85
CA LEU A 137 72.13 30.08 60.90
C LEU A 137 71.91 29.31 62.19
N GLN A 138 71.69 27.99 62.10
CA GLN A 138 71.54 27.19 63.31
C GLN A 138 72.84 27.12 64.10
N ARG A 139 73.97 27.12 63.40
CA ARG A 139 75.30 27.06 64.04
C ARG A 139 75.98 28.42 64.01
N THR A 140 75.21 29.50 64.20
CA THR A 140 75.72 30.85 64.16
C THR A 140 75.32 31.59 65.44
N PRO A 141 76.20 32.43 65.97
CA PRO A 141 75.81 33.27 67.11
C PRO A 141 74.63 34.17 66.76
N VAL A 142 73.79 34.43 67.76
CA VAL A 142 72.55 35.17 67.54
C VAL A 142 72.79 36.58 67.05
N VAL A 143 73.97 37.15 67.30
CA VAL A 143 74.23 38.53 66.91
C VAL A 143 74.19 38.69 65.40
N TYR A 144 74.67 37.68 64.67
CA TYR A 144 74.58 37.72 63.21
C TYR A 144 73.22 37.28 62.70
N CYS A 145 72.58 36.35 63.41
CA CYS A 145 71.26 35.88 63.01
C CYS A 145 70.24 37.02 63.06
N VAL A 146 70.28 37.83 64.11
CA VAL A 146 69.33 38.93 64.23
C VAL A 146 69.58 39.97 63.14
N ARG A 147 70.84 40.20 62.78
CA ARG A 147 71.15 41.14 61.70
C ARG A 147 70.64 40.63 60.37
N LEU A 148 70.83 39.33 60.10
CA LEU A 148 70.31 38.76 58.85
C LEU A 148 68.79 38.83 58.81
N ALA A 149 68.13 38.54 59.93
CA ALA A 149 66.68 38.66 60.00
C ALA A 149 66.22 40.10 59.78
N LYS A 150 66.96 41.05 60.35
CA LYS A 150 66.63 42.46 60.18
C LYS A 150 66.72 42.85 58.70
N ALA A 151 67.79 42.40 58.04
CA ALA A 151 67.96 42.69 56.61
C ALA A 151 66.84 42.08 55.78
N LEU A 152 66.49 40.82 56.06
CA LEU A 152 65.40 40.17 55.32
C LEU A 152 64.08 40.88 55.55
N VAL A 153 63.80 41.26 56.80
CA VAL A 153 62.57 41.95 57.13
C VAL A 153 62.49 43.28 56.39
N ASP A 154 63.59 44.04 56.38
CA ASP A 154 63.62 45.28 55.61
C ASP A 154 63.33 45.00 54.14
N ASP A 155 64.09 44.07 53.53
CA ASP A 155 63.99 43.83 52.10
C ASP A 155 62.60 43.39 51.68
N TYR A 156 61.90 42.63 52.53
CA TYR A 156 60.62 42.07 52.14
C TYR A 156 59.43 42.72 52.86
N CYS A 157 59.64 43.82 53.59
CA CYS A 157 58.53 44.51 54.22
C CYS A 157 58.55 46.02 54.08
N CYS A 158 59.69 46.66 53.83
CA CYS A 158 59.74 48.12 53.87
C CYS A 158 60.20 48.75 52.57
N LEU A 159 61.14 48.14 51.86
CA LEU A 159 61.66 48.74 50.63
C LEU A 159 60.64 48.66 49.50
N VAL A 160 60.25 47.44 49.14
CA VAL A 160 59.31 47.21 48.06
C VAL A 160 57.98 46.77 48.68
N PRO A 161 56.94 47.60 48.62
CA PRO A 161 55.63 47.18 49.13
C PRO A 161 55.09 46.00 48.34
N GLY A 162 54.39 45.12 49.04
CA GLY A 162 53.83 43.93 48.43
C GLY A 162 54.82 42.80 48.21
N SER A 163 56.07 42.95 48.63
CA SER A 163 57.06 41.90 48.48
C SER A 163 56.92 40.80 49.52
N ILE A 164 56.07 40.99 50.53
CA ILE A 164 55.87 39.95 51.53
C ILE A 164 55.18 38.73 50.94
N GLN A 165 54.48 38.88 49.82
CA GLN A 165 53.88 37.74 49.14
C GLN A 165 54.95 36.80 48.58
N THR A 166 56.12 37.33 48.26
CA THR A 166 57.25 36.47 47.89
C THR A 166 57.68 35.62 49.07
N LEU A 167 57.69 36.19 50.27
CA LEU A 167 57.98 35.43 51.47
C LEU A 167 56.83 34.50 51.86
N LYS A 168 55.63 34.73 51.32
CA LYS A 168 54.51 33.84 51.57
C LYS A 168 54.80 32.43 51.05
N GLN A 169 55.38 32.34 49.85
CA GLN A 169 55.55 31.05 49.17
C GLN A 169 56.69 30.22 49.74
N ILE A 170 57.51 30.78 50.63
CA ILE A 170 58.60 30.02 51.23
C ILE A 170 58.10 28.95 52.19
N PHE A 171 56.82 29.00 52.57
CA PHE A 171 56.27 28.01 53.50
C PHE A 171 56.36 26.61 52.91
N SER A 172 56.03 26.45 51.63
CA SER A 172 56.00 25.14 51.00
C SER A 172 57.35 24.69 50.47
N ALA A 173 58.39 25.52 50.58
CA ALA A 173 59.71 25.19 50.02
C ALA A 173 60.67 24.68 51.08
N SER A 174 60.94 25.47 52.11
CA SER A 174 61.92 25.12 53.15
C SER A 174 61.32 25.44 54.52
N PRO A 175 60.53 24.53 55.08
CA PRO A 175 59.92 24.80 56.39
C PRO A 175 60.95 25.01 57.50
N ARG A 176 62.10 24.34 57.43
CA ARG A 176 63.15 24.59 58.41
C ARG A 176 63.64 26.03 58.35
N PHE A 177 63.78 26.57 57.13
CA PHE A 177 64.14 27.98 56.98
C PHE A 177 63.05 28.87 57.57
N CYS A 178 61.78 28.48 57.40
CA CYS A 178 60.70 29.25 58.00
C CYS A 178 60.81 29.29 59.52
N CYS A 179 61.05 28.13 60.13
CA CYS A 179 61.18 28.07 61.58
C CYS A 179 62.38 28.89 62.05
N GLN A 180 63.51 28.78 61.35
CA GLN A 180 64.69 29.55 61.74
C GLN A 180 64.45 31.04 61.60
N PHE A 181 63.77 31.47 60.53
CA PHE A 181 63.48 32.89 60.36
C PHE A 181 62.56 33.39 61.47
N ILE A 182 61.56 32.59 61.85
CA ILE A 182 60.69 32.96 62.96
C ILE A 182 61.50 33.10 64.24
N THR A 183 62.40 32.14 64.50
CA THR A 183 63.22 32.21 65.70
C THR A 183 64.09 33.46 65.70
N SER A 184 64.71 33.77 64.57
CA SER A 184 65.59 34.92 64.49
C SER A 184 64.83 36.23 64.68
N VAL A 185 63.66 36.36 64.05
CA VAL A 185 62.90 37.61 64.20
C VAL A 185 62.35 37.74 65.61
N THR A 186 61.98 36.63 66.25
CA THR A 186 61.53 36.71 67.64
C THR A 186 62.68 37.10 68.57
N ALA A 187 63.88 36.57 68.31
CA ALA A 187 65.04 36.94 69.13
C ALA A 187 65.40 38.42 68.94
N LEU A 188 65.32 38.90 67.70
CA LEU A 188 65.68 40.29 67.42
C LEU A 188 64.64 41.25 67.97
N TYR A 189 63.40 41.12 67.50
CA TYR A 189 62.32 42.03 67.91
C TYR A 189 61.85 41.62 69.31
N ASP A 190 62.59 42.10 70.31
CA ASP A 190 62.28 41.80 71.70
C ASP A 190 61.37 42.85 72.34
N LEU A 191 60.87 43.82 71.56
CA LEU A 191 59.90 44.80 72.01
C LEU A 191 60.39 45.63 73.20
N SER A 192 61.70 45.66 73.45
CA SER A 192 62.23 46.46 74.53
C SER A 192 62.18 47.96 74.22
N SER A 193 62.00 48.32 72.96
CA SER A 193 61.89 49.71 72.55
C SER A 193 60.80 49.82 71.49
N ASP A 194 60.37 51.06 71.23
CA ASP A 194 59.35 51.28 70.21
C ASP A 194 59.84 50.88 68.82
N ASP A 195 61.10 51.18 68.52
CA ASP A 195 61.68 50.80 67.23
C ASP A 195 61.83 49.29 67.09
N LEU A 196 61.88 48.56 68.21
CA LEU A 196 62.03 47.11 68.19
C LEU A 196 60.70 46.38 68.13
N ILE A 197 59.58 47.10 68.03
CA ILE A 197 58.28 46.45 67.87
C ILE A 197 58.22 45.76 66.51
N PRO A 198 57.80 44.50 66.44
CA PRO A 198 57.75 43.80 65.15
C PRO A 198 56.81 44.50 64.19
N PRO A 199 57.14 44.49 62.89
CA PRO A 199 56.26 45.16 61.91
C PRO A 199 54.91 44.48 61.82
N MET A 200 53.89 45.30 61.50
CA MET A 200 52.53 44.79 61.33
C MET A 200 52.48 43.75 60.21
N ASP A 201 53.13 44.04 59.08
CA ASP A 201 53.20 43.06 58.01
C ASP A 201 53.93 41.80 58.45
N LEU A 202 55.00 41.95 59.22
CA LEU A 202 55.70 40.77 59.73
C LEU A 202 54.84 40.01 60.73
N LEU A 203 53.98 40.72 61.47
CA LEU A 203 53.05 40.05 62.38
C LEU A 203 52.09 39.17 61.60
N GLU A 204 51.46 39.71 60.56
CA GLU A 204 50.67 38.86 59.65
C GLU A 204 51.49 37.72 59.08
N MET A 205 52.74 38.00 58.72
CA MET A 205 53.57 37.02 58.02
C MET A 205 53.79 35.80 58.91
N ILE A 206 54.27 36.04 60.13
CA ILE A 206 54.53 34.94 61.07
C ILE A 206 53.22 34.30 61.54
N VAL A 207 52.16 35.10 61.69
CA VAL A 207 50.88 34.55 62.13
C VAL A 207 50.37 33.54 61.10
N THR A 208 50.45 33.89 59.82
CA THR A 208 50.03 32.96 58.77
C THR A 208 50.95 31.73 58.73
N TRP A 209 52.27 31.94 58.86
CA TRP A 209 53.19 30.80 58.87
C TRP A 209 52.83 29.81 59.98
N ILE A 210 52.58 30.30 61.18
CA ILE A 210 52.33 29.41 62.31
C ILE A 210 50.95 28.79 62.24
N PHE A 211 49.93 29.56 61.86
CA PHE A 211 48.58 29.02 61.86
C PHE A 211 48.35 28.05 60.71
N GLU A 212 49.04 28.25 59.57
CA GLU A 212 48.91 27.29 58.47
C GLU A 212 49.43 25.92 58.86
N ASP A 213 50.56 25.87 59.57
CA ASP A 213 51.15 24.61 60.03
C ASP A 213 51.65 24.79 61.46
N PRO A 214 50.93 24.26 62.45
CA PRO A 214 51.43 24.34 63.83
C PRO A 214 52.76 23.63 64.04
N ARG A 215 53.06 22.61 63.22
CA ARG A 215 54.32 21.88 63.32
C ARG A 215 55.50 22.67 62.77
N LEU A 216 55.27 23.84 62.18
CA LEU A 216 56.36 24.59 61.56
C LEU A 216 57.40 25.00 62.58
N ILE A 217 56.96 25.46 63.76
CA ILE A 217 57.90 25.88 64.81
C ILE A 217 58.47 24.72 65.60
N LEU A 218 58.11 23.48 65.26
CA LEU A 218 58.64 22.30 65.94
C LEU A 218 59.39 21.36 65.01
N ILE A 219 59.51 21.69 63.72
CA ILE A 219 60.21 20.81 62.80
C ILE A 219 61.70 20.74 63.13
N THR A 220 62.27 21.86 63.59
CA THR A 220 63.69 21.87 63.94
C THR A 220 63.99 20.91 65.09
N PHE A 221 63.14 20.92 66.12
CA PHE A 221 63.36 20.03 67.26
C PHE A 221 63.26 18.57 66.84
N LEU A 222 62.31 18.25 65.96
CA LEU A 222 62.13 16.87 65.54
C LEU A 222 63.27 16.40 64.65
N ASN A 223 63.72 17.24 63.71
CA ASN A 223 64.70 16.84 62.72
C ASN A 223 66.15 16.97 63.20
N THR A 224 66.39 17.65 64.32
CA THR A 224 67.75 17.82 64.81
C THR A 224 68.08 16.73 65.81
N PRO A 225 69.11 15.90 65.56
CA PRO A 225 69.51 14.90 66.57
C PRO A 225 70.05 15.56 67.82
N ILE A 226 69.35 15.39 68.94
CA ILE A 226 69.72 16.04 70.19
C ILE A 226 70.76 15.18 70.90
N ALA A 227 72.02 15.64 70.87
CA ALA A 227 73.11 14.96 71.55
C ALA A 227 73.82 15.82 72.58
N ALA A 228 73.73 17.14 72.48
CA ALA A 228 74.36 18.03 73.44
C ALA A 228 73.57 19.33 73.52
N ASN A 229 73.75 20.05 74.62
CA ASN A 229 73.06 21.30 74.83
C ASN A 229 73.57 22.37 73.86
N LEU A 230 72.67 23.28 73.49
CA LEU A 230 73.04 24.35 72.56
C LEU A 230 74.05 25.28 73.21
N PRO A 231 75.01 25.80 72.45
CA PRO A 231 76.01 26.70 73.03
C PRO A 231 75.38 28.01 73.50
N ILE A 232 76.01 28.59 74.53
CA ILE A 232 75.54 29.86 75.06
C ILE A 232 75.73 30.96 74.03
N GLY A 233 74.71 31.80 73.86
CA GLY A 233 74.73 32.85 72.87
C GLY A 233 74.18 32.46 71.52
N PHE A 234 73.79 31.21 71.33
CA PHE A 234 73.22 30.74 70.08
C PHE A 234 71.70 30.76 70.15
N LEU A 235 71.07 30.63 68.99
CA LEU A 235 69.61 30.65 68.92
C LEU A 235 69.02 29.39 69.53
N GLU A 236 67.79 29.51 70.04
CA GLU A 236 67.12 28.40 70.67
C GLU A 236 66.68 27.37 69.63
N LEU A 237 66.44 26.14 70.10
CA LEU A 237 65.99 25.08 69.21
C LEU A 237 64.64 25.40 68.60
N THR A 238 63.73 25.96 69.40
CA THR A 238 62.39 26.28 68.95
C THR A 238 62.09 27.74 69.25
N PRO A 239 61.24 28.38 68.45
CA PRO A 239 60.85 29.78 68.72
C PRO A 239 59.83 29.95 69.83
N LEU A 240 59.60 28.92 70.64
CA LEU A 240 58.54 28.98 71.65
C LEU A 240 58.82 30.07 72.68
N VAL A 241 60.07 30.21 73.11
CA VAL A 241 60.42 31.26 74.07
C VAL A 241 60.18 32.64 73.46
N GLY A 242 60.64 32.83 72.22
CA GLY A 242 60.44 34.12 71.56
C GLY A 242 58.99 34.44 71.31
N LEU A 243 58.21 33.44 70.88
CA LEU A 243 56.79 33.66 70.64
C LEU A 243 56.04 33.95 71.93
N ILE A 244 56.39 33.24 73.01
CA ILE A 244 55.77 33.50 74.31
C ILE A 244 56.09 34.92 74.77
N ARG A 245 57.35 35.34 74.62
CA ARG A 245 57.71 36.70 74.98
C ARG A 245 56.94 37.72 74.13
N TRP A 246 56.85 37.47 72.83
CA TRP A 246 56.08 38.36 71.96
C TRP A 246 54.65 38.50 72.46
N CYS A 247 53.99 37.37 72.73
CA CYS A 247 52.60 37.42 73.18
C CYS A 247 52.47 38.10 74.54
N VAL A 248 53.48 37.98 75.40
CA VAL A 248 53.35 38.52 76.75
C VAL A 248 53.60 40.02 76.77
N LYS A 249 54.80 40.45 76.37
CA LYS A 249 55.13 41.87 76.44
C LYS A 249 54.67 42.67 75.24
N ALA A 250 54.05 42.03 74.24
CA ALA A 250 53.56 42.79 73.09
C ALA A 250 52.50 43.81 73.46
N PRO A 251 51.44 43.48 74.23
CA PRO A 251 50.50 44.55 74.63
C PRO A 251 51.15 45.65 75.46
N LEU A 252 52.10 45.29 76.33
CA LEU A 252 52.74 46.29 77.18
C LEU A 252 53.45 47.34 76.35
N ALA A 253 54.18 46.92 75.32
CA ALA A 253 54.82 47.88 74.42
C ALA A 253 53.78 48.67 73.64
N TYR A 254 52.63 48.05 73.33
CA TYR A 254 51.60 48.73 72.56
C TYR A 254 50.99 49.89 73.32
N LYS A 255 50.65 49.69 74.60
CA LYS A 255 50.22 50.84 75.38
C LYS A 255 51.38 51.71 75.88
N ARG A 256 52.62 51.23 75.82
CA ARG A 256 53.75 52.12 76.09
C ARG A 256 53.94 53.13 74.97
N LYS A 257 53.73 52.70 73.72
CA LYS A 257 53.84 53.61 72.59
C LYS A 257 52.70 54.63 72.53
N LYS A 258 51.63 54.42 73.27
CA LYS A 258 50.51 55.36 73.29
C LYS A 258 50.76 56.46 74.32
N GLY A 276 44.77 54.56 64.33
CA GLY A 276 45.56 53.43 64.77
C GLY A 276 44.78 52.45 65.63
N VAL A 277 43.51 52.79 65.91
CA VAL A 277 42.68 51.91 66.73
C VAL A 277 42.44 50.58 66.02
N GLY A 278 42.17 50.61 64.71
CA GLY A 278 41.98 49.38 63.97
C GLY A 278 43.23 48.51 63.94
N MET A 279 44.39 49.14 63.73
CA MET A 279 45.64 48.37 63.73
C MET A 279 45.93 47.79 65.11
N ASP A 280 45.61 48.54 66.17
CA ASP A 280 45.80 48.02 67.53
C ASP A 280 44.89 46.84 67.79
N ARG A 281 43.62 46.93 67.37
CA ARG A 281 42.70 45.81 67.54
C ARG A 281 43.16 44.59 66.76
N ASP A 282 43.61 44.79 65.51
CA ASP A 282 44.11 43.67 64.71
C ASP A 282 45.33 43.04 65.36
N SER A 283 46.25 43.86 65.88
CA SER A 283 47.43 43.33 66.54
C SER A 283 47.07 42.55 67.79
N HIS A 284 46.11 43.06 68.57
CA HIS A 284 45.68 42.34 69.78
C HIS A 284 45.06 40.99 69.43
N LEU A 285 44.21 40.96 68.40
CA LEU A 285 43.64 39.70 67.95
C LEU A 285 44.73 38.74 67.48
N LEU A 286 45.71 39.25 66.73
CA LEU A 286 46.81 38.44 66.25
C LEU A 286 47.61 37.85 67.42
N TYR A 287 47.87 38.66 68.44
CA TYR A 287 48.68 38.19 69.55
C TYR A 287 47.92 37.16 70.38
N SER A 288 46.61 37.36 70.57
CA SER A 288 45.81 36.36 71.27
C SER A 288 45.77 35.04 70.51
N LYS A 289 45.56 35.10 69.19
CA LYS A 289 45.54 33.90 68.38
C LYS A 289 46.90 33.20 68.40
N LEU A 290 47.98 33.97 68.32
CA LEU A 290 49.32 33.40 68.38
C LEU A 290 49.59 32.75 69.72
N HIS A 291 49.13 33.37 70.81
CA HIS A 291 49.31 32.77 72.13
C HIS A 291 48.55 31.45 72.23
N LEU A 292 47.31 31.41 71.71
CA LEU A 292 46.57 30.15 71.73
C LEU A 292 47.27 29.08 70.90
N SER A 293 47.78 29.45 69.72
CA SER A 293 48.48 28.48 68.88
C SER A 293 49.76 28.00 69.54
N VAL A 294 50.44 28.89 70.27
CA VAL A 294 51.65 28.50 71.00
C VAL A 294 51.30 27.52 72.12
N LEU A 295 50.19 27.77 72.82
CA LEU A 295 49.76 26.83 73.85
C LEU A 295 49.42 25.47 73.25
N GLN A 296 48.75 25.45 72.10
CA GLN A 296 48.46 24.18 71.43
C GLN A 296 49.73 23.49 70.97
N VAL A 297 50.71 24.26 70.47
CA VAL A 297 51.98 23.69 70.04
C VAL A 297 52.71 23.07 71.21
N LEU A 298 52.68 23.73 72.37
CA LEU A 298 53.27 23.15 73.58
C LEU A 298 52.52 21.90 74.00
N MET A 299 51.19 21.90 73.86
CA MET A 299 50.40 20.72 74.20
C MET A 299 50.79 19.52 73.37
N THR A 300 50.96 19.71 72.06
CA THR A 300 51.39 18.58 71.23
C THR A 300 52.89 18.32 71.38
N LEU A 301 53.66 19.31 71.82
CA LEU A 301 55.07 19.09 72.10
C LEU A 301 55.24 18.21 73.34
N GLN A 302 54.27 18.22 74.25
CA GLN A 302 54.25 17.22 75.31
C GLN A 302 54.29 15.81 74.73
N LEU A 303 53.40 15.53 73.78
CA LEU A 303 53.41 14.23 73.12
C LEU A 303 54.72 13.99 72.37
N HIS A 304 55.21 15.02 71.67
CA HIS A 304 56.44 14.89 70.88
C HIS A 304 57.64 14.57 71.76
N LEU A 305 57.67 15.12 72.97
CA LEU A 305 58.69 14.72 73.93
C LEU A 305 58.38 13.33 74.46
N THR A 306 57.11 12.93 74.44
CA THR A 306 56.74 11.62 74.95
C THR A 306 57.33 10.48 74.12
N GLU A 307 57.14 10.49 72.78
CA GLU A 307 57.57 9.26 72.09
C GLU A 307 59.09 9.20 72.04
N LYS A 308 59.74 10.36 72.04
CA LYS A 308 61.19 10.45 71.96
C LYS A 308 61.88 10.18 73.28
N ASN A 309 61.11 9.89 74.35
CA ASN A 309 61.66 9.60 75.67
C ASN A 309 62.43 10.78 76.23
N LEU A 310 61.98 11.99 75.91
CA LEU A 310 62.57 13.23 76.41
C LEU A 310 61.62 13.97 77.36
N TYR A 311 60.50 13.37 77.73
CA TYR A 311 59.57 14.00 78.65
C TYR A 311 60.16 14.02 80.06
N GLY A 312 60.25 15.22 80.64
CA GLY A 312 60.80 15.38 81.96
C GLY A 312 62.30 15.40 82.04
N ARG A 313 63.00 15.31 80.91
CA ARG A 313 64.46 15.32 80.89
C ARG A 313 65.05 16.47 80.09
N LEU A 314 64.49 16.78 78.93
CA LEU A 314 64.97 17.85 78.08
C LEU A 314 63.94 18.97 78.03
N GLY A 315 64.37 20.19 78.31
CA GLY A 315 63.48 21.34 78.31
C GLY A 315 63.78 22.32 77.19
N LEU A 316 62.85 22.42 76.22
CA LEU A 316 63.03 23.35 75.12
C LEU A 316 62.87 24.80 75.57
N ILE A 317 62.24 25.03 76.71
CA ILE A 317 62.07 26.37 77.28
C ILE A 317 62.93 26.42 78.54
N LEU A 318 64.10 27.04 78.43
CA LEU A 318 65.04 27.07 79.54
C LEU A 318 64.55 27.97 80.67
N PHE A 319 64.95 27.64 81.89
CA PHE A 319 64.57 28.43 83.05
C PHE A 319 65.27 29.79 83.06
N ASP A 320 66.47 29.88 82.49
CA ASP A 320 67.22 31.12 82.51
C ASP A 320 66.58 32.23 81.67
N HIS A 321 65.59 31.90 80.84
CA HIS A 321 64.95 32.89 79.98
C HIS A 321 63.76 33.58 80.63
N MET A 322 63.13 32.95 81.63
CA MET A 322 61.94 33.54 82.24
C MET A 322 62.28 34.67 83.20
N VAL A 323 63.46 34.63 83.82
CA VAL A 323 63.84 35.69 84.76
C VAL A 323 63.95 37.05 84.10
N PRO A 324 64.67 37.22 82.98
CA PRO A 324 64.73 38.55 82.35
C PRO A 324 63.37 39.04 81.86
N LEU A 325 62.53 38.14 81.33
CA LEU A 325 61.22 38.58 80.87
C LEU A 325 60.34 38.99 82.04
N VAL A 326 60.42 38.29 83.16
CA VAL A 326 59.67 38.69 84.35
C VAL A 326 60.16 40.05 84.85
N GLU A 327 61.48 40.25 84.87
CA GLU A 327 62.02 41.53 85.33
C GLU A 327 61.55 42.68 84.45
N GLU A 328 61.57 42.48 83.12
CA GLU A 328 61.15 43.56 82.22
C GLU A 328 59.64 43.75 82.24
N ILE A 329 58.87 42.69 82.52
CA ILE A 329 57.44 42.85 82.75
C ILE A 329 57.20 43.74 83.96
N ASN A 330 57.93 43.48 85.05
CA ASN A 330 57.79 44.30 86.24
C ASN A 330 58.19 45.74 85.97
N ARG A 331 59.27 45.94 85.21
CA ARG A 331 59.70 47.29 84.87
C ARG A 331 58.65 48.02 84.06
N LEU A 332 58.06 47.36 83.06
CA LEU A 332 57.02 47.99 82.26
C LEU A 332 55.80 48.29 83.11
N ALA A 333 55.42 47.37 83.99
CA ALA A 333 54.25 47.60 84.85
C ALA A 333 54.48 48.80 85.77
N ASP A 334 55.67 48.92 86.34
CA ASP A 334 55.98 50.08 87.17
C ASP A 334 55.98 51.37 86.35
N GLU A 335 56.50 51.30 85.12
CA GLU A 335 56.59 52.50 84.28
C GLU A 335 55.23 52.89 83.70
N LEU A 336 54.31 51.95 83.56
CA LEU A 336 53.05 52.19 82.86
C LEU A 336 51.94 52.71 83.78
N ASN A 337 52.25 53.02 85.03
CA ASN A 337 51.26 53.55 85.98
C ASN A 337 50.06 52.62 86.07
N PRO A 338 50.19 51.49 86.78
CA PRO A 338 49.11 50.47 86.78
C PRO A 338 47.71 51.02 87.00
N LEU A 339 47.56 52.19 87.64
CA LEU A 339 46.24 52.78 87.78
C LEU A 339 45.65 53.17 86.44
N ASN A 340 46.48 53.36 85.41
CA ASN A 340 46.00 53.72 84.07
C ASN A 340 45.98 52.55 83.12
N ALA A 341 46.72 51.48 83.40
CA ALA A 341 46.80 50.32 82.51
C ALA A 341 46.63 49.04 83.32
N SER A 342 45.63 49.02 84.20
CA SER A 342 45.34 47.83 84.98
C SER A 342 44.91 46.67 84.09
N GLN A 343 44.08 46.95 83.09
CA GLN A 343 43.62 45.90 82.19
C GLN A 343 44.78 45.31 81.37
N GLU A 344 45.69 46.17 80.91
CA GLU A 344 46.84 45.69 80.14
C GLU A 344 47.73 44.80 80.99
N ILE A 345 48.00 45.21 82.22
CA ILE A 345 48.83 44.40 83.11
C ILE A 345 48.14 43.08 83.43
N GLU A 346 46.83 43.12 83.67
CA GLU A 346 46.08 41.89 83.94
C GLU A 346 46.16 40.94 82.76
N LEU A 347 45.99 41.46 81.54
CA LEU A 347 46.06 40.62 80.35
C LEU A 347 47.46 40.03 80.17
N SER A 348 48.50 40.85 80.37
CA SER A 348 49.86 40.35 80.22
C SER A 348 50.17 39.26 81.25
N LEU A 349 49.75 39.48 82.50
CA LEU A 349 49.99 38.48 83.54
C LEU A 349 49.19 37.21 83.27
N ASP A 350 47.96 37.34 82.77
CA ASP A 350 47.18 36.16 82.41
C ASP A 350 47.86 35.38 81.30
N ARG A 351 48.36 36.06 80.28
CA ARG A 351 49.05 35.39 79.18
C ARG A 351 50.31 34.69 79.68
N LEU A 352 51.08 35.36 80.54
CA LEU A 352 52.29 34.75 81.08
C LEU A 352 51.95 33.52 81.92
N ALA A 353 50.92 33.61 82.75
CA ALA A 353 50.52 32.48 83.59
C ALA A 353 50.05 31.31 82.74
N GLN A 354 49.27 31.58 81.69
CA GLN A 354 48.83 30.51 80.79
C GLN A 354 50.01 29.86 80.10
N ALA A 355 50.96 30.67 79.61
CA ALA A 355 52.13 30.12 78.95
C ALA A 355 52.95 29.24 79.89
N LEU A 356 53.16 29.72 81.12
CA LEU A 356 53.92 28.94 82.10
C LEU A 356 53.19 27.64 82.45
N GLN A 357 51.87 27.71 82.63
CA GLN A 357 51.11 26.51 82.99
C GLN A 357 51.18 25.48 81.87
N VAL A 358 50.99 25.91 80.63
CA VAL A 358 51.06 24.97 79.51
C VAL A 358 52.47 24.43 79.34
N ALA A 359 53.50 25.25 79.57
CA ALA A 359 54.87 24.79 79.40
C ALA A 359 55.24 23.75 80.46
N MET A 360 54.94 24.04 81.73
CA MET A 360 55.29 23.14 82.81
C MET A 360 54.38 21.92 82.89
N ALA A 361 53.14 22.00 82.41
CA ALA A 361 52.29 20.83 82.36
C ALA A 361 52.66 19.89 81.21
N SER A 362 53.25 20.43 80.15
CA SER A 362 53.66 19.65 78.99
C SER A 362 55.06 19.07 79.12
N GLY A 363 55.77 19.39 80.20
CA GLY A 363 57.13 18.92 80.37
C GLY A 363 58.19 19.72 79.65
N ALA A 364 57.80 20.75 78.90
CA ALA A 364 58.79 21.58 78.21
C ALA A 364 59.56 22.48 79.17
N LEU A 365 58.93 22.87 80.28
CA LEU A 365 59.56 23.70 81.30
C LEU A 365 59.81 22.83 82.53
N LEU A 366 61.06 22.44 82.74
CA LEU A 366 61.44 21.64 83.90
C LEU A 366 61.66 22.59 85.07
N CYS A 367 60.63 22.75 85.90
CA CYS A 367 60.70 23.70 87.00
C CYS A 367 59.81 23.22 88.14
N THR A 368 60.07 23.74 89.32
CA THR A 368 59.27 23.48 90.51
C THR A 368 58.40 24.69 90.83
N ARG A 369 57.33 24.44 91.60
CA ARG A 369 56.41 25.52 91.94
C ARG A 369 57.04 26.53 92.87
N ASP A 370 58.00 26.10 93.70
CA ASP A 370 58.70 27.05 94.58
C ASP A 370 59.51 28.04 93.77
N ASP A 371 60.20 27.57 92.73
CA ASP A 371 60.96 28.48 91.87
C ASP A 371 60.04 29.44 91.14
N LEU A 372 58.88 28.95 90.67
CA LEU A 372 57.92 29.83 90.01
C LEU A 372 57.40 30.89 90.98
N ARG A 373 57.14 30.50 92.23
CA ARG A 373 56.71 31.46 93.23
C ARG A 373 57.80 32.50 93.50
N THR A 374 59.06 32.07 93.55
CA THR A 374 60.15 33.00 93.84
C THR A 374 60.28 34.08 92.77
N LEU A 375 60.21 33.69 91.49
CA LEU A 375 60.36 34.65 90.41
C LEU A 375 59.14 35.54 90.24
N CYS A 376 57.96 35.04 90.61
CA CYS A 376 56.72 35.79 90.45
C CYS A 376 56.35 36.62 91.67
N SER A 377 57.22 36.66 92.69
CA SER A 377 56.91 37.42 93.89
C SER A 377 56.81 38.91 93.59
N ARG A 378 57.71 39.43 92.77
CA ARG A 378 57.72 40.85 92.43
C ARG A 378 56.65 41.23 91.42
N LEU A 379 56.03 40.26 90.76
CA LEU A 379 55.02 40.57 89.76
C LEU A 379 53.75 41.10 90.41
N PRO A 380 52.99 41.92 89.72
CA PRO A 380 51.73 42.44 90.28
C PRO A 380 50.71 41.32 90.50
N HIS A 381 49.76 41.61 91.39
CA HIS A 381 48.74 40.63 91.73
C HIS A 381 47.83 40.36 90.55
N ASN A 382 47.52 39.07 90.33
CA ASN A 382 46.64 38.65 89.26
C ASN A 382 46.10 37.28 89.61
N ASN A 383 44.77 37.15 89.67
CA ASN A 383 44.14 35.94 90.19
C ASN A 383 44.64 34.69 89.48
N LEU A 384 44.77 34.74 88.16
CA LEU A 384 45.30 33.60 87.42
C LEU A 384 46.75 33.33 87.83
N LEU A 385 47.54 34.38 88.01
CA LEU A 385 48.94 34.19 88.40
C LEU A 385 49.04 33.59 89.80
N GLN A 386 48.22 34.06 90.75
CA GLN A 386 48.23 33.48 92.09
C GLN A 386 47.77 32.03 92.06
N LEU A 387 46.77 31.71 91.24
CA LEU A 387 46.32 30.33 91.12
C LEU A 387 47.41 29.44 90.53
N VAL A 388 48.15 29.95 89.54
CA VAL A 388 49.25 29.18 88.96
C VAL A 388 50.35 28.96 89.99
N ILE A 389 50.64 30.00 90.78
CA ILE A 389 51.66 29.88 91.83
C ILE A 389 51.24 28.83 92.85
N SER A 390 49.98 28.89 93.31
CA SER A 390 49.50 27.91 94.26
C SER A 390 49.39 26.53 93.63
N GLY A 391 48.93 26.46 92.39
CA GLY A 391 48.78 25.20 91.69
C GLY A 391 47.47 24.50 91.99
N MET B 1 39.55 27.31 99.93
CA MET B 1 38.66 27.52 98.79
C MET B 1 38.56 26.27 97.93
N SER B 2 37.33 25.84 97.67
CA SER B 2 37.11 24.65 96.86
C SER B 2 37.49 24.90 95.41
N ALA B 3 37.99 23.85 94.76
CA ALA B 3 38.37 23.95 93.35
C ALA B 3 37.18 24.15 92.43
N GLN B 4 35.98 23.81 92.89
CA GLN B 4 34.78 24.02 92.07
C GLN B 4 34.57 25.50 91.77
N GLY B 5 34.78 26.36 92.77
CA GLY B 5 34.67 27.78 92.54
C GLY B 5 35.67 28.29 91.53
N ASP B 6 36.92 27.81 91.62
CA ASP B 6 37.94 28.20 90.64
C ASP B 6 37.57 27.74 89.24
N CYS B 7 37.05 26.50 89.12
CA CYS B 7 36.63 26.01 87.81
C CYS B 7 35.49 26.84 87.25
N GLU B 8 34.52 27.18 88.10
CA GLU B 8 33.40 28.01 87.65
C GLU B 8 33.87 29.40 87.21
N PHE B 9 34.80 29.98 87.97
CA PHE B 9 35.34 31.29 87.60
C PHE B 9 36.08 31.22 86.26
N LEU B 10 36.89 30.18 86.07
CA LEU B 10 37.60 30.03 84.81
C LEU B 10 36.64 29.84 83.64
N VAL B 11 35.59 29.04 83.82
CA VAL B 11 34.61 28.83 82.77
C VAL B 11 33.89 30.13 82.44
N GLN B 12 33.49 30.89 83.47
CA GLN B 12 32.81 32.15 83.25
C GLN B 12 33.71 33.15 82.53
N ARG B 13 34.98 33.21 82.91
CA ARG B 13 35.92 34.09 82.21
C ARG B 13 36.08 33.67 80.76
N ALA B 14 36.15 32.36 80.50
CA ALA B 14 36.20 31.88 79.12
C ALA B 14 34.91 32.19 78.38
N ARG B 15 33.76 32.03 79.05
CA ARG B 15 32.48 32.28 78.40
C ARG B 15 32.32 33.74 78.01
N GLU B 16 32.78 34.67 78.87
CA GLU B 16 32.62 36.08 78.59
C GLU B 16 33.43 36.53 77.38
N LEU B 17 34.53 35.85 77.09
CA LEU B 17 35.42 36.26 75.99
C LEU B 17 35.01 35.68 74.64
N VAL B 18 34.01 34.80 74.60
CA VAL B 18 33.62 34.19 73.32
C VAL B 18 33.16 35.21 72.29
N PRO B 19 32.25 36.14 72.61
CA PRO B 19 31.84 37.12 71.58
C PRO B 19 32.94 38.08 71.19
N GLN B 20 33.98 38.25 72.01
CA GLN B 20 35.04 39.21 71.75
C GLN B 20 36.32 38.56 71.23
N ASP B 21 36.75 37.47 71.88
CA ASP B 21 38.02 36.83 71.51
C ASP B 21 37.85 35.33 71.72
N LEU B 22 37.53 34.62 70.63
CA LEU B 22 37.35 33.17 70.71
C LEU B 22 38.65 32.48 71.10
N TRP B 23 39.77 32.94 70.55
CA TRP B 23 41.06 32.30 70.83
C TRP B 23 41.48 32.50 72.27
N ALA B 24 41.22 33.68 72.84
CA ALA B 24 41.51 33.90 74.25
C ALA B 24 40.66 32.98 75.13
N ALA B 25 39.39 32.80 74.77
CA ALA B 25 38.53 31.89 75.51
C ALA B 25 39.05 30.45 75.42
N LYS B 26 39.51 30.05 74.24
CA LYS B 26 40.06 28.71 74.09
C LYS B 26 41.33 28.54 74.91
N ALA B 27 42.17 29.58 74.97
CA ALA B 27 43.37 29.51 75.80
C ALA B 27 43.01 29.39 77.29
N TRP B 28 42.00 30.15 77.73
CA TRP B 28 41.55 30.05 79.11
C TRP B 28 41.03 28.65 79.40
N LEU B 29 40.27 28.08 78.48
CA LEU B 29 39.74 26.72 78.67
C LEU B 29 40.87 25.70 78.71
N ILE B 30 41.89 25.88 77.86
CA ILE B 30 43.03 24.97 77.86
C ILE B 30 43.78 25.04 79.19
N THR B 31 43.97 26.26 79.71
CA THR B 31 44.61 26.41 81.01
C THR B 31 43.80 25.76 82.11
N ALA B 32 42.46 25.93 82.06
CA ALA B 32 41.60 25.29 83.06
C ALA B 32 41.69 23.78 82.99
N ARG B 33 41.73 23.22 81.77
CA ARG B 33 41.90 21.78 81.61
C ARG B 33 43.25 21.32 82.17
N SER B 34 44.30 22.09 81.91
CA SER B 34 45.62 21.74 82.44
C SER B 34 45.60 21.74 83.96
N LEU B 35 44.92 22.70 84.58
CA LEU B 35 44.82 22.73 86.03
C LEU B 35 43.92 21.61 86.55
N TYR B 36 42.78 21.39 85.90
CA TYR B 36 41.79 20.41 86.34
C TYR B 36 41.39 19.52 85.17
N PRO B 37 42.20 18.49 84.87
CA PRO B 37 41.86 17.60 83.75
C PRO B 37 40.61 16.76 83.98
N ALA B 38 40.18 16.57 85.23
CA ALA B 38 39.06 15.70 85.55
C ALA B 38 37.73 16.42 85.62
N ASP B 39 37.69 17.72 85.32
CA ASP B 39 36.46 18.49 85.42
C ASP B 39 35.65 18.35 84.13
N PHE B 40 34.38 17.95 84.28
CA PHE B 40 33.52 17.77 83.12
C PHE B 40 33.00 19.10 82.56
N ASN B 41 32.78 20.10 83.43
CA ASN B 41 32.20 21.36 82.98
C ASN B 41 33.10 22.05 81.97
N ILE B 42 34.40 22.07 82.22
CA ILE B 42 35.33 22.73 81.30
C ILE B 42 35.35 22.02 79.95
N GLN B 43 35.37 20.68 79.97
CA GLN B 43 35.37 19.92 78.73
C GLN B 43 34.08 20.16 77.93
N TYR B 44 32.95 20.20 78.62
CA TYR B 44 31.69 20.51 77.94
C TYR B 44 31.70 21.93 77.39
N GLU B 45 32.35 22.86 78.09
CA GLU B 45 32.47 24.21 77.58
C GLU B 45 33.28 24.24 76.29
N MET B 46 34.39 23.52 76.24
CA MET B 46 35.17 23.45 75.01
C MET B 46 34.35 22.81 73.89
N TYR B 47 33.62 21.75 74.22
CA TYR B 47 32.79 21.08 73.21
C TYR B 47 31.76 22.02 72.62
N THR B 48 31.05 22.75 73.48
CA THR B 48 30.03 23.69 72.99
C THR B 48 30.65 24.83 72.19
N ILE B 49 31.77 25.37 72.67
CA ILE B 49 32.40 26.49 71.97
C ILE B 49 32.89 26.05 70.60
N GLU B 50 33.51 24.86 70.52
CA GLU B 50 33.98 24.37 69.23
C GLU B 50 32.83 24.01 68.30
N ARG B 51 31.73 23.49 68.85
CA ARG B 51 30.53 23.28 68.04
C ARG B 51 29.97 24.60 67.50
N ASN B 52 30.13 25.69 68.25
CA ASN B 52 29.76 27.01 67.74
C ASN B 52 30.66 27.49 66.62
N ALA B 53 31.82 26.85 66.43
CA ALA B 53 32.74 27.19 65.36
C ALA B 53 32.68 26.24 64.17
N GLU B 54 31.93 25.15 64.29
CA GLU B 54 31.73 24.17 63.21
C GLU B 54 33.07 23.58 62.74
N ARG B 55 33.72 22.88 63.68
CA ARG B 55 34.93 22.11 63.39
C ARG B 55 34.61 20.64 63.60
N THR B 56 35.36 19.77 62.91
CA THR B 56 35.07 18.34 62.92
C THR B 56 36.09 17.50 63.69
N ALA B 57 37.39 17.67 63.40
CA ALA B 57 38.39 16.82 64.03
C ALA B 57 38.47 17.09 65.54
N THR B 58 38.58 18.35 65.92
CA THR B 58 38.63 18.69 67.35
C THR B 58 37.33 18.35 68.05
N ALA B 59 36.19 18.54 67.37
CA ALA B 59 34.91 18.18 67.96
C ALA B 59 34.83 16.68 68.23
N GLY B 60 35.29 15.87 67.26
CA GLY B 60 35.30 14.43 67.48
C GLY B 60 36.25 14.02 68.59
N ARG B 61 37.43 14.64 68.64
CA ARG B 61 38.38 14.35 69.72
C ARG B 61 37.76 14.65 71.08
N LEU B 62 37.18 15.83 71.23
CA LEU B 62 36.58 16.22 72.51
C LEU B 62 35.39 15.33 72.85
N LEU B 63 34.57 14.99 71.85
CA LEU B 63 33.41 14.15 72.10
C LEU B 63 33.82 12.76 72.57
N TYR B 64 34.85 12.18 71.93
CA TYR B 64 35.37 10.90 72.41
C TYR B 64 35.90 11.02 73.82
N ASP B 65 36.62 12.11 74.12
CA ASP B 65 37.17 12.30 75.45
C ASP B 65 36.08 12.35 76.50
N MET B 66 35.03 13.13 76.26
CA MET B 66 33.98 13.25 77.27
C MET B 66 33.15 11.97 77.36
N PHE B 67 32.92 11.29 76.24
CA PHE B 67 32.16 10.05 76.28
C PHE B 67 32.89 8.97 77.06
N VAL B 68 34.20 8.86 76.87
CA VAL B 68 34.97 7.86 77.60
C VAL B 68 35.11 8.26 79.07
N ASN B 69 35.43 9.52 79.34
CA ASN B 69 35.72 9.95 80.70
C ASN B 69 34.45 10.20 81.51
N PHE B 70 33.40 10.74 80.89
CA PHE B 70 32.17 11.13 81.58
C PHE B 70 30.98 10.51 80.88
N PRO B 71 30.72 9.22 81.12
CA PRO B 71 29.54 8.58 80.52
C PRO B 71 28.26 8.78 81.32
N ASP B 72 28.35 9.22 82.58
CA ASP B 72 27.18 9.37 83.43
C ASP B 72 26.52 10.75 83.31
N GLN B 73 27.12 11.67 82.58
CA GLN B 73 26.56 13.01 82.45
C GLN B 73 25.35 12.99 81.52
N PRO B 74 24.18 13.47 81.96
CA PRO B 74 23.01 13.50 81.07
C PRO B 74 23.21 14.37 79.85
N VAL B 75 24.08 15.38 79.91
CA VAL B 75 24.30 16.24 78.76
C VAL B 75 24.94 15.46 77.63
N VAL B 76 25.88 14.57 77.95
CA VAL B 76 26.51 13.75 76.92
C VAL B 76 25.48 12.84 76.26
N TRP B 77 24.59 12.24 77.06
CA TRP B 77 23.56 11.39 76.50
C TRP B 77 22.59 12.18 75.64
N ARG B 78 22.25 13.40 76.04
CA ARG B 78 21.39 14.25 75.21
C ARG B 78 22.07 14.58 73.88
N GLU B 79 23.37 14.88 73.93
CA GLU B 79 24.10 15.18 72.70
C GLU B 79 24.14 13.96 71.78
N ILE B 80 24.35 12.77 72.36
CA ILE B 80 24.39 11.55 71.54
C ILE B 80 23.02 11.25 70.96
N SER B 81 21.96 11.51 71.73
CA SER B 81 20.61 11.32 71.20
C SER B 81 20.33 12.28 70.05
N ILE B 82 20.77 13.54 70.17
CA ILE B 82 20.62 14.49 69.07
C ILE B 82 21.40 14.03 67.86
N ILE B 83 22.61 13.51 68.06
CA ILE B 83 23.42 13.02 66.96
C ILE B 83 22.71 11.86 66.26
N THR B 84 22.15 10.93 67.04
CA THR B 84 21.44 9.79 66.43
C THR B 84 20.20 10.25 65.68
N SER B 85 19.47 11.23 66.22
CA SER B 85 18.32 11.77 65.52
C SER B 85 18.74 12.40 64.20
N ALA B 86 19.88 13.09 64.19
CA ALA B 86 20.40 13.64 62.94
C ALA B 86 20.78 12.52 61.98
N LEU B 87 21.33 11.41 62.50
CA LEU B 87 21.66 10.28 61.65
C LEU B 87 20.41 9.70 60.99
N ARG B 88 19.32 9.62 61.74
CA ARG B 88 18.04 9.18 61.18
C ARG B 88 17.58 10.11 60.06
N LYS B 94 21.89 21.88 56.79
CA LYS B 94 23.31 22.01 57.03
C LYS B 94 23.70 21.40 58.37
N GLN B 95 22.82 21.55 59.37
CA GLN B 95 23.08 20.98 60.68
C GLN B 95 23.13 19.46 60.64
N THR B 96 22.25 18.84 59.85
CA THR B 96 22.24 17.39 59.72
C THR B 96 23.56 16.89 59.13
N GLN B 97 24.04 17.55 58.08
CA GLN B 97 25.31 17.15 57.48
C GLN B 97 26.49 17.42 58.40
N PHE B 98 26.45 18.52 59.15
CA PHE B 98 27.51 18.80 60.12
C PHE B 98 27.57 17.73 61.20
N LEU B 99 26.41 17.31 61.71
CA LEU B 99 26.38 16.25 62.72
C LEU B 99 26.77 14.91 62.12
N ARG B 100 26.43 14.67 60.85
CA ARG B 100 26.90 13.46 60.17
C ARG B 100 28.42 13.44 60.09
N SER B 101 29.02 14.58 59.75
CA SER B 101 30.48 14.67 59.71
C SER B 101 31.08 14.51 61.10
N LEU B 102 30.39 15.00 62.13
CA LEU B 102 30.87 14.84 63.50
C LEU B 102 30.93 13.37 63.88
N PHE B 103 29.91 12.58 63.50
CA PHE B 103 29.91 11.16 63.82
C PHE B 103 30.99 10.41 63.03
N GLU B 104 31.30 10.87 61.81
CA GLU B 104 32.31 10.20 61.00
C GLU B 104 33.68 10.29 61.65
N THR B 105 34.00 11.44 62.25
CA THR B 105 35.33 11.61 62.85
C THR B 105 35.55 10.66 64.02
N LEU B 106 34.48 10.22 64.67
CA LEU B 106 34.61 9.30 65.79
C LEU B 106 35.10 7.93 65.30
N PRO B 107 35.90 7.23 66.12
CA PRO B 107 36.35 5.90 65.73
C PRO B 107 35.19 4.93 65.61
N GLY B 108 35.36 3.94 64.73
CA GLY B 108 34.29 2.98 64.47
C GLY B 108 33.88 2.20 65.70
N ARG B 109 34.86 1.74 66.49
CA ARG B 109 34.55 0.99 67.70
C ARG B 109 33.79 1.86 68.69
N VAL B 110 34.19 3.13 68.83
CA VAL B 110 33.48 4.04 69.73
C VAL B 110 32.07 4.30 69.22
N GLN B 111 31.91 4.42 67.90
CA GLN B 111 30.58 4.60 67.33
C GLN B 111 29.68 3.40 67.63
N CYS B 112 30.23 2.20 67.48
CA CYS B 112 29.46 0.99 67.78
C CYS B 112 29.09 0.92 69.25
N GLU B 113 30.04 1.27 70.13
CA GLU B 113 29.77 1.27 71.56
C GLU B 113 28.66 2.26 71.91
N MET B 114 28.73 3.47 71.35
CA MET B 114 27.69 4.47 71.59
C MET B 114 26.34 4.03 71.06
N LEU B 115 26.31 3.43 69.87
CA LEU B 115 25.05 2.95 69.31
C LEU B 115 24.44 1.84 70.18
N LEU B 116 25.28 0.93 70.66
CA LEU B 116 24.79 -0.12 71.55
C LEU B 116 24.27 0.45 72.86
N LYS B 117 24.98 1.45 73.41
CA LYS B 117 24.50 2.08 74.64
C LYS B 117 23.17 2.78 74.43
N VAL B 118 23.00 3.47 73.29
CA VAL B 118 21.73 4.12 73.00
C VAL B 118 20.63 3.09 72.83
N THR B 119 20.92 1.99 72.14
CA THR B 119 19.92 0.94 71.97
C THR B 119 19.50 0.36 73.31
N GLU B 120 20.47 0.15 74.21
CA GLU B 120 20.14 -0.33 75.55
C GLU B 120 19.28 0.69 76.31
N GLN B 121 19.62 1.97 76.18
CA GLN B 121 18.90 3.02 76.91
C GLN B 121 17.50 3.28 76.36
N CYS B 122 17.22 2.87 75.12
CA CYS B 122 15.92 3.13 74.52
C CYS B 122 14.85 2.24 75.13
N PHE B 123 13.65 2.80 75.28
CA PHE B 123 12.53 2.09 75.89
C PHE B 123 11.49 1.63 74.87
N ASN B 124 11.14 2.50 73.92
CA ASN B 124 10.17 2.13 72.90
C ASN B 124 10.75 1.07 71.98
N THR B 125 9.99 -0.01 71.75
CA THR B 125 10.49 -1.13 70.96
C THR B 125 10.71 -0.73 69.51
N LEU B 126 9.82 0.08 68.94
CA LEU B 126 9.97 0.49 67.55
C LEU B 126 11.23 1.32 67.35
N GLU B 127 11.42 2.34 68.19
CA GLU B 127 12.62 3.18 68.07
C GLU B 127 13.88 2.39 68.38
N ARG B 128 13.80 1.51 69.39
CA ARG B 128 14.95 0.67 69.73
C ARG B 128 15.37 -0.19 68.54
N SER B 129 14.39 -0.81 67.89
CA SER B 129 14.67 -1.54 66.66
C SER B 129 15.19 -0.60 65.57
N GLU B 130 14.77 0.66 65.59
CA GLU B 130 15.23 1.61 64.58
C GLU B 130 16.75 1.82 64.66
N MET B 131 17.26 2.18 65.85
CA MET B 131 18.72 2.30 65.83
C MET B 131 19.43 0.95 65.93
N LEU B 132 18.74 -0.13 66.30
CA LEU B 132 19.33 -1.44 66.14
C LEU B 132 19.62 -1.73 64.68
N LEU B 133 18.65 -1.45 63.80
CA LEU B 133 18.88 -1.58 62.36
C LEU B 133 19.90 -0.57 61.86
N LEU B 134 19.93 0.63 62.45
CA LEU B 134 20.98 1.60 62.13
C LEU B 134 22.36 0.99 62.32
N LEU B 135 22.66 0.59 63.56
CA LEU B 135 23.94 -0.04 63.86
C LEU B 135 24.15 -1.30 63.03
N LEU B 136 23.07 -1.99 62.66
CA LEU B 136 23.17 -3.20 61.85
C LEU B 136 23.72 -2.87 60.46
N ARG B 137 23.16 -1.85 59.81
CA ARG B 137 23.64 -1.50 58.47
C ARG B 137 25.00 -0.84 58.51
N ARG B 138 25.24 0.06 59.47
CA ARG B 138 26.54 0.73 59.50
C ARG B 138 27.66 -0.24 59.85
N PHE B 139 27.38 -1.24 60.69
CA PHE B 139 28.36 -2.23 61.10
C PHE B 139 27.85 -3.61 60.73
N PRO B 140 28.22 -4.12 59.54
CA PRO B 140 27.77 -5.47 59.15
C PRO B 140 28.34 -6.57 60.03
N GLU B 141 29.41 -6.30 60.78
CA GLU B 141 29.96 -7.32 61.68
C GLU B 141 29.04 -7.60 62.86
N THR B 142 28.03 -6.77 63.07
CA THR B 142 27.08 -6.96 64.16
C THR B 142 25.86 -7.78 63.75
N VAL B 143 25.84 -8.31 62.52
CA VAL B 143 24.70 -9.10 62.06
C VAL B 143 24.55 -10.38 62.87
N VAL B 144 25.65 -11.06 63.17
CA VAL B 144 25.58 -12.38 63.78
C VAL B 144 24.98 -12.31 65.17
N GLN B 145 25.47 -11.40 66.00
CA GLN B 145 25.07 -11.37 67.40
C GLN B 145 23.68 -10.79 67.62
N HIS B 146 23.30 -9.78 66.84
CA HIS B 146 22.05 -9.07 67.09
C HIS B 146 21.02 -9.21 65.97
N GLY B 147 21.39 -9.76 64.81
CA GLY B 147 20.44 -9.86 63.72
C GLY B 147 19.27 -10.78 64.04
N VAL B 148 19.57 -11.96 64.58
CA VAL B 148 18.50 -12.90 64.94
C VAL B 148 17.68 -12.36 66.10
N GLY B 149 18.35 -11.79 67.10
CA GLY B 149 17.65 -11.27 68.26
C GLY B 149 16.70 -10.14 67.90
N LEU B 150 17.14 -9.23 67.02
CA LEU B 150 16.29 -8.11 66.62
C LEU B 150 15.03 -8.61 65.92
N GLY B 151 15.17 -9.54 64.98
CA GLY B 151 14.01 -10.05 64.27
C GLY B 151 13.08 -10.83 65.18
N GLU B 152 13.64 -11.65 66.07
CA GLU B 152 12.80 -12.42 66.99
C GLU B 152 12.05 -11.49 67.94
N ALA B 153 12.72 -10.46 68.46
CA ALA B 153 12.05 -9.50 69.33
C ALA B 153 10.97 -8.74 68.58
N LEU B 154 11.23 -8.39 67.32
CA LEU B 154 10.22 -7.71 66.52
C LEU B 154 8.99 -8.60 66.33
N LEU B 155 9.21 -9.88 66.02
CA LEU B 155 8.09 -10.80 65.83
C LEU B 155 7.29 -10.96 67.12
N GLU B 156 7.99 -11.11 68.25
CA GLU B 156 7.30 -11.28 69.52
C GLU B 156 6.53 -10.01 69.91
N ALA B 157 7.10 -8.84 69.65
CA ALA B 157 6.41 -7.60 69.96
C ALA B 157 5.18 -7.42 69.07
N GLU B 158 5.29 -7.79 67.79
CA GLU B 158 4.13 -7.72 66.89
C GLU B 158 3.04 -8.67 67.37
N THR B 159 3.41 -9.87 67.80
CA THR B 159 2.42 -10.80 68.33
C THR B 159 1.78 -10.27 69.60
N ILE B 160 2.58 -9.62 70.46
CA ILE B 160 2.05 -9.06 71.70
C ILE B 160 1.04 -7.95 71.42
N GLU B 161 1.31 -7.15 70.38
CA GLU B 161 0.40 -6.07 70.02
C GLU B 161 -0.96 -6.57 69.55
N GLU B 162 -1.10 -7.86 69.25
CA GLU B 162 -2.35 -8.45 68.79
C GLU B 162 -2.85 -7.75 67.53
N GLN B 163 -1.98 -7.69 66.54
CA GLN B 163 -2.33 -7.06 65.27
C GLN B 163 -3.30 -7.94 64.51
N GLU B 164 -4.54 -7.47 64.35
CA GLU B 164 -5.55 -8.23 63.61
C GLU B 164 -5.13 -8.41 62.16
N SER B 165 -4.58 -7.35 61.56
CA SER B 165 -4.06 -7.43 60.20
C SER B 165 -2.57 -7.73 60.25
N PRO B 166 -2.07 -8.72 59.50
CA PRO B 166 -0.62 -8.97 59.49
C PRO B 166 0.18 -7.80 58.96
N VAL B 167 -0.43 -6.92 58.17
CA VAL B 167 0.25 -5.75 57.64
C VAL B 167 0.35 -4.71 58.75
N ASN B 168 1.58 -4.41 59.17
CA ASN B 168 1.84 -3.36 60.14
C ASN B 168 3.28 -2.91 59.97
N CYS B 169 3.60 -1.76 60.58
CA CYS B 169 4.92 -1.17 60.40
C CYS B 169 6.02 -2.14 60.84
N PHE B 170 5.81 -2.84 61.95
CA PHE B 170 6.81 -3.77 62.46
C PHE B 170 7.15 -4.83 61.41
N ARG B 171 6.13 -5.46 60.83
CA ARG B 171 6.37 -6.48 59.81
C ARG B 171 7.01 -5.87 58.58
N LYS B 172 6.65 -4.64 58.23
CA LYS B 172 7.24 -3.99 57.08
C LYS B 172 8.75 -3.80 57.26
N LEU B 173 9.16 -3.29 58.42
CA LEU B 173 10.59 -3.16 58.69
C LEU B 173 11.26 -4.53 58.73
N PHE B 174 10.60 -5.52 59.35
CA PHE B 174 11.19 -6.85 59.44
C PHE B 174 11.46 -7.42 58.05
N VAL B 175 10.50 -7.30 57.14
CA VAL B 175 10.64 -7.88 55.81
C VAL B 175 11.65 -7.08 54.98
N CYS B 176 11.52 -5.75 54.99
CA CYS B 176 12.32 -4.95 54.07
C CYS B 176 13.77 -4.81 54.51
N ASP B 177 14.02 -4.81 55.82
CA ASP B 177 15.35 -4.49 56.33
C ASP B 177 16.06 -5.67 56.98
N VAL B 178 15.41 -6.34 57.93
CA VAL B 178 16.11 -7.33 58.74
C VAL B 178 16.48 -8.55 57.91
N LEU B 179 15.54 -9.08 57.13
CA LEU B 179 15.81 -10.32 56.39
C LEU B 179 16.98 -10.21 55.42
N PRO B 180 17.09 -9.18 54.57
CA PRO B 180 18.29 -9.13 53.70
C PRO B 180 19.58 -9.14 54.48
N LEU B 181 19.62 -8.44 55.62
CA LEU B 181 20.84 -8.37 56.42
C LEU B 181 21.17 -9.72 57.04
N ILE B 182 20.17 -10.41 57.58
CA ILE B 182 20.44 -11.67 58.28
C ILE B 182 20.76 -12.78 57.29
N ILE B 183 20.03 -12.84 56.17
CA ILE B 183 20.22 -13.93 55.22
C ILE B 183 21.35 -13.64 54.24
N ASN B 184 21.85 -12.42 54.17
CA ASN B 184 23.01 -12.12 53.35
C ASN B 184 24.33 -12.44 54.04
N ASN B 185 24.28 -12.80 55.32
CA ASN B 185 25.47 -13.12 56.09
C ASN B 185 25.74 -14.63 56.04
N HIS B 186 26.98 -15.06 56.09
CA HIS B 186 27.14 -16.54 56.01
C HIS B 186 27.76 -17.05 57.32
N ASP B 187 27.17 -16.60 58.43
CA ASP B 187 27.62 -17.02 59.78
C ASP B 187 26.41 -17.56 60.54
N VAL B 188 25.49 -16.69 60.96
CA VAL B 188 24.29 -17.20 61.60
C VAL B 188 23.84 -18.48 60.90
N ARG B 189 23.64 -19.53 61.68
CA ARG B 189 23.11 -20.80 61.19
C ARG B 189 21.65 -20.91 61.61
N LEU B 190 20.80 -21.28 60.67
CA LEU B 190 19.37 -21.36 60.91
C LEU B 190 18.86 -22.75 60.54
N PRO B 191 17.79 -23.22 61.19
CA PRO B 191 17.26 -24.54 60.86
C PRO B 191 16.50 -24.54 59.54
N ALA B 192 16.10 -25.72 59.09
CA ALA B 192 15.40 -25.87 57.82
C ALA B 192 13.90 -25.57 57.94
N ASN B 193 13.40 -25.34 59.15
CA ASN B 193 12.00 -25.05 59.38
C ASN B 193 11.70 -23.56 59.47
N LEU B 194 12.60 -22.77 60.05
CA LEU B 194 12.37 -21.33 60.16
C LEU B 194 12.32 -20.67 58.79
N LEU B 195 12.96 -21.27 57.79
CA LEU B 195 12.87 -20.75 56.44
C LEU B 195 11.46 -20.83 55.90
N TYR B 196 10.72 -21.90 56.24
CA TYR B 196 9.34 -22.01 55.80
C TYR B 196 8.50 -20.87 56.35
N LYS B 197 8.67 -20.54 57.63
CA LYS B 197 7.96 -19.42 58.21
C LYS B 197 8.43 -18.10 57.62
N TYR B 198 9.73 -18.01 57.29
CA TYR B 198 10.27 -16.77 56.73
C TYR B 198 9.61 -16.42 55.41
N LEU B 199 9.59 -17.36 54.47
CA LEU B 199 8.95 -17.08 53.19
C LEU B 199 7.44 -16.99 53.32
N ASN B 200 6.86 -17.73 54.26
CA ASN B 200 5.42 -17.63 54.49
C ASN B 200 5.05 -16.22 54.96
N LYS B 201 5.85 -15.64 55.86
CA LYS B 201 5.64 -14.26 56.24
C LYS B 201 5.91 -13.33 55.06
N ALA B 202 6.96 -13.62 54.29
CA ALA B 202 7.27 -12.79 53.12
C ALA B 202 6.18 -12.86 52.07
N ALA B 203 5.63 -14.07 51.84
CA ALA B 203 4.57 -14.20 50.84
C ALA B 203 3.36 -13.36 51.22
N GLU B 204 3.04 -13.30 52.50
CA GLU B 204 1.93 -12.47 52.95
C GLU B 204 2.23 -10.98 52.72
N PHE B 205 3.51 -10.61 52.71
CA PHE B 205 3.86 -9.21 52.54
C PHE B 205 3.50 -8.70 51.15
N TYR B 206 3.91 -9.43 50.11
CA TYR B 206 3.75 -8.92 48.75
C TYR B 206 2.28 -8.92 48.32
N ILE B 207 1.58 -10.02 48.53
CA ILE B 207 0.21 -10.14 48.04
C ILE B 207 -0.68 -9.09 48.70
N ASN B 208 -0.44 -8.81 49.98
CA ASN B 208 -1.16 -7.72 50.64
C ASN B 208 -0.75 -6.36 50.09
N TYR B 209 0.49 -6.23 49.60
CA TYR B 209 0.94 -4.94 49.08
C TYR B 209 0.59 -4.77 47.60
N VAL B 210 0.72 -5.82 46.80
CA VAL B 210 0.47 -5.69 45.37
C VAL B 210 -1.02 -5.70 45.04
N THR B 211 -1.88 -6.16 45.96
CA THR B 211 -3.31 -6.16 45.69
C THR B 211 -3.97 -4.90 46.26
N ARG B 212 -3.72 -4.62 47.54
CA ARG B 212 -4.25 -3.44 48.20
C ARG B 212 -5.78 -3.36 48.11
N ILE B 252 8.56 2.01 48.25
CA ILE B 252 8.43 0.73 47.55
C ILE B 252 9.06 0.83 46.17
N VAL B 253 10.03 -0.04 45.89
CA VAL B 253 10.77 0.01 44.64
C VAL B 253 10.33 -1.11 43.70
N ASP B 254 10.54 -2.35 44.12
CA ASP B 254 10.28 -3.50 43.26
C ASP B 254 10.10 -4.77 44.08
N PRO B 255 8.95 -4.93 44.74
CA PRO B 255 8.78 -6.10 45.63
C PRO B 255 8.86 -7.43 44.92
N TRP B 256 8.35 -7.54 43.69
CA TRP B 256 8.27 -8.82 43.01
C TRP B 256 9.67 -9.40 42.78
N GLU B 257 10.58 -8.58 42.27
CA GLU B 257 11.96 -9.02 42.07
C GLU B 257 12.64 -9.31 43.41
N ARG B 258 12.37 -8.47 44.42
CA ARG B 258 13.01 -8.67 45.72
C ARG B 258 12.59 -9.99 46.36
N LEU B 259 11.29 -10.32 46.30
CA LEU B 259 10.81 -11.53 46.93
C LEU B 259 11.24 -12.77 46.16
N PHE B 260 11.31 -12.68 44.84
CA PHE B 260 11.85 -13.78 44.05
C PHE B 260 13.30 -14.05 44.40
N LYS B 261 14.06 -13.00 44.72
CA LYS B 261 15.40 -13.19 45.25
C LYS B 261 15.37 -13.92 46.58
N ILE B 262 14.40 -13.60 47.43
CA ILE B 262 14.24 -14.33 48.69
C ILE B 262 13.96 -15.79 48.42
N LEU B 263 13.17 -16.09 47.39
CA LEU B 263 12.93 -17.48 47.00
C LEU B 263 14.24 -18.16 46.61
N ASN B 264 15.11 -17.44 45.90
CA ASN B 264 16.44 -17.96 45.63
C ASN B 264 17.22 -18.15 46.93
N VAL B 265 17.05 -17.22 47.87
CA VAL B 265 17.75 -17.33 49.15
C VAL B 265 17.23 -18.52 49.94
N VAL B 266 15.92 -18.66 50.08
CA VAL B 266 15.39 -19.82 50.78
C VAL B 266 15.71 -21.09 50.01
N GLY B 267 16.06 -20.97 48.73
CA GLY B 267 16.48 -22.12 47.96
C GLY B 267 17.78 -22.72 48.46
N MET B 268 18.77 -21.86 48.74
CA MET B 268 20.07 -22.39 49.17
C MET B 268 20.01 -22.80 50.64
N ARG B 269 19.14 -22.16 51.41
CA ARG B 269 18.97 -22.55 52.82
C ARG B 269 18.40 -23.95 52.94
N CYS B 270 17.38 -24.28 52.14
CA CYS B 270 16.86 -25.65 52.15
C CYS B 270 17.90 -26.63 51.64
N GLU B 271 18.66 -26.24 50.62
CA GLU B 271 19.75 -27.09 50.13
C GLU B 271 20.82 -27.25 51.20
N TRP B 272 21.12 -26.19 51.94
CA TRP B 272 22.12 -26.26 53.00
C TRP B 272 21.63 -27.13 54.15
N ARG B 279 16.88 -14.95 35.93
CA ARG B 279 16.03 -15.93 35.28
C ARG B 279 14.63 -15.39 35.03
N SER B 280 13.99 -15.87 33.98
CA SER B 280 12.61 -15.51 33.69
C SER B 280 11.68 -16.36 34.54
N TYR B 281 10.38 -16.10 34.47
CA TYR B 281 9.39 -16.85 35.26
C TYR B 281 8.83 -18.05 34.51
N GLY B 282 9.25 -18.26 33.27
CA GLY B 282 8.71 -19.35 32.47
C GLY B 282 9.54 -20.62 32.55
N ASP B 283 10.86 -20.47 32.45
CA ASP B 283 11.75 -21.63 32.48
C ASP B 283 11.73 -22.33 33.83
N ILE B 284 11.39 -21.63 34.90
CA ILE B 284 11.39 -22.24 36.23
C ILE B 284 10.40 -23.39 36.28
N LEU B 285 9.15 -23.16 35.86
CA LEU B 285 8.11 -24.16 36.04
C LEU B 285 8.46 -25.46 35.33
N HIS B 286 9.04 -25.38 34.13
CA HIS B 286 9.50 -26.59 33.45
C HIS B 286 10.61 -27.27 34.24
N ARG B 287 11.50 -26.49 34.84
CA ARG B 287 12.60 -27.07 35.61
C ARG B 287 12.07 -27.79 36.86
N MET B 288 11.25 -27.12 37.66
CA MET B 288 10.64 -27.80 38.80
C MET B 288 9.77 -28.97 38.36
N LYS B 289 9.12 -28.86 37.20
CA LYS B 289 8.35 -29.98 36.68
C LYS B 289 9.22 -31.21 36.48
N ASP B 290 10.44 -31.01 35.96
CA ASP B 290 11.35 -32.13 35.77
C ASP B 290 11.75 -32.74 37.11
N LEU B 291 11.95 -31.92 38.14
CA LEU B 291 12.26 -32.46 39.46
C LEU B 291 11.09 -33.26 40.02
N CYS B 292 9.85 -32.85 39.70
CA CYS B 292 8.70 -33.65 40.10
C CYS B 292 8.77 -35.05 39.51
N ARG B 293 9.21 -35.17 38.25
CA ARG B 293 9.39 -36.49 37.66
C ARG B 293 10.47 -37.28 38.39
N TYR B 294 11.28 -36.60 39.21
CA TYR B 294 12.17 -37.25 40.16
C TYR B 294 11.63 -37.22 41.59
N MET B 295 10.65 -36.35 41.87
CA MET B 295 10.19 -36.13 43.23
C MET B 295 9.02 -37.04 43.62
N ASN B 296 7.94 -37.03 42.83
CA ASN B 296 6.76 -37.80 43.21
C ASN B 296 7.01 -39.30 43.08
N ASN B 297 8.20 -39.66 42.58
CA ASN B 297 8.64 -41.05 42.58
C ASN B 297 9.14 -41.43 43.97
N PHE B 298 9.82 -42.58 44.06
CA PHE B 298 10.24 -43.18 45.32
C PHE B 298 10.68 -42.15 46.35
N ASP B 299 10.08 -42.24 47.54
CA ASP B 299 10.44 -41.43 48.69
C ASP B 299 10.44 -42.32 49.92
N SER B 300 11.38 -42.06 50.84
CA SER B 300 11.62 -42.98 51.95
C SER B 300 11.20 -42.43 53.30
N GLU B 301 11.76 -41.29 53.73
CA GLU B 301 11.44 -40.79 55.06
C GLU B 301 10.76 -39.42 55.04
N ALA B 302 11.39 -38.39 54.47
CA ALA B 302 10.83 -37.05 54.50
C ALA B 302 10.60 -36.46 53.12
N HIS B 303 11.64 -36.46 52.27
CA HIS B 303 11.62 -35.73 51.00
C HIS B 303 11.24 -34.27 51.23
N ALA B 304 11.68 -33.73 52.37
CA ALA B 304 11.27 -32.38 52.76
C ALA B 304 11.79 -31.33 51.79
N LYS B 305 13.02 -31.50 51.31
CA LYS B 305 13.63 -30.52 50.41
C LYS B 305 12.82 -30.36 49.13
N TYR B 306 12.69 -31.44 48.34
CA TYR B 306 12.03 -31.33 47.05
C TYR B 306 10.55 -31.02 47.20
N LYS B 307 9.86 -31.72 48.12
CA LYS B 307 8.42 -31.56 48.24
C LYS B 307 8.05 -30.14 48.66
N ASN B 308 8.76 -29.58 49.64
CA ASN B 308 8.46 -28.22 50.07
C ASN B 308 8.79 -27.21 49.00
N GLN B 309 9.90 -27.40 48.27
CA GLN B 309 10.27 -26.45 47.22
C GLN B 309 9.23 -26.44 46.10
N VAL B 310 8.84 -27.62 45.60
CA VAL B 310 7.87 -27.67 44.52
C VAL B 310 6.49 -27.21 44.95
N VAL B 311 6.28 -26.98 46.25
CA VAL B 311 5.01 -26.45 46.71
C VAL B 311 5.08 -24.93 46.85
N TYR B 312 6.04 -24.45 47.66
CA TYR B 312 6.11 -23.02 47.94
C TYR B 312 6.59 -22.24 46.72
N SER B 313 7.64 -22.72 46.06
CA SER B 313 8.15 -22.02 44.89
C SER B 313 7.12 -21.97 43.77
N THR B 314 6.42 -23.09 43.55
CA THR B 314 5.36 -23.10 42.55
C THR B 314 4.25 -22.12 42.92
N MET B 315 3.99 -21.96 44.22
CA MET B 315 2.99 -21.00 44.66
C MET B 315 3.39 -19.58 44.30
N LEU B 316 4.67 -19.24 44.50
CA LEU B 316 5.12 -17.87 44.25
C LEU B 316 5.04 -17.53 42.76
N VAL B 317 5.54 -18.42 41.89
CA VAL B 317 5.46 -18.15 40.46
C VAL B 317 4.00 -18.12 40.01
N PHE B 318 3.18 -19.00 40.57
CA PHE B 318 1.75 -18.98 40.25
C PHE B 318 1.11 -17.65 40.59
N PHE B 319 1.44 -17.12 41.78
CA PHE B 319 0.90 -15.82 42.17
C PHE B 319 1.49 -14.69 41.32
N LYS B 320 2.77 -14.79 40.97
CA LYS B 320 3.36 -13.77 40.10
C LYS B 320 2.68 -13.75 38.75
N ASN B 321 2.44 -14.92 38.17
CA ASN B 321 1.64 -14.99 36.95
C ASN B 321 0.22 -14.55 37.20
N ALA B 322 -0.32 -14.86 38.38
CA ALA B 322 -1.68 -14.45 38.70
C ALA B 322 -1.82 -12.94 38.66
N PHE B 323 -0.86 -12.22 39.25
CA PHE B 323 -0.92 -10.77 39.19
C PHE B 323 -0.73 -10.27 37.76
N GLN B 324 0.15 -10.91 37.00
CA GLN B 324 0.39 -10.50 35.62
C GLN B 324 -0.88 -10.59 34.79
N TYR B 325 -1.61 -11.70 34.94
CA TYR B 325 -2.80 -11.91 34.12
C TYR B 325 -3.92 -10.95 34.51
N VAL B 326 -4.17 -10.81 35.83
CA VAL B 326 -5.25 -9.93 36.30
C VAL B 326 -4.82 -8.48 36.36
N ASN B 327 -3.58 -8.16 35.99
CA ASN B 327 -3.20 -6.76 35.83
C ASN B 327 -3.48 -6.28 34.41
N SER B 328 -3.22 -7.13 33.41
CA SER B 328 -3.54 -6.77 32.03
C SER B 328 -5.04 -6.74 31.80
N ILE B 329 -5.72 -7.88 31.98
CA ILE B 329 -7.17 -7.88 31.95
C ILE B 329 -7.65 -7.40 33.31
N GLN B 330 -8.76 -6.66 33.32
CA GLN B 330 -9.25 -6.00 34.53
C GLN B 330 -8.12 -5.25 35.21
N PRO B 331 -7.56 -4.20 34.60
CA PRO B 331 -6.49 -3.44 35.26
C PRO B 331 -6.93 -2.81 36.57
N SER B 332 -8.21 -2.51 36.73
CA SER B 332 -8.71 -1.92 37.96
C SER B 332 -9.75 -2.83 38.60
N VAL B 343 -10.17 0.16 29.19
CA VAL B 343 -11.32 -0.69 29.45
C VAL B 343 -10.88 -2.10 29.83
N PRO B 344 -11.47 -2.64 30.89
CA PRO B 344 -11.09 -3.99 31.34
C PRO B 344 -11.52 -5.07 30.37
N LEU B 345 -11.04 -6.30 30.57
CA LEU B 345 -11.35 -7.41 29.70
C LEU B 345 -12.04 -8.52 30.48
N VAL B 346 -12.75 -9.37 29.75
CA VAL B 346 -13.50 -10.50 30.30
C VAL B 346 -13.39 -11.67 29.32
N LEU B 347 -13.42 -12.89 29.87
CA LEU B 347 -13.15 -14.10 29.10
C LEU B 347 -14.47 -14.81 28.78
N LEU B 348 -14.71 -15.07 27.50
CA LEU B 348 -15.98 -15.61 27.06
C LEU B 348 -15.82 -16.81 26.13
N GLU B 349 -16.92 -17.24 25.53
CA GLU B 349 -16.93 -18.20 24.43
C GLU B 349 -17.17 -17.43 23.13
N ASP B 350 -17.28 -18.13 22.00
CA ASP B 350 -17.47 -17.43 20.73
C ASP B 350 -18.87 -17.61 20.17
N VAL B 351 -19.28 -18.87 19.98
CA VAL B 351 -20.58 -19.21 19.43
C VAL B 351 -20.63 -18.72 17.97
N SER B 352 -19.48 -18.24 17.48
CA SER B 352 -19.43 -17.45 16.24
C SER B 352 -19.99 -18.19 15.03
N ASN B 353 -20.04 -19.52 15.06
CA ASN B 353 -20.60 -20.27 13.95
C ASN B 353 -22.11 -20.51 14.07
N VAL B 354 -22.89 -19.45 14.27
CA VAL B 354 -24.34 -19.59 14.31
C VAL B 354 -24.93 -19.82 12.92
N TYR B 355 -24.19 -19.54 11.86
CA TYR B 355 -24.67 -19.78 10.50
C TYR B 355 -24.02 -21.02 9.91
N ASN B 393 -6.18 -28.66 25.67
CA ASN B 393 -5.72 -28.30 24.34
C ASN B 393 -6.65 -27.27 23.69
N ARG B 394 -6.90 -26.18 24.40
CA ARG B 394 -7.73 -25.09 23.92
C ARG B 394 -6.88 -23.83 23.77
N HIS B 395 -7.23 -22.99 22.79
CA HIS B 395 -6.48 -21.80 22.48
C HIS B 395 -7.38 -20.57 22.58
N ILE B 396 -6.83 -19.48 23.11
CA ILE B 396 -7.57 -18.25 23.33
C ILE B 396 -7.30 -17.31 22.16
N VAL B 397 -8.38 -16.76 21.59
CA VAL B 397 -8.30 -15.86 20.45
C VAL B 397 -8.43 -14.44 20.97
N VAL B 398 -7.35 -13.65 20.84
CA VAL B 398 -7.31 -12.28 21.33
C VAL B 398 -7.02 -11.36 20.15
N ASN B 399 -7.82 -10.31 20.01
CA ASN B 399 -7.57 -9.32 18.99
C ASN B 399 -6.37 -8.46 19.38
N LYS B 400 -5.44 -8.27 18.43
CA LYS B 400 -4.23 -7.52 18.72
C LYS B 400 -4.51 -6.04 18.95
N ALA B 401 -5.52 -5.49 18.28
CA ALA B 401 -5.84 -4.07 18.44
C ALA B 401 -6.29 -3.76 19.85
N GLU B 402 -7.12 -4.62 20.44
CA GLU B 402 -7.64 -4.37 21.78
C GLU B 402 -6.57 -4.55 22.86
N LEU B 403 -5.47 -5.24 22.56
CA LEU B 403 -4.44 -5.50 23.54
C LEU B 403 -3.10 -5.58 22.82
N ALA B 404 -2.26 -4.55 22.98
CA ALA B 404 -0.98 -4.52 22.31
C ALA B 404 -0.04 -5.61 22.83
N ASN B 405 -0.10 -5.91 24.12
CA ASN B 405 0.77 -6.90 24.74
C ASN B 405 0.08 -8.25 24.88
N SER B 406 -0.76 -8.61 23.91
CA SER B 406 -1.59 -9.80 24.04
C SER B 406 -0.75 -11.07 24.14
N THR B 407 0.38 -11.12 23.41
CA THR B 407 1.17 -12.34 23.36
C THR B 407 1.70 -12.71 24.73
N GLU B 408 2.35 -11.77 25.42
CA GLU B 408 2.97 -12.07 26.70
C GLU B 408 1.93 -12.38 27.78
N VAL B 409 0.78 -11.71 27.71
CA VAL B 409 -0.28 -11.96 28.69
C VAL B 409 -0.81 -13.38 28.54
N LEU B 410 -0.98 -13.85 27.30
CA LEU B 410 -1.47 -15.20 27.08
C LEU B 410 -0.51 -16.24 27.66
N GLU B 411 0.79 -16.06 27.45
CA GLU B 411 1.76 -17.03 27.96
C GLU B 411 1.76 -17.07 29.48
N SER B 412 1.65 -15.90 30.13
CA SER B 412 1.62 -15.87 31.59
C SER B 412 0.40 -16.62 32.12
N PHE B 413 -0.75 -16.46 31.46
CA PHE B 413 -1.95 -17.19 31.86
C PHE B 413 -1.79 -18.69 31.64
N LYS B 414 -1.27 -19.08 30.47
CA LYS B 414 -1.08 -20.50 30.20
C LYS B 414 -0.05 -21.11 31.14
N LEU B 415 1.06 -20.41 31.37
CA LEU B 415 2.08 -20.92 32.27
C LEU B 415 1.58 -20.95 33.71
N ALA B 416 0.70 -20.02 34.08
CA ALA B 416 0.08 -20.08 35.40
C ALA B 416 -0.82 -21.30 35.53
N ARG B 417 -1.54 -21.64 34.46
CA ARG B 417 -2.46 -22.79 34.51
C ARG B 417 -1.70 -24.07 34.81
N GLU B 418 -0.54 -24.28 34.17
CA GLU B 418 0.26 -25.46 34.46
C GLU B 418 0.77 -25.44 35.88
N SER B 419 1.10 -24.25 36.40
CA SER B 419 1.55 -24.14 37.79
C SER B 419 0.45 -24.54 38.76
N TRP B 420 -0.77 -24.04 38.54
CA TRP B 420 -1.89 -24.43 39.39
C TRP B 420 -2.24 -25.90 39.18
N GLU B 421 -2.14 -26.39 37.95
CA GLU B 421 -2.38 -27.80 37.69
C GLU B 421 -1.38 -28.67 38.43
N LEU B 422 -0.09 -28.30 38.39
CA LEU B 422 0.92 -29.04 39.14
C LEU B 422 0.67 -28.93 40.64
N LEU B 423 0.28 -27.75 41.11
CA LEU B 423 0.03 -27.56 42.54
C LEU B 423 -1.18 -28.34 43.03
N TYR B 424 -1.99 -28.88 42.13
CA TYR B 424 -3.13 -29.72 42.50
C TYR B 424 -3.03 -31.14 41.99
N SER B 425 -2.14 -31.43 41.04
CA SER B 425 -2.03 -32.78 40.49
C SER B 425 -1.45 -33.74 41.51
N LEU B 426 -0.36 -33.35 42.16
CA LEU B 426 0.29 -34.22 43.13
C LEU B 426 -0.53 -34.29 44.41
N GLU B 427 -0.85 -35.51 44.85
CA GLU B 427 -1.66 -35.69 46.05
C GLU B 427 -0.94 -35.14 47.27
N PHE B 428 0.37 -35.41 47.37
CA PHE B 428 1.13 -34.87 48.49
C PHE B 428 1.16 -33.34 48.46
N LEU B 429 1.37 -32.77 47.27
CA LEU B 429 1.37 -31.31 47.16
C LEU B 429 -0.02 -30.73 47.34
N ASP B 430 -1.06 -31.49 46.98
CA ASP B 430 -2.42 -30.97 47.04
C ASP B 430 -2.82 -30.66 48.47
N LYS B 431 -2.50 -31.57 49.41
CA LYS B 431 -2.95 -31.39 50.79
C LYS B 431 -2.21 -30.24 51.47
N GLU B 432 -0.88 -30.18 51.30
CA GLU B 432 -0.11 -29.12 51.94
C GLU B 432 -0.49 -27.77 51.37
N PHE B 433 -0.64 -27.68 50.05
CA PHE B 433 -1.02 -26.41 49.43
C PHE B 433 -2.38 -25.94 49.92
N THR B 434 -3.34 -26.86 50.05
CA THR B 434 -4.65 -26.51 50.59
C THR B 434 -4.52 -26.00 52.02
N ARG B 435 -3.69 -26.66 52.83
CA ARG B 435 -3.44 -26.18 54.18
C ARG B 435 -2.75 -24.82 54.14
N ILE B 436 -1.79 -24.65 53.23
CA ILE B 436 -1.05 -23.40 53.14
C ILE B 436 -1.98 -22.26 52.75
N CYS B 437 -2.86 -22.49 51.77
CA CYS B 437 -3.79 -21.45 51.35
C CYS B 437 -4.72 -21.05 52.49
N LEU B 438 -5.36 -22.04 53.13
CA LEU B 438 -6.33 -21.74 54.18
C LEU B 438 -5.71 -20.87 55.27
N ALA B 439 -4.40 -20.99 55.48
CA ALA B 439 -3.72 -20.18 56.49
C ALA B 439 -3.79 -18.69 56.15
N TRP B 440 -3.48 -18.33 54.91
CA TRP B 440 -3.33 -16.92 54.55
C TRP B 440 -3.97 -16.57 53.21
N LYS B 441 -4.93 -17.36 52.73
CA LYS B 441 -5.67 -16.97 51.53
C LYS B 441 -6.93 -16.17 51.85
N THR B 442 -7.46 -16.31 53.06
CA THR B 442 -8.66 -15.59 53.51
C THR B 442 -9.78 -15.87 52.51
N ASP B 443 -10.47 -14.83 52.02
CA ASP B 443 -11.57 -15.00 51.08
C ASP B 443 -11.10 -14.96 49.63
N THR B 444 -9.87 -15.40 49.38
CA THR B 444 -9.24 -15.40 48.04
C THR B 444 -9.06 -13.99 47.49
N TRP B 445 -9.28 -12.97 48.33
CA TRP B 445 -9.21 -11.55 47.95
C TRP B 445 -10.07 -11.37 46.69
N LEU B 446 -9.60 -10.64 45.68
CA LEU B 446 -10.35 -10.50 44.43
C LEU B 446 -9.52 -11.01 43.26
N TRP B 447 -8.22 -10.70 43.26
CA TRP B 447 -7.36 -11.05 42.13
C TRP B 447 -7.28 -12.56 41.93
N LEU B 448 -7.10 -13.32 43.02
CA LEU B 448 -7.14 -14.78 42.88
C LEU B 448 -8.54 -15.25 42.54
N ARG B 449 -9.56 -14.66 43.16
CA ARG B 449 -10.94 -15.06 42.89
C ARG B 449 -11.29 -14.84 41.42
N ILE B 450 -10.91 -13.67 40.88
CA ILE B 450 -11.11 -13.44 39.46
C ILE B 450 -10.27 -14.41 38.63
N PHE B 451 -9.00 -14.58 39.01
CA PHE B 451 -8.12 -15.47 38.26
C PHE B 451 -8.60 -16.91 38.34
N LEU B 452 -9.17 -17.30 39.48
CA LEU B 452 -9.67 -18.66 39.65
C LEU B 452 -10.76 -18.97 38.63
N THR B 453 -11.67 -18.01 38.41
CA THR B 453 -12.80 -18.24 37.51
C THR B 453 -12.34 -18.49 36.08
N ASP B 454 -11.36 -17.73 35.60
CA ASP B 454 -10.90 -17.89 34.23
C ASP B 454 -10.23 -19.25 34.02
N MET B 455 -9.69 -19.83 35.09
CA MET B 455 -9.15 -21.18 35.00
C MET B 455 -10.26 -22.19 34.70
N ILE B 456 -11.39 -22.05 35.41
CA ILE B 456 -12.48 -23.02 35.26
C ILE B 456 -13.02 -23.00 33.84
N ILE B 457 -13.30 -21.80 33.31
CA ILE B 457 -13.86 -21.68 31.97
C ILE B 457 -12.86 -22.15 30.92
N TYR B 458 -11.57 -22.01 31.18
CA TYR B 458 -10.57 -22.51 30.24
C TYR B 458 -10.50 -24.04 30.26
N GLN B 459 -10.52 -24.63 31.46
CA GLN B 459 -10.34 -26.08 31.57
C GLN B 459 -11.47 -26.83 30.90
N GLY B 460 -12.71 -26.43 31.15
CA GLY B 460 -13.85 -27.09 30.55
C GLY B 460 -15.02 -27.27 31.48
N GLN B 461 -14.74 -27.31 32.79
CA GLN B 461 -15.81 -27.41 33.78
C GLN B 461 -16.54 -26.08 33.90
N TYR B 462 -17.83 -26.15 34.17
CA TYR B 462 -18.66 -24.95 34.20
C TYR B 462 -19.36 -24.77 35.55
N LYS B 463 -19.73 -25.88 36.20
CA LYS B 463 -20.49 -25.77 37.44
C LYS B 463 -19.70 -25.01 38.52
N LYS B 464 -18.41 -25.30 38.64
CA LYS B 464 -17.59 -24.57 39.60
C LYS B 464 -17.48 -23.10 39.23
N ALA B 465 -17.50 -22.79 37.92
CA ALA B 465 -17.46 -21.40 37.50
C ALA B 465 -18.71 -20.65 37.96
N ILE B 466 -19.88 -21.30 37.87
CA ILE B 466 -21.10 -20.68 38.37
C ILE B 466 -21.01 -20.46 39.86
N ALA B 467 -20.54 -21.46 40.61
CA ALA B 467 -20.37 -21.30 42.05
C ALA B 467 -19.36 -20.21 42.36
N SER B 468 -18.25 -20.18 41.63
CA SER B 468 -17.27 -19.11 41.81
C SER B 468 -17.88 -17.76 41.45
N LEU B 469 -18.69 -17.72 40.40
CA LEU B 469 -19.37 -16.48 40.03
C LEU B 469 -20.28 -15.99 41.15
N HIS B 470 -20.94 -16.91 41.86
CA HIS B 470 -21.74 -16.50 43.01
C HIS B 470 -20.88 -15.84 44.07
N HIS B 471 -19.68 -16.38 44.31
CA HIS B 471 -18.79 -15.78 45.30
C HIS B 471 -18.38 -14.37 44.89
N LEU B 472 -18.09 -14.17 43.60
CA LEU B 472 -17.69 -12.85 43.12
C LEU B 472 -18.81 -11.83 43.34
N ALA B 473 -20.05 -12.22 43.06
CA ALA B 473 -21.18 -11.33 43.31
C ALA B 473 -21.31 -11.01 44.79
N ALA B 474 -21.11 -12.02 45.65
CA ALA B 474 -21.19 -11.79 47.09
C ALA B 474 -20.11 -10.83 47.55
N LEU B 475 -18.88 -11.00 47.05
CA LEU B 475 -17.79 -10.10 47.43
C LEU B 475 -18.06 -8.68 46.98
N GLN B 476 -18.59 -8.51 45.77
CA GLN B 476 -18.89 -7.18 45.23
C GLN B 476 -20.07 -6.56 45.97
N THR B 489 -23.12 -0.09 37.17
CA THR B 489 -21.66 0.01 37.09
C THR B 489 -21.09 -1.02 36.13
N LEU B 490 -19.81 -0.87 35.80
CA LEU B 490 -19.16 -1.81 34.90
C LEU B 490 -18.99 -3.19 35.51
N GLU B 491 -18.94 -3.28 36.84
CA GLU B 491 -18.56 -4.53 37.50
C GLU B 491 -19.56 -5.64 37.22
N HIS B 492 -20.85 -5.32 37.12
CA HIS B 492 -21.85 -6.38 36.95
C HIS B 492 -21.73 -7.09 35.62
N GLN B 493 -21.04 -6.48 34.63
CA GLN B 493 -20.88 -7.13 33.34
C GLN B 493 -20.07 -8.43 33.48
N ARG B 494 -18.97 -8.37 34.23
CA ARG B 494 -18.06 -9.52 34.31
C ARG B 494 -18.75 -10.74 34.89
N ALA B 495 -19.49 -10.55 35.98
CA ALA B 495 -20.20 -11.67 36.59
C ALA B 495 -21.27 -12.22 35.66
N LEU B 496 -22.03 -11.32 35.02
CA LEU B 496 -23.12 -11.75 34.17
C LEU B 496 -22.61 -12.37 32.87
N ILE B 497 -21.65 -11.72 32.21
CA ILE B 497 -21.23 -12.17 30.89
C ILE B 497 -20.51 -13.51 30.99
N GLN B 498 -19.76 -13.74 32.06
CA GLN B 498 -19.14 -15.04 32.24
C GLN B 498 -20.14 -16.08 32.74
N LEU B 499 -21.17 -15.64 33.48
CA LEU B 499 -22.23 -16.55 33.85
C LEU B 499 -23.01 -17.02 32.63
N ALA B 500 -23.21 -16.12 31.66
CA ALA B 500 -23.97 -16.46 30.47
C ALA B 500 -23.28 -17.58 29.68
N THR B 501 -21.98 -17.45 29.45
CA THR B 501 -21.28 -18.43 28.61
C THR B 501 -21.20 -19.78 29.30
N CYS B 502 -20.95 -19.81 30.61
CA CYS B 502 -20.91 -21.09 31.29
C CYS B 502 -22.29 -21.70 31.44
N HIS B 503 -23.33 -20.88 31.60
CA HIS B 503 -24.69 -21.38 31.55
C HIS B 503 -24.97 -22.02 30.20
N PHE B 504 -24.49 -21.38 29.12
CA PHE B 504 -24.63 -21.93 27.78
C PHE B 504 -24.04 -23.33 27.72
N ALA B 505 -22.80 -23.47 28.20
CA ALA B 505 -22.14 -24.76 28.28
C ALA B 505 -22.28 -25.54 26.98
N LEU B 506 -22.97 -26.67 27.03
CA LEU B 506 -23.22 -27.48 25.84
C LEU B 506 -24.72 -27.59 25.65
N GLY B 507 -25.49 -27.90 26.69
CA GLY B 507 -26.89 -28.24 26.49
C GLY B 507 -27.93 -27.58 27.38
N GLU B 508 -27.78 -26.29 27.73
CA GLU B 508 -28.78 -25.64 28.56
C GLU B 508 -29.75 -24.78 27.76
N TYR B 509 -29.25 -23.74 27.08
CA TYR B 509 -29.99 -22.87 26.18
C TYR B 509 -31.14 -22.13 26.86
N ARG B 510 -31.31 -22.23 28.17
CA ARG B 510 -32.44 -21.61 28.86
C ARG B 510 -31.99 -20.49 29.79
N MET B 511 -31.09 -20.79 30.73
CA MET B 511 -30.62 -19.74 31.64
C MET B 511 -29.78 -18.72 30.91
N THR B 512 -29.14 -19.12 29.82
CA THR B 512 -28.29 -18.20 29.05
C THR B 512 -29.09 -17.02 28.53
N CYS B 513 -30.24 -17.29 27.92
CA CYS B 513 -31.08 -16.20 27.43
C CYS B 513 -31.62 -15.35 28.57
N GLU B 514 -31.82 -15.96 29.74
CA GLU B 514 -32.27 -15.20 30.90
C GLU B 514 -31.21 -14.20 31.35
N LYS B 515 -29.96 -14.65 31.44
CA LYS B 515 -28.90 -13.78 31.96
C LYS B 515 -28.59 -12.63 31.00
N VAL B 516 -28.50 -12.93 29.69
CA VAL B 516 -28.13 -11.89 28.74
C VAL B 516 -29.19 -10.81 28.67
N LEU B 517 -30.47 -11.19 28.83
CA LEU B 517 -31.54 -10.20 28.81
C LEU B 517 -31.41 -9.25 30.00
N ASP B 518 -31.03 -9.77 31.17
CA ASP B 518 -30.77 -8.92 32.32
C ASP B 518 -29.60 -7.99 32.05
N LEU B 519 -28.55 -8.50 31.43
CA LEU B 519 -27.41 -7.66 31.06
C LEU B 519 -27.83 -6.61 30.04
N MET B 520 -28.74 -6.98 29.13
CA MET B 520 -29.25 -6.03 28.14
C MET B 520 -29.92 -4.84 28.83
N CYS B 521 -30.61 -5.08 29.93
CA CYS B 521 -31.35 -4.02 30.60
C CYS B 521 -30.45 -2.94 31.19
N TYR B 522 -29.23 -3.30 31.61
CA TYR B 522 -28.35 -2.35 32.28
C TYR B 522 -27.15 -1.91 31.46
N MET B 523 -27.03 -2.37 30.21
CA MET B 523 -25.86 -2.10 29.39
C MET B 523 -26.06 -0.93 28.43
N VAL B 524 -27.12 -0.16 28.60
CA VAL B 524 -27.53 0.76 27.54
C VAL B 524 -26.75 2.07 27.66
N LEU B 525 -25.52 2.06 27.16
CA LEU B 525 -24.79 3.26 26.77
C LEU B 525 -25.05 3.71 25.32
N PRO B 526 -25.14 2.79 24.32
CA PRO B 526 -24.84 3.20 22.94
C PRO B 526 -25.88 4.13 22.31
N ILE B 527 -25.80 5.41 22.67
CA ILE B 527 -26.53 6.43 21.91
C ILE B 527 -25.99 6.52 20.50
N GLN B 528 -24.66 6.38 20.34
CA GLN B 528 -24.02 6.38 19.04
C GLN B 528 -23.36 5.05 18.69
N ASP B 529 -23.39 4.08 19.61
CA ASP B 529 -22.75 2.77 19.43
C ASP B 529 -21.26 3.00 19.19
N GLY B 530 -20.70 2.59 18.06
CA GLY B 530 -19.29 2.79 17.80
C GLY B 530 -19.01 3.31 16.41
N GLY B 531 -19.98 4.00 15.83
CA GLY B 531 -19.82 4.54 14.49
C GLY B 531 -20.55 3.73 13.43
N LYS B 532 -19.88 3.48 12.31
CA LYS B 532 -20.47 2.72 11.20
C LYS B 532 -19.78 1.37 11.01
N SER B 533 -18.46 1.36 10.83
CA SER B 533 -17.72 0.12 10.64
C SER B 533 -16.28 0.35 11.04
N GLN B 534 -15.84 -0.32 12.10
CA GLN B 534 -14.48 -0.18 12.62
C GLN B 534 -13.72 -1.47 12.36
N GLU B 535 -13.06 -1.53 11.21
CA GLU B 535 -12.20 -2.66 10.85
C GLU B 535 -12.99 -3.97 10.86
N GLU B 536 -13.91 -4.06 9.88
CA GLU B 536 -14.81 -5.19 9.65
C GLU B 536 -14.05 -6.49 9.88
N PRO B 537 -14.67 -7.47 10.58
CA PRO B 537 -13.94 -8.66 11.05
C PRO B 537 -13.00 -9.29 10.03
N SER B 538 -11.80 -9.64 10.48
CA SER B 538 -10.78 -10.16 9.59
C SER B 538 -11.19 -11.52 9.04
N LYS B 539 -10.70 -11.82 7.84
CA LYS B 539 -10.99 -13.07 7.14
C LYS B 539 -10.13 -14.24 7.60
N VAL B 540 -9.48 -14.12 8.76
CA VAL B 540 -8.66 -15.21 9.27
C VAL B 540 -9.56 -16.37 9.64
N LYS B 541 -9.35 -17.51 8.98
CA LYS B 541 -10.18 -18.69 9.18
C LYS B 541 -9.46 -19.67 10.10
N PRO B 542 -9.96 -19.91 11.31
CA PRO B 542 -9.33 -20.92 12.17
C PRO B 542 -9.48 -22.31 11.56
N LYS B 543 -8.52 -23.18 11.86
CA LYS B 543 -8.51 -24.54 11.35
C LYS B 543 -9.56 -25.35 12.09
N PHE B 544 -10.83 -25.12 11.71
CA PHE B 544 -11.98 -25.79 12.31
C PHE B 544 -12.00 -25.61 13.82
N ARG B 545 -11.68 -24.39 14.27
CA ARG B 545 -11.64 -24.09 15.69
C ARG B 545 -12.81 -23.21 16.10
N SER B 548 -14.10 -20.14 16.00
CA SER B 548 -15.16 -20.23 17.01
C SER B 548 -14.62 -20.88 18.29
N ASP B 549 -13.86 -20.12 19.06
CA ASP B 549 -13.28 -20.61 20.31
C ASP B 549 -13.24 -19.46 21.31
N LEU B 550 -12.54 -19.65 22.42
CA LEU B 550 -12.57 -18.68 23.51
C LEU B 550 -12.03 -17.32 23.06
N LYS B 551 -12.85 -16.29 23.25
CA LYS B 551 -12.46 -14.93 22.92
C LYS B 551 -12.15 -14.15 24.19
N LEU B 552 -11.59 -12.95 24.01
CA LEU B 552 -11.23 -12.07 25.12
C LEU B 552 -11.63 -10.66 24.70
N LEU B 553 -12.85 -10.27 25.02
CA LEU B 553 -13.42 -9.01 24.56
C LEU B 553 -13.38 -7.95 25.65
N PRO B 554 -13.37 -6.67 25.27
CA PRO B 554 -13.50 -5.60 26.27
C PRO B 554 -14.87 -5.59 26.93
N CYS B 555 -15.07 -4.71 27.91
CA CYS B 555 -16.35 -4.58 28.58
C CYS B 555 -17.21 -3.46 27.99
N THR B 556 -17.04 -3.17 26.72
CA THR B 556 -17.79 -2.11 26.06
C THR B 556 -18.80 -2.72 25.09
N SER B 557 -19.73 -1.87 24.64
CA SER B 557 -20.80 -2.34 23.76
C SER B 557 -20.27 -2.72 22.38
N LYS B 558 -19.09 -2.20 22.00
CA LYS B 558 -18.58 -2.46 20.66
C LYS B 558 -18.38 -3.95 20.41
N ALA B 559 -17.90 -4.68 21.42
CA ALA B 559 -17.68 -6.12 21.26
C ALA B 559 -18.79 -6.95 21.89
N ILE B 560 -19.37 -6.49 22.99
CA ILE B 560 -20.39 -7.27 23.69
C ILE B 560 -21.69 -7.32 22.90
N MET B 561 -22.08 -6.21 22.28
CA MET B 561 -23.38 -6.13 21.62
C MET B 561 -23.58 -7.20 20.56
N PRO B 562 -22.67 -7.41 19.60
CA PRO B 562 -22.84 -8.54 18.69
C PRO B 562 -22.82 -9.88 19.41
N TYR B 563 -22.04 -10.01 20.48
CA TYR B 563 -21.97 -11.29 21.18
C TYR B 563 -23.29 -11.63 21.84
N CYS B 564 -23.92 -10.66 22.51
CA CYS B 564 -25.18 -10.92 23.20
C CYS B 564 -26.24 -11.39 22.23
N LEU B 565 -26.36 -10.71 21.09
CA LEU B 565 -27.31 -11.16 20.08
C LEU B 565 -26.85 -12.43 19.39
N HIS B 566 -25.53 -12.67 19.36
CA HIS B 566 -25.04 -13.95 18.86
C HIS B 566 -25.50 -15.10 19.76
N LEU B 567 -25.47 -14.89 21.08
CA LEU B 567 -25.92 -15.93 21.99
C LEU B 567 -27.40 -16.23 21.80
N MET B 568 -28.23 -15.18 21.80
CA MET B 568 -29.68 -15.37 21.69
C MET B 568 -30.06 -15.97 20.35
N LEU B 569 -29.42 -15.54 19.27
CA LEU B 569 -29.69 -16.13 17.97
C LEU B 569 -29.34 -17.62 17.96
N ALA B 570 -28.23 -17.99 18.58
CA ALA B 570 -27.84 -19.40 18.64
C ALA B 570 -28.86 -20.23 19.40
N CYS B 571 -29.34 -19.70 20.53
CA CYS B 571 -30.33 -20.43 21.32
C CYS B 571 -31.63 -20.61 20.55
N PHE B 572 -32.10 -19.54 19.90
CA PHE B 572 -33.37 -19.61 19.19
C PHE B 572 -33.24 -20.39 17.88
N LYS B 573 -32.07 -20.38 17.26
CA LYS B 573 -31.89 -21.14 16.03
C LYS B 573 -32.11 -22.63 16.29
N LEU B 574 -31.57 -23.15 17.40
CA LEU B 574 -31.80 -24.54 17.75
C LEU B 574 -33.23 -24.75 18.27
N ARG B 575 -33.85 -23.71 18.81
CA ARG B 575 -35.18 -23.84 19.38
C ARG B 575 -36.26 -23.88 18.31
N ALA B 576 -36.06 -23.16 17.20
CA ALA B 576 -37.11 -22.99 16.21
C ALA B 576 -36.96 -23.85 14.97
N PHE B 577 -35.74 -24.28 14.63
CA PHE B 577 -35.51 -24.99 13.38
C PHE B 577 -35.90 -26.46 13.45
N THR B 578 -36.30 -26.94 14.61
CA THR B 578 -36.74 -28.32 14.82
C THR B 578 -38.22 -28.30 15.21
N ASP B 579 -38.91 -29.39 14.89
CA ASP B 579 -40.36 -29.58 15.09
C ASP B 579 -41.08 -28.60 14.16
N ASN B 580 -42.20 -28.00 14.58
CA ASN B 580 -43.04 -27.28 13.64
C ASN B 580 -43.79 -26.11 14.25
N ARG B 581 -44.79 -25.60 13.52
CA ARG B 581 -45.76 -24.61 13.96
C ARG B 581 -45.20 -23.19 14.02
N ASP B 582 -43.91 -23.04 13.74
CA ASP B 582 -43.24 -21.75 13.53
C ASP B 582 -43.77 -20.66 14.46
N ASP B 583 -43.67 -20.92 15.75
CA ASP B 583 -44.21 -20.03 16.77
C ASP B 583 -43.28 -18.82 16.93
N MET B 584 -43.48 -18.06 18.01
CA MET B 584 -42.63 -16.92 18.32
C MET B 584 -41.16 -17.29 18.33
N ALA B 585 -40.86 -18.59 18.42
CA ALA B 585 -39.50 -19.07 18.24
C ALA B 585 -38.93 -18.61 16.90
N LEU B 586 -39.58 -19.01 15.80
CA LEU B 586 -39.09 -18.62 14.48
C LEU B 586 -39.15 -17.11 14.29
N GLY B 587 -40.20 -16.47 14.81
CA GLY B 587 -40.28 -15.02 14.71
C GLY B 587 -39.13 -14.33 15.42
N HIS B 588 -38.65 -14.92 16.52
CA HIS B 588 -37.52 -14.35 17.23
C HIS B 588 -36.21 -14.59 16.48
N VAL B 589 -36.11 -15.66 15.70
CA VAL B 589 -34.93 -15.86 14.87
C VAL B 589 -34.85 -14.78 13.79
N ILE B 590 -36.00 -14.46 13.17
CA ILE B 590 -36.01 -13.48 12.10
C ILE B 590 -35.57 -12.12 12.61
N VAL B 591 -36.10 -11.70 13.76
CA VAL B 591 -35.72 -10.40 14.33
C VAL B 591 -34.24 -10.38 14.66
N LEU B 592 -33.74 -11.44 15.29
CA LEU B 592 -32.34 -11.50 15.69
C LEU B 592 -31.41 -11.79 14.53
N LEU B 593 -31.92 -12.24 13.40
CA LEU B 593 -31.11 -12.38 12.20
C LEU B 593 -30.90 -11.05 11.47
N GLN B 594 -31.58 -10.00 11.93
CA GLN B 594 -31.44 -8.68 11.32
C GLN B 594 -30.01 -8.17 11.41
N GLN B 595 -29.26 -8.59 12.43
CA GLN B 595 -27.94 -8.05 12.68
C GLN B 595 -26.94 -8.53 11.64
N GLU B 596 -25.88 -7.74 11.46
CA GLU B 596 -24.71 -8.05 10.65
C GLU B 596 -25.06 -8.75 9.33
N TRP B 597 -25.83 -8.03 8.50
CA TRP B 597 -26.00 -8.47 7.12
C TRP B 597 -24.68 -8.36 6.38
N PRO B 598 -24.46 -9.22 5.38
CA PRO B 598 -25.31 -10.30 4.90
C PRO B 598 -24.90 -11.67 5.41
N ARG B 599 -24.38 -11.78 6.63
CA ARG B 599 -23.99 -13.09 7.14
C ARG B 599 -25.19 -13.96 7.51
N GLY B 600 -26.36 -13.36 7.66
CA GLY B 600 -27.56 -14.11 7.99
C GLY B 600 -28.35 -14.52 6.77
N GLU B 601 -27.71 -14.51 5.59
CA GLU B 601 -28.41 -14.78 4.35
C GLU B 601 -29.00 -16.19 4.33
N ASN B 602 -28.14 -17.20 4.41
CA ASN B 602 -28.59 -18.57 4.26
C ASN B 602 -29.59 -18.96 5.34
N LEU B 603 -29.32 -18.58 6.59
CA LEU B 603 -30.20 -18.99 7.68
C LEU B 603 -31.58 -18.37 7.53
N PHE B 604 -31.65 -17.10 7.13
CA PHE B 604 -32.95 -16.47 6.91
C PHE B 604 -33.69 -17.12 5.76
N LEU B 605 -33.00 -17.45 4.67
CA LEU B 605 -33.66 -18.13 3.56
C LEU B 605 -34.20 -19.49 3.99
N LYS B 606 -33.50 -20.17 4.89
CA LYS B 606 -34.02 -21.41 5.46
C LYS B 606 -35.30 -21.15 6.24
N ALA B 607 -35.34 -20.05 7.00
CA ALA B 607 -36.56 -19.71 7.74
C ALA B 607 -37.71 -19.41 6.79
N VAL B 608 -37.45 -18.69 5.69
CA VAL B 608 -38.48 -18.40 4.72
C VAL B 608 -39.01 -19.68 4.10
N ASN B 609 -38.10 -20.60 3.76
CA ASN B 609 -38.52 -21.87 3.16
C ASN B 609 -39.48 -22.62 4.08
N LYS B 610 -39.18 -22.65 5.38
CA LYS B 610 -40.11 -23.24 6.33
C LYS B 610 -41.43 -22.47 6.37
N ILE B 611 -41.36 -21.13 6.31
CA ILE B 611 -42.57 -20.33 6.30
C ILE B 611 -43.39 -20.62 5.04
N CYS B 612 -42.70 -20.82 3.92
CA CYS B 612 -43.40 -21.18 2.68
C CYS B 612 -44.10 -22.52 2.81
N GLN B 613 -43.51 -23.46 3.54
CA GLN B 613 -44.11 -24.78 3.70
C GLN B 613 -45.40 -24.70 4.51
N GLN B 614 -45.37 -24.05 5.67
CA GLN B 614 -46.54 -24.03 6.53
C GLN B 614 -47.49 -22.90 6.17
N GLY B 615 -46.96 -21.70 5.95
CA GLY B 615 -47.82 -20.57 5.67
C GLY B 615 -48.70 -20.17 6.82
N ASN B 616 -48.15 -20.12 8.04
CA ASN B 616 -48.92 -19.71 9.21
C ASN B 616 -48.10 -18.83 10.14
N PHE B 617 -47.19 -18.03 9.59
CA PHE B 617 -46.36 -17.15 10.42
C PHE B 617 -47.24 -16.16 11.16
N GLN B 618 -46.97 -15.99 12.46
CA GLN B 618 -47.72 -15.06 13.30
C GLN B 618 -46.79 -14.59 14.40
N TYR B 619 -46.41 -13.31 14.34
CA TYR B 619 -45.52 -12.72 15.34
C TYR B 619 -46.15 -11.58 16.12
N GLU B 620 -47.06 -10.81 15.51
CA GLU B 620 -47.83 -9.77 16.17
C GLU B 620 -46.94 -8.60 16.60
N ASN B 621 -45.63 -8.74 16.39
CA ASN B 621 -44.67 -7.67 16.62
C ASN B 621 -43.69 -7.53 15.45
N PHE B 622 -44.06 -8.06 14.29
CA PHE B 622 -43.16 -8.04 13.14
C PHE B 622 -42.83 -6.61 12.72
N PHE B 623 -43.84 -5.74 12.70
CA PHE B 623 -43.66 -4.36 12.32
C PHE B 623 -43.25 -3.47 13.49
N ASN B 624 -42.64 -4.05 14.52
CA ASN B 624 -42.05 -3.29 15.60
C ASN B 624 -40.57 -3.59 15.79
N TYR B 625 -40.04 -4.59 15.11
CA TYR B 625 -38.64 -5.00 15.29
C TYR B 625 -37.88 -5.11 13.98
N VAL B 626 -38.52 -5.55 12.90
CA VAL B 626 -37.81 -5.91 11.67
C VAL B 626 -37.79 -4.66 10.79
N THR B 627 -36.84 -3.77 11.06
CA THR B 627 -36.61 -2.61 10.21
C THR B 627 -35.44 -2.86 9.26
N ASN B 628 -35.64 -3.83 8.37
CA ASN B 628 -34.63 -4.17 7.37
C ASN B 628 -35.31 -4.30 6.02
N ILE B 629 -34.84 -3.52 5.04
CA ILE B 629 -35.49 -3.51 3.74
C ILE B 629 -35.29 -4.83 3.01
N ASP B 630 -34.15 -5.49 3.19
CA ASP B 630 -33.92 -6.77 2.52
C ASP B 630 -34.81 -7.86 3.08
N MET B 631 -35.36 -7.67 4.28
CA MET B 631 -36.32 -8.62 4.83
C MET B 631 -37.75 -8.20 4.54
N LEU B 632 -38.04 -6.90 4.64
CA LEU B 632 -39.38 -6.42 4.31
C LEU B 632 -39.70 -6.66 2.84
N GLU B 633 -38.74 -6.39 1.95
CA GLU B 633 -38.98 -6.59 0.52
C GLU B 633 -39.21 -8.07 0.22
N GLU B 634 -38.44 -8.96 0.83
CA GLU B 634 -38.61 -10.39 0.59
C GLU B 634 -39.96 -10.88 1.10
N PHE B 635 -40.41 -10.38 2.26
CA PHE B 635 -41.64 -10.90 2.85
C PHE B 635 -42.86 -10.59 1.98
N ALA B 636 -42.94 -9.37 1.45
CA ALA B 636 -44.08 -9.02 0.61
C ALA B 636 -44.08 -9.79 -0.70
N TYR B 637 -42.97 -10.42 -1.07
CA TYR B 637 -42.96 -11.30 -2.24
C TYR B 637 -43.91 -12.47 -2.04
N LEU B 638 -44.03 -12.96 -0.82
CA LEU B 638 -44.94 -14.06 -0.53
C LEU B 638 -46.38 -13.67 -0.83
N ARG B 639 -46.81 -12.53 -0.30
CA ARG B 639 -48.22 -12.14 -0.40
C ARG B 639 -48.66 -11.91 -1.84
N THR B 640 -47.72 -11.75 -2.77
CA THR B 640 -48.08 -11.43 -4.15
C THR B 640 -48.34 -12.68 -4.99
N GLN B 641 -47.33 -13.53 -5.16
CA GLN B 641 -47.43 -14.60 -6.15
C GLN B 641 -48.18 -15.81 -5.62
N GLU B 642 -47.62 -16.49 -4.62
CA GLU B 642 -48.24 -17.71 -4.11
C GLU B 642 -48.04 -17.93 -2.62
N GLY B 643 -47.44 -16.98 -1.89
CA GLY B 643 -47.05 -17.19 -0.52
C GLY B 643 -48.13 -17.65 0.43
N GLY B 644 -47.72 -18.14 1.60
CA GLY B 644 -48.63 -18.80 2.50
C GLY B 644 -49.49 -17.89 3.35
N LYS B 645 -49.93 -16.77 2.78
CA LYS B 645 -50.81 -15.79 3.42
C LYS B 645 -50.45 -15.59 4.89
N ILE B 646 -49.23 -15.10 5.10
CA ILE B 646 -48.70 -14.92 6.45
C ILE B 646 -49.63 -13.99 7.23
N HIS B 647 -49.90 -14.37 8.49
CA HIS B 647 -50.99 -13.74 9.22
C HIS B 647 -50.67 -12.29 9.57
N LEU B 648 -49.62 -12.07 10.36
CA LEU B 648 -49.12 -10.74 10.69
C LEU B 648 -50.22 -9.87 11.33
N GLU B 649 -50.64 -10.32 12.52
CA GLU B 649 -51.55 -9.52 13.33
C GLU B 649 -50.76 -8.36 13.94
N LEU B 650 -50.22 -7.53 13.05
CA LEU B 650 -49.30 -6.46 13.42
C LEU B 650 -50.07 -5.16 13.69
N LEU B 651 -51.04 -5.29 14.60
CA LEU B 651 -51.83 -4.16 15.03
C LEU B 651 -52.31 -4.50 16.43
N PRO B 652 -52.02 -3.66 17.43
CA PRO B 652 -52.51 -3.93 18.79
C PRO B 652 -54.04 -3.96 18.81
N ASN B 653 -54.57 -4.86 19.66
CA ASN B 653 -56.01 -5.02 19.83
C ASN B 653 -56.69 -5.38 18.50
N GLN B 654 -56.29 -6.50 17.94
CA GLN B 654 -56.93 -7.04 16.74
C GLN B 654 -57.60 -8.38 16.97
N GLY B 655 -57.17 -9.13 17.99
CA GLY B 655 -57.78 -10.43 18.24
C GLY B 655 -59.24 -10.34 18.64
N MET B 656 -59.56 -9.41 19.54
CA MET B 656 -60.95 -9.26 19.96
C MET B 656 -61.77 -8.53 18.91
N LEU B 657 -61.12 -7.78 18.01
CA LEU B 657 -61.86 -7.18 16.91
C LEU B 657 -62.45 -8.26 16.01
N ILE B 658 -61.68 -9.30 15.71
CA ILE B 658 -62.19 -10.42 14.93
C ILE B 658 -63.17 -11.24 15.76
N LYS B 659 -62.82 -11.53 17.02
CA LYS B 659 -63.61 -12.45 17.82
C LYS B 659 -64.93 -11.84 18.29
N HIS B 660 -64.91 -10.61 18.79
CA HIS B 660 -66.08 -10.01 19.42
C HIS B 660 -67.02 -9.34 18.44
N HIS B 661 -66.70 -9.32 17.15
CA HIS B 661 -67.53 -8.70 16.13
C HIS B 661 -68.15 -9.76 15.24
N THR B 662 -69.43 -9.58 14.93
CA THR B 662 -70.11 -10.51 14.03
C THR B 662 -69.49 -10.47 12.64
N VAL B 663 -69.53 -11.62 11.96
CA VAL B 663 -68.89 -11.73 10.65
C VAL B 663 -69.57 -10.78 9.68
N THR B 664 -68.81 -9.81 9.18
CA THR B 664 -69.30 -8.84 8.21
C THR B 664 -68.34 -8.79 7.02
N ARG B 665 -68.87 -8.42 5.87
CA ARG B 665 -68.11 -8.42 4.62
C ARG B 665 -67.37 -7.11 4.39
N GLY B 666 -67.45 -6.15 5.31
CA GLY B 666 -66.75 -4.89 5.15
C GLY B 666 -65.44 -4.83 5.89
N ILE B 667 -64.93 -5.99 6.29
CA ILE B 667 -63.68 -6.07 7.04
C ILE B 667 -62.55 -6.69 6.22
N THR B 668 -62.85 -7.47 5.19
CA THR B 668 -61.80 -8.13 4.42
C THR B 668 -60.90 -7.12 3.72
N LYS B 669 -61.48 -6.02 3.22
CA LYS B 669 -60.69 -5.00 2.56
C LYS B 669 -59.69 -4.36 3.53
N GLY B 670 -60.13 -4.08 4.75
CA GLY B 670 -59.22 -3.52 5.75
C GLY B 670 -58.15 -4.50 6.16
N VAL B 671 -58.50 -5.79 6.27
CA VAL B 671 -57.52 -6.80 6.65
C VAL B 671 -56.44 -6.93 5.60
N LYS B 672 -56.81 -6.80 4.33
CA LYS B 672 -55.82 -6.85 3.25
C LYS B 672 -55.02 -5.56 3.14
N GLU B 673 -55.68 -4.42 3.37
CA GLU B 673 -55.02 -3.13 3.12
C GLU B 673 -54.01 -2.79 4.20
N ASP B 674 -54.32 -3.10 5.47
CA ASP B 674 -53.45 -2.67 6.57
C ASP B 674 -52.07 -3.31 6.49
N PHE B 675 -52.00 -4.57 6.07
CA PHE B 675 -50.70 -5.24 5.94
C PHE B 675 -49.79 -4.47 4.99
N ARG B 676 -50.29 -4.11 3.82
CA ARG B 676 -49.50 -3.32 2.89
C ARG B 676 -49.23 -1.92 3.43
N LEU B 677 -50.24 -1.31 4.04
CA LEU B 677 -50.08 0.05 4.58
C LEU B 677 -49.03 0.08 5.68
N ALA B 678 -49.11 -0.86 6.62
CA ALA B 678 -48.12 -0.90 7.69
C ALA B 678 -46.75 -1.32 7.17
N MET B 679 -46.71 -2.16 6.13
CA MET B 679 -45.44 -2.48 5.49
C MET B 679 -44.80 -1.23 4.91
N GLU B 680 -45.61 -0.37 4.29
CA GLU B 680 -45.09 0.92 3.84
C GLU B 680 -44.65 1.77 5.02
N ARG B 681 -45.39 1.69 6.13
CA ARG B 681 -45.02 2.42 7.35
C ARG B 681 -43.65 1.95 7.85
N GLN B 682 -43.44 0.64 7.89
CA GLN B 682 -42.16 0.10 8.34
C GLN B 682 -41.04 0.48 7.39
N VAL B 683 -41.35 0.57 6.09
CA VAL B 683 -40.36 1.03 5.12
C VAL B 683 -39.90 2.43 5.48
N SER B 684 -40.82 3.29 5.89
CA SER B 684 -40.47 4.66 6.22
C SER B 684 -39.45 4.73 7.35
N ARG B 685 -39.52 3.80 8.30
CA ARG B 685 -38.52 3.78 9.38
C ARG B 685 -37.13 3.50 8.82
N CYS B 686 -36.93 2.28 8.32
CA CYS B 686 -35.63 1.81 7.83
C CYS B 686 -34.50 2.30 8.72
N GLY B 687 -33.39 2.71 8.11
CA GLY B 687 -32.35 3.50 8.73
C GLY B 687 -32.06 3.23 10.19
N GLU B 688 -32.04 4.29 11.00
CA GLU B 688 -31.84 4.22 12.44
C GLU B 688 -30.56 3.49 12.80
N ASN B 689 -30.44 3.06 14.06
CA ASN B 689 -29.33 2.26 14.53
C ASN B 689 -29.85 0.85 14.76
N LEU B 690 -29.24 -0.13 14.10
CA LEU B 690 -29.72 -1.50 14.17
C LEU B 690 -29.69 -2.03 15.60
N MET B 691 -28.61 -1.73 16.33
CA MET B 691 -28.50 -2.20 17.70
C MET B 691 -29.61 -1.63 18.59
N VAL B 692 -29.97 -0.37 18.36
CA VAL B 692 -31.00 0.26 19.17
C VAL B 692 -32.35 -0.44 18.99
N VAL B 693 -32.70 -0.72 17.73
CA VAL B 693 -33.99 -1.38 17.47
C VAL B 693 -33.97 -2.81 17.98
N LEU B 694 -32.87 -3.54 17.74
CA LEU B 694 -32.78 -4.91 18.24
C LEU B 694 -32.84 -4.95 19.76
N HIS B 695 -32.14 -4.01 20.41
CA HIS B 695 -32.21 -3.93 21.87
C HIS B 695 -33.63 -3.61 22.35
N ARG B 696 -34.30 -2.69 21.65
CA ARG B 696 -35.65 -2.30 22.06
C ARG B 696 -36.58 -3.49 22.04
N PHE B 697 -36.44 -4.36 21.03
CA PHE B 697 -37.19 -5.61 21.02
C PHE B 697 -36.79 -6.50 22.17
N CYS B 698 -35.51 -6.50 22.55
CA CYS B 698 -35.03 -7.38 23.60
C CYS B 698 -35.66 -7.02 24.95
N ILE B 699 -35.60 -5.75 25.34
CA ILE B 699 -36.12 -5.36 26.64
C ILE B 699 -37.64 -5.48 26.68
N ASN B 700 -38.32 -5.07 25.61
CA ASN B 700 -39.77 -5.13 25.59
C ASN B 700 -40.28 -6.56 25.64
N GLU B 701 -39.64 -7.47 24.92
CA GLU B 701 -40.08 -8.87 24.89
C GLU B 701 -39.24 -9.69 25.87
N LYS B 702 -39.40 -9.36 27.15
CA LYS B 702 -38.83 -10.16 28.21
C LYS B 702 -39.69 -11.37 28.56
N ILE B 703 -40.95 -11.40 28.11
CA ILE B 703 -41.76 -12.62 28.19
C ILE B 703 -41.42 -13.60 27.09
N LEU B 704 -40.53 -13.22 26.17
CA LEU B 704 -40.09 -14.10 25.10
C LEU B 704 -39.42 -15.36 25.64
N LEU B 705 -38.91 -15.31 26.88
CA LEU B 705 -38.22 -16.45 27.47
C LEU B 705 -39.11 -17.66 27.68
N LEU B 706 -40.43 -17.50 27.57
CA LEU B 706 -41.33 -18.64 27.66
C LEU B 706 -41.03 -19.68 26.59
N GLN B 707 -40.61 -19.23 25.41
CA GLN B 707 -40.31 -20.15 24.32
C GLN B 707 -38.99 -20.87 24.55
N THR B 708 -38.01 -20.19 25.15
CA THR B 708 -36.67 -20.76 25.30
C THR B 708 -36.65 -21.98 26.22
N LEU B 709 -37.73 -22.24 26.96
CA LEU B 709 -37.77 -23.41 27.83
C LEU B 709 -37.75 -24.71 27.05
N THR B 710 -37.97 -24.67 25.75
CA THR B 710 -37.92 -25.86 24.91
C THR B 710 -36.53 -26.50 24.93
N MET C 1 -12.69 -13.34 -37.36
CA MET C 1 -12.08 -12.21 -36.67
C MET C 1 -11.49 -11.21 -37.66
N LYS C 2 -10.17 -11.10 -37.66
CA LYS C 2 -9.47 -10.19 -38.55
C LYS C 2 -9.16 -10.90 -39.87
N ILE C 3 -8.41 -10.23 -40.74
CA ILE C 3 -8.02 -10.85 -42.01
C ILE C 3 -7.12 -12.05 -41.77
N PHE C 4 -6.17 -11.92 -40.84
CA PHE C 4 -5.21 -12.98 -40.55
C PHE C 4 -5.75 -13.81 -39.39
N SER C 5 -6.61 -14.77 -39.72
CA SER C 5 -7.16 -15.70 -38.74
C SER C 5 -6.61 -17.10 -38.99
N GLU C 6 -7.10 -18.07 -38.21
CA GLU C 6 -6.66 -19.45 -38.37
C GLU C 6 -7.11 -20.06 -39.69
N SER C 7 -8.07 -19.45 -40.38
CA SER C 7 -8.52 -19.92 -41.68
C SER C 7 -7.86 -19.19 -42.84
N HIS C 8 -6.95 -18.26 -42.55
CA HIS C 8 -6.28 -17.52 -43.62
C HIS C 8 -5.43 -18.43 -44.49
N LYS C 9 -4.71 -19.36 -43.87
CA LYS C 9 -3.79 -20.25 -44.59
C LYS C 9 -4.30 -21.67 -44.44
N THR C 10 -4.68 -22.30 -45.55
CA THR C 10 -5.01 -23.71 -45.59
C THR C 10 -4.00 -24.40 -46.48
N VAL C 11 -3.27 -25.36 -45.93
CA VAL C 11 -2.19 -26.03 -46.64
C VAL C 11 -2.61 -27.48 -46.83
N PHE C 12 -3.22 -27.77 -47.97
CA PHE C 12 -3.60 -29.14 -48.28
C PHE C 12 -2.37 -29.98 -48.59
N VAL C 13 -2.42 -31.24 -48.16
CA VAL C 13 -1.47 -32.25 -48.59
C VAL C 13 -2.26 -33.49 -48.98
N VAL C 14 -1.65 -34.32 -49.82
CA VAL C 14 -2.31 -35.50 -50.37
C VAL C 14 -1.31 -36.64 -50.40
N ASP C 15 -1.78 -37.84 -50.02
CA ASP C 15 -0.95 -39.02 -50.10
C ASP C 15 -0.69 -39.38 -51.56
N HIS C 16 0.54 -39.81 -51.84
CA HIS C 16 0.92 -40.19 -53.20
C HIS C 16 1.68 -41.52 -53.24
N CYS C 17 1.74 -42.25 -52.14
CA CYS C 17 2.40 -43.54 -52.13
C CYS C 17 1.61 -44.54 -52.97
N PRO C 18 2.27 -45.59 -53.47
CA PRO C 18 1.55 -46.62 -54.23
C PRO C 18 0.44 -47.29 -53.44
N TYR C 19 0.47 -47.23 -52.11
CA TYR C 19 -0.63 -47.75 -51.32
C TYR C 19 -1.94 -47.04 -51.62
N MET C 20 -1.89 -45.74 -51.90
CA MET C 20 -3.09 -44.98 -52.26
C MET C 20 -3.34 -45.02 -53.77
N ALA C 21 -3.41 -46.23 -54.32
CA ALA C 21 -3.69 -46.41 -55.74
C ALA C 21 -4.77 -47.43 -56.04
N GLU C 22 -5.13 -48.31 -55.11
CA GLU C 22 -6.18 -49.28 -55.36
C GLU C 22 -7.54 -48.60 -55.37
N SER C 23 -8.49 -49.22 -56.09
CA SER C 23 -9.84 -48.69 -56.17
C SER C 23 -10.50 -48.70 -54.79
N CYS C 24 -11.58 -47.94 -54.67
CA CYS C 24 -12.26 -47.73 -53.40
C CYS C 24 -13.47 -48.64 -53.22
N ARG C 25 -13.63 -49.65 -54.10
CA ARG C 25 -14.71 -50.64 -53.98
C ARG C 25 -16.09 -49.99 -54.03
N GLN C 26 -16.21 -48.87 -54.74
CA GLN C 26 -17.46 -48.15 -54.89
C GLN C 26 -17.76 -47.94 -56.37
N HIS C 27 -17.68 -49.04 -57.13
CA HIS C 27 -17.81 -48.97 -58.57
C HIS C 27 -19.11 -48.29 -58.99
N VAL C 28 -19.03 -47.46 -60.02
CA VAL C 28 -20.13 -46.61 -60.43
C VAL C 28 -20.84 -47.24 -61.61
N GLU C 29 -21.98 -46.66 -61.99
CA GLU C 29 -22.82 -47.20 -63.05
C GLU C 29 -22.91 -46.17 -64.19
N PHE C 30 -21.76 -45.63 -64.60
CA PHE C 30 -21.71 -44.61 -65.64
C PHE C 30 -22.19 -45.12 -67.00
N ASP C 31 -22.58 -46.40 -67.06
CA ASP C 31 -23.14 -46.99 -68.27
C ASP C 31 -24.65 -47.10 -68.08
N MET C 32 -25.41 -46.34 -68.89
CA MET C 32 -26.86 -46.34 -68.82
C MET C 32 -27.51 -46.85 -70.09
N LEU C 33 -27.09 -46.35 -71.25
CA LEU C 33 -27.66 -46.78 -72.53
C LEU C 33 -26.66 -46.57 -73.66
N ILE C 41 -27.00 -53.19 -75.07
CA ILE C 41 -26.26 -54.44 -75.14
C ILE C 41 -25.71 -54.82 -73.77
N ILE C 42 -24.55 -55.45 -73.75
CA ILE C 42 -23.90 -55.87 -72.51
C ILE C 42 -22.97 -54.75 -72.05
N PRO C 43 -23.21 -54.14 -70.90
CA PRO C 43 -22.33 -53.07 -70.42
C PRO C 43 -21.02 -53.65 -69.88
N LEU C 44 -20.04 -52.75 -69.74
CA LEU C 44 -18.74 -53.14 -69.21
C LEU C 44 -18.79 -53.28 -67.69
N ALA C 45 -17.69 -53.77 -67.14
CA ALA C 45 -17.60 -53.91 -65.69
C ALA C 45 -17.64 -52.54 -65.03
N PRO C 46 -18.38 -52.40 -63.92
CA PRO C 46 -18.43 -51.09 -63.24
C PRO C 46 -17.06 -50.68 -62.75
N ILE C 47 -16.79 -49.38 -62.82
CA ILE C 47 -15.47 -48.81 -62.57
C ILE C 47 -15.52 -48.02 -61.27
N SER C 48 -14.50 -48.21 -60.43
CA SER C 48 -14.38 -47.52 -59.17
C SER C 48 -13.19 -46.58 -59.20
N LYS C 49 -13.39 -45.36 -58.69
CA LYS C 49 -12.31 -44.39 -58.62
C LYS C 49 -11.26 -44.81 -57.60
N SER C 50 -10.00 -44.48 -57.88
CA SER C 50 -8.93 -44.80 -56.96
C SER C 50 -9.03 -43.93 -55.71
N LEU C 51 -8.31 -44.35 -54.66
CA LEU C 51 -8.30 -43.56 -53.43
C LEU C 51 -7.68 -42.18 -53.67
N TRP C 52 -6.59 -42.12 -54.42
CA TRP C 52 -5.97 -40.84 -54.73
C TRP C 52 -6.91 -39.96 -55.52
N THR C 53 -7.60 -40.53 -56.51
CA THR C 53 -8.52 -39.74 -57.31
C THR C 53 -9.66 -39.20 -56.46
N CYS C 54 -10.22 -40.03 -55.58
CA CYS C 54 -11.30 -39.56 -54.72
C CYS C 54 -10.83 -38.45 -53.79
N SER C 55 -9.65 -38.61 -53.21
CA SER C 55 -9.12 -37.58 -52.31
C SER C 55 -8.89 -36.28 -53.06
N VAL C 56 -8.29 -36.35 -54.24
CA VAL C 56 -8.02 -35.15 -55.03
C VAL C 56 -9.32 -34.48 -55.42
N GLU C 57 -10.32 -35.27 -55.83
CA GLU C 57 -11.61 -34.72 -56.23
C GLU C 57 -12.29 -33.99 -55.07
N SER C 58 -12.29 -34.61 -53.89
CA SER C 58 -12.94 -33.98 -52.75
C SER C 58 -12.20 -32.72 -52.33
N SER C 59 -10.86 -32.76 -52.34
CA SER C 59 -10.08 -31.56 -52.04
C SER C 59 -10.38 -30.46 -53.04
N MET C 60 -10.54 -30.82 -54.31
CA MET C 60 -10.78 -29.81 -55.33
C MET C 60 -12.17 -29.20 -55.17
N GLU C 61 -13.16 -29.99 -54.77
CA GLU C 61 -14.47 -29.44 -54.46
C GLU C 61 -14.39 -28.46 -53.29
N TYR C 62 -13.64 -28.85 -52.24
CA TYR C 62 -13.42 -27.94 -51.12
C TYR C 62 -12.83 -26.62 -51.60
N CYS C 63 -11.79 -26.69 -52.43
CA CYS C 63 -11.14 -25.46 -52.90
C CYS C 63 -12.04 -24.66 -53.83
N ARG C 64 -12.90 -25.32 -54.61
CA ARG C 64 -13.82 -24.59 -55.46
C ARG C 64 -14.80 -23.79 -54.63
N ILE C 65 -15.33 -24.39 -53.57
CA ILE C 65 -16.22 -23.63 -52.68
C ILE C 65 -15.46 -22.50 -52.01
N MET C 66 -14.26 -22.79 -51.51
CA MET C 66 -13.33 -21.77 -51.02
C MET C 66 -13.27 -20.55 -51.92
N TYR C 67 -12.95 -20.77 -53.19
CA TYR C 67 -12.73 -19.65 -54.10
C TYR C 67 -14.04 -18.97 -54.47
N ASP C 68 -15.12 -19.73 -54.59
CA ASP C 68 -16.40 -19.13 -54.98
C ASP C 68 -16.91 -18.17 -53.92
N ILE C 69 -16.84 -18.54 -52.64
CA ILE C 69 -17.36 -17.62 -51.62
C ILE C 69 -16.33 -16.59 -51.18
N PHE C 70 -15.04 -16.92 -51.19
CA PHE C 70 -14.00 -16.03 -50.68
C PHE C 70 -12.94 -15.83 -51.76
N PRO C 71 -13.25 -15.04 -52.80
CA PRO C 71 -12.25 -14.82 -53.85
C PRO C 71 -10.98 -14.17 -53.36
N PHE C 72 -11.08 -13.26 -52.40
CA PHE C 72 -9.94 -12.48 -51.93
C PHE C 72 -9.67 -12.76 -50.46
N LYS C 73 -8.39 -12.62 -50.09
CA LYS C 73 -7.90 -12.69 -48.71
C LYS C 73 -7.98 -14.09 -48.12
N LYS C 74 -8.06 -15.13 -48.94
CA LYS C 74 -8.01 -16.52 -48.47
C LYS C 74 -7.25 -17.34 -49.51
N LEU C 75 -6.05 -17.78 -49.16
CA LEU C 75 -5.22 -18.58 -50.05
C LEU C 75 -5.21 -20.04 -49.60
N VAL C 76 -4.65 -20.90 -50.45
CA VAL C 76 -4.57 -22.33 -50.17
C VAL C 76 -3.48 -22.93 -51.05
N ASN C 77 -2.71 -23.84 -50.45
CA ASN C 77 -1.63 -24.53 -51.14
C ASN C 77 -2.06 -25.95 -51.50
N PHE C 78 -1.12 -26.71 -52.09
CA PHE C 78 -1.37 -28.10 -52.46
C PHE C 78 -0.02 -28.80 -52.51
N ILE C 79 0.17 -29.80 -51.64
CA ILE C 79 1.46 -30.47 -51.48
C ILE C 79 1.19 -31.98 -51.58
N VAL C 80 1.34 -32.53 -52.78
CA VAL C 80 1.32 -33.98 -52.92
C VAL C 80 2.52 -34.56 -52.18
N SER C 81 2.30 -35.70 -51.52
CA SER C 81 3.33 -36.32 -50.69
C SER C 81 3.79 -37.60 -51.38
N ASP C 82 4.82 -37.47 -52.21
CA ASP C 82 5.38 -38.56 -52.99
C ASP C 82 6.84 -38.77 -52.55
N SER C 83 7.57 -39.55 -53.35
CA SER C 83 9.00 -39.73 -53.09
C SER C 83 9.69 -38.37 -52.96
N GLY C 84 9.30 -37.41 -53.77
CA GLY C 84 9.65 -36.02 -53.54
C GLY C 84 8.49 -35.25 -52.93
N ALA C 85 8.82 -34.07 -52.41
CA ALA C 85 7.83 -33.18 -51.78
C ALA C 85 7.66 -31.99 -52.70
N HIS C 86 6.51 -31.91 -53.36
CA HIS C 86 6.23 -30.84 -54.31
C HIS C 86 5.15 -29.92 -53.76
N VAL C 87 5.42 -28.62 -53.79
CA VAL C 87 4.42 -27.60 -53.52
C VAL C 87 3.88 -27.15 -54.88
N LEU C 88 2.56 -27.24 -55.05
CA LEU C 88 2.01 -27.14 -56.39
C LEU C 88 1.59 -25.72 -56.76
N ASN C 89 1.36 -24.85 -55.78
CA ASN C 89 1.07 -23.45 -56.08
C ASN C 89 1.51 -22.59 -54.90
N SER C 90 1.88 -21.36 -55.20
CA SER C 90 2.42 -20.44 -54.22
C SER C 90 1.27 -19.64 -53.59
N TRP C 91 1.62 -18.62 -52.82
CA TRP C 91 0.64 -17.86 -52.04
C TRP C 91 0.13 -16.62 -52.73
N THR C 92 0.76 -16.18 -53.82
CA THR C 92 0.29 -14.98 -54.49
C THR C 92 -1.09 -15.21 -55.08
N GLN C 93 -1.93 -14.17 -55.02
CA GLN C 93 -3.30 -14.30 -55.49
C GLN C 93 -3.38 -14.64 -56.97
N GLU C 94 -2.37 -14.22 -57.74
CA GLU C 94 -2.35 -14.53 -59.17
C GLU C 94 -2.08 -16.00 -59.46
N ASP C 95 -1.63 -16.77 -58.47
CA ASP C 95 -1.35 -18.18 -58.66
C ASP C 95 -2.31 -19.10 -57.90
N GLN C 96 -3.11 -18.55 -56.99
CA GLN C 96 -4.08 -19.36 -56.24
C GLN C 96 -5.37 -19.46 -57.06
N ASN C 97 -5.28 -20.21 -58.16
CA ASN C 97 -6.36 -20.34 -59.13
C ASN C 97 -6.75 -21.79 -59.32
N LEU C 98 -7.99 -22.00 -59.75
CA LEU C 98 -8.50 -23.35 -59.93
C LEU C 98 -7.86 -24.05 -61.11
N GLN C 99 -7.79 -23.37 -62.26
CA GLN C 99 -7.29 -24.03 -63.46
C GLN C 99 -5.80 -24.33 -63.36
N GLU C 100 -5.03 -23.45 -62.71
CA GLU C 100 -3.62 -23.75 -62.49
C GLU C 100 -3.46 -24.97 -61.60
N LEU C 101 -4.33 -25.12 -60.59
CA LEU C 101 -4.28 -26.32 -59.76
C LEU C 101 -4.63 -27.56 -60.57
N MET C 102 -5.62 -27.46 -61.46
CA MET C 102 -5.92 -28.55 -62.36
C MET C 102 -4.69 -28.94 -63.17
N ALA C 103 -4.00 -27.94 -63.72
CA ALA C 103 -2.81 -28.20 -64.52
C ALA C 103 -1.73 -28.86 -63.68
N ALA C 104 -1.54 -28.40 -62.45
CA ALA C 104 -0.52 -28.95 -61.58
C ALA C 104 -0.80 -30.41 -61.27
N LEU C 105 -2.06 -30.73 -60.94
CA LEU C 105 -2.41 -32.11 -60.65
C LEU C 105 -2.25 -32.98 -61.89
N ALA C 106 -2.63 -32.46 -63.06
CA ALA C 106 -2.47 -33.22 -64.29
C ALA C 106 -1.00 -33.52 -64.57
N ALA C 107 -0.13 -32.53 -64.36
CA ALA C 107 1.29 -32.76 -64.55
C ALA C 107 1.85 -33.71 -63.49
N VAL C 108 1.22 -33.76 -62.31
CA VAL C 108 1.67 -34.70 -61.28
C VAL C 108 1.53 -36.13 -61.76
N GLY C 109 0.40 -36.45 -62.39
CA GLY C 109 0.17 -37.76 -62.95
C GLY C 109 -0.40 -38.73 -61.95
N PRO C 110 -0.95 -39.84 -62.45
CA PRO C 110 -1.50 -40.85 -61.54
C PRO C 110 -0.40 -41.46 -60.72
N PRO C 111 -0.70 -41.91 -59.50
CA PRO C 111 0.31 -42.55 -58.66
C PRO C 111 0.88 -43.79 -59.34
N ASN C 112 2.19 -43.97 -59.19
CA ASN C 112 2.84 -45.13 -59.78
C ASN C 112 2.47 -46.39 -59.00
N PRO C 113 1.99 -47.44 -59.65
CA PRO C 113 1.50 -48.61 -58.90
C PRO C 113 2.62 -49.43 -58.27
N ARG C 114 3.72 -49.66 -58.99
CA ARG C 114 4.76 -50.56 -58.54
C ARG C 114 6.14 -49.95 -58.74
N ALA C 115 6.28 -48.68 -58.38
CA ALA C 115 7.59 -48.04 -58.44
C ALA C 115 8.43 -48.40 -57.21
N ASP C 116 8.04 -47.87 -56.05
CA ASP C 116 8.71 -48.18 -54.79
C ASP C 116 7.73 -47.94 -53.64
N PRO C 117 7.02 -48.99 -53.20
CA PRO C 117 5.96 -48.76 -52.20
C PRO C 117 6.47 -48.25 -50.86
N GLU C 118 7.48 -48.88 -50.29
CA GLU C 118 7.95 -48.55 -48.96
C GLU C 118 9.06 -47.51 -48.96
N CYS C 119 9.39 -46.94 -50.11
CA CYS C 119 10.48 -45.96 -50.17
C CYS C 119 10.15 -44.68 -49.41
N CYS C 120 8.88 -44.26 -49.42
CA CYS C 120 8.53 -42.97 -48.84
C CYS C 120 7.16 -43.06 -48.19
N SER C 121 6.92 -42.11 -47.28
CA SER C 121 5.61 -41.95 -46.65
C SER C 121 5.23 -40.48 -46.68
N ILE C 122 4.17 -40.10 -45.96
CA ILE C 122 3.65 -38.74 -46.06
C ILE C 122 4.31 -37.78 -45.08
N LEU C 123 5.36 -38.20 -44.37
CA LEU C 123 6.04 -37.30 -43.45
C LEU C 123 6.67 -36.13 -44.20
N HIS C 124 7.18 -36.38 -45.41
CA HIS C 124 7.72 -35.31 -46.22
C HIS C 124 6.65 -34.26 -46.53
N GLY C 125 5.42 -34.70 -46.79
CA GLY C 125 4.34 -33.75 -47.02
C GLY C 125 4.09 -32.88 -45.81
N LEU C 126 4.06 -33.47 -44.62
CA LEU C 126 3.81 -32.70 -43.41
C LEU C 126 4.94 -31.71 -43.14
N VAL C 127 6.19 -32.15 -43.30
CA VAL C 127 7.31 -31.25 -43.04
C VAL C 127 7.35 -30.12 -44.06
N ALA C 128 6.99 -30.41 -45.32
CA ALA C 128 6.90 -29.36 -46.31
C ALA C 128 5.78 -28.38 -45.97
N ALA C 129 4.63 -28.89 -45.51
CA ALA C 129 3.53 -28.03 -45.15
C ALA C 129 3.90 -27.10 -44.02
N VAL C 130 4.55 -27.63 -42.98
CA VAL C 130 4.97 -26.75 -41.89
C VAL C 130 6.07 -25.81 -42.37
N GLU C 131 6.87 -26.23 -43.35
CA GLU C 131 7.85 -25.32 -43.94
C GLU C 131 7.17 -24.24 -44.76
N THR C 132 6.19 -24.62 -45.58
CA THR C 132 5.49 -23.66 -46.43
C THR C 132 4.62 -22.73 -45.59
N LEU C 133 4.00 -23.25 -44.53
CA LEU C 133 3.07 -22.46 -43.74
C LEU C 133 3.75 -21.28 -43.06
N CYS C 134 5.04 -21.39 -42.78
CA CYS C 134 5.75 -20.34 -42.04
C CYS C 134 6.05 -19.11 -42.91
N LYS C 135 5.89 -19.21 -44.23
CA LYS C 135 6.17 -18.07 -45.08
C LYS C 135 5.10 -16.99 -44.91
N ILE C 136 5.30 -15.87 -45.59
CA ILE C 136 4.43 -14.70 -45.47
C ILE C 136 3.66 -14.52 -46.77
N THR C 137 2.35 -14.30 -46.64
CA THR C 137 1.53 -14.05 -47.82
C THR C 137 1.76 -12.63 -48.32
N GLU C 138 1.22 -12.35 -49.51
CA GLU C 138 1.25 -10.99 -50.02
C GLU C 138 0.51 -10.04 -49.10
N TYR C 139 -0.64 -10.47 -48.59
CA TYR C 139 -1.37 -9.65 -47.63
C TYR C 139 -0.60 -9.48 -46.32
N GLN C 140 0.05 -10.55 -45.85
CA GLN C 140 0.86 -10.43 -44.64
C GLN C 140 2.02 -9.47 -44.85
N HIS C 141 2.69 -9.56 -46.00
CA HIS C 141 3.78 -8.63 -46.30
C HIS C 141 3.28 -7.20 -46.39
N GLU C 142 2.12 -6.99 -47.03
CA GLU C 142 1.56 -5.64 -47.12
C GLU C 142 1.22 -5.08 -45.75
N ALA C 143 0.63 -5.90 -44.88
CA ALA C 143 0.32 -5.46 -43.53
C ALA C 143 1.59 -5.14 -42.75
N ARG C 144 2.62 -5.97 -42.89
CA ARG C 144 3.88 -5.72 -42.20
C ARG C 144 4.51 -4.41 -42.66
N THR C 145 4.51 -4.16 -43.97
CA THR C 145 5.05 -2.90 -44.48
C THR C 145 4.22 -1.71 -44.04
N LEU C 146 2.89 -1.84 -44.03
CA LEU C 146 2.03 -0.73 -43.64
C LEU C 146 2.22 -0.36 -42.17
N LEU C 147 2.27 -1.37 -41.30
CA LEU C 147 2.44 -1.14 -39.86
C LEU C 147 3.94 -1.16 -39.59
N MET C 148 4.53 0.03 -39.49
CA MET C 148 5.98 0.16 -39.37
C MET C 148 6.41 0.18 -37.91
N GLU C 149 7.53 -0.49 -37.64
CA GLU C 149 8.21 -0.54 -36.34
C GLU C 149 7.41 -1.27 -35.27
N ASN C 150 6.18 -1.71 -35.57
CA ASN C 150 5.39 -2.46 -34.60
C ASN C 150 4.66 -3.62 -35.28
N ALA C 151 5.23 -4.17 -36.34
CA ALA C 151 4.61 -5.25 -37.10
C ALA C 151 4.79 -6.59 -36.39
N GLU C 152 4.35 -6.61 -35.12
CA GLU C 152 4.38 -7.82 -34.32
C GLU C 152 3.00 -8.37 -34.00
N ARG C 153 1.97 -7.52 -34.00
CA ARG C 153 0.61 -7.96 -33.73
C ARG C 153 -0.10 -8.40 -35.01
N VAL C 154 0.56 -9.27 -35.78
CA VAL C 154 -0.03 -9.87 -36.98
C VAL C 154 0.20 -11.39 -36.88
N GLY C 155 -0.83 -12.11 -36.44
CA GLY C 155 -0.69 -13.54 -36.28
C GLY C 155 -0.62 -14.24 -37.63
N ASN C 156 0.23 -15.27 -37.71
CA ASN C 156 0.36 -16.08 -38.91
C ASN C 156 -0.33 -17.43 -38.77
N ARG C 157 -1.43 -17.48 -38.02
CA ARG C 157 -2.11 -18.74 -37.75
C ARG C 157 -2.64 -19.34 -39.04
N GLY C 158 -2.42 -20.65 -39.21
CA GLY C 158 -2.87 -21.34 -40.40
C GLY C 158 -3.62 -22.62 -40.11
N ARG C 159 -3.63 -23.55 -41.07
CA ARG C 159 -4.30 -24.83 -40.90
C ARG C 159 -3.81 -25.83 -41.94
N ILE C 160 -3.45 -27.03 -41.51
CA ILE C 160 -2.95 -28.07 -42.40
C ILE C 160 -3.95 -29.22 -42.43
N ILE C 161 -4.19 -29.76 -43.62
CA ILE C 161 -5.16 -30.83 -43.83
C ILE C 161 -4.47 -31.96 -44.59
N CYS C 162 -4.65 -33.19 -44.11
CA CYS C 162 -4.00 -34.34 -44.70
C CYS C 162 -5.01 -35.42 -45.06
N ILE C 163 -4.84 -36.01 -46.23
CA ILE C 163 -5.61 -37.17 -46.67
C ILE C 163 -4.63 -38.29 -46.96
N THR C 164 -4.82 -39.42 -46.27
CA THR C 164 -3.87 -40.52 -46.38
C THR C 164 -4.55 -41.80 -45.92
N ASN C 165 -3.89 -42.93 -46.22
CA ASN C 165 -4.34 -44.26 -45.82
C ASN C 165 -3.35 -44.77 -44.77
N ALA C 166 -3.62 -44.44 -43.50
CA ALA C 166 -2.73 -44.83 -42.42
C ALA C 166 -2.87 -46.31 -42.11
N LYS C 167 -1.75 -46.93 -41.74
CA LYS C 167 -1.76 -48.35 -41.41
C LYS C 167 -2.40 -48.62 -40.05
N SER C 168 -2.08 -47.80 -39.04
CA SER C 168 -2.58 -48.01 -37.70
C SER C 168 -2.49 -46.71 -36.92
N ASP C 169 -3.16 -46.68 -35.76
CA ASP C 169 -3.12 -45.51 -34.90
C ASP C 169 -1.72 -45.23 -34.36
N SER C 170 -0.87 -46.26 -34.27
CA SER C 170 0.52 -46.02 -33.89
C SER C 170 1.21 -45.13 -34.90
N HIS C 171 0.96 -45.35 -36.19
CA HIS C 171 1.46 -44.46 -37.23
C HIS C 171 0.91 -43.05 -37.04
N VAL C 172 -0.36 -42.94 -36.65
CA VAL C 172 -0.97 -41.63 -36.45
C VAL C 172 -0.24 -40.87 -35.36
N ARG C 173 0.00 -41.53 -34.21
CA ARG C 173 0.74 -40.89 -33.14
C ARG C 173 2.17 -40.58 -33.59
N MET C 174 2.76 -41.45 -34.41
CA MET C 174 4.11 -41.23 -34.90
C MET C 174 4.20 -39.92 -35.68
N LEU C 175 3.33 -39.72 -36.65
CA LEU C 175 3.44 -38.47 -37.40
C LEU C 175 2.90 -37.29 -36.62
N GLU C 176 2.07 -37.52 -35.58
CA GLU C 176 1.73 -36.42 -34.68
C GLU C 176 2.97 -35.90 -33.95
N ASP C 177 3.77 -36.82 -33.40
CA ASP C 177 5.01 -36.40 -32.77
C ASP C 177 5.95 -35.78 -33.79
N CYS C 178 5.98 -36.33 -35.01
CA CYS C 178 6.84 -35.77 -36.05
C CYS C 178 6.45 -34.34 -36.39
N VAL C 179 5.15 -34.07 -36.55
CA VAL C 179 4.71 -32.73 -36.92
C VAL C 179 4.92 -31.76 -35.76
N GLN C 180 4.73 -32.23 -34.52
CA GLN C 180 5.02 -31.36 -33.38
C GLN C 180 6.50 -30.99 -33.34
N GLU C 181 7.38 -31.98 -33.52
CA GLU C 181 8.81 -31.71 -33.52
C GLU C 181 9.19 -30.76 -34.64
N THR C 182 8.65 -30.97 -35.83
CA THR C 182 9.05 -30.13 -36.95
C THR C 182 8.45 -28.72 -36.86
N ILE C 183 7.28 -28.56 -36.27
CA ILE C 183 6.77 -27.19 -36.09
C ILE C 183 7.58 -26.46 -35.02
N HIS C 184 8.01 -27.17 -33.97
CA HIS C 184 8.91 -26.56 -33.01
C HIS C 184 10.22 -26.14 -33.67
N GLU C 185 10.78 -27.02 -34.50
CA GLU C 185 12.02 -26.70 -35.20
C GLU C 185 11.84 -25.52 -36.16
N HIS C 186 10.70 -25.48 -36.87
CA HIS C 186 10.43 -24.38 -37.78
C HIS C 186 10.29 -23.06 -37.03
N ASN C 187 9.61 -23.08 -35.89
CA ASN C 187 9.50 -21.86 -35.07
C ASN C 187 10.86 -21.40 -34.59
N LYS C 188 11.70 -22.34 -34.15
CA LYS C 188 13.05 -21.99 -33.71
C LYS C 188 13.85 -21.38 -34.85
N LEU C 189 13.76 -21.96 -36.05
CA LEU C 189 14.50 -21.44 -37.20
C LEU C 189 13.99 -20.08 -37.62
N ALA C 190 12.67 -19.87 -37.57
CA ALA C 190 12.09 -18.59 -37.97
C ALA C 190 12.27 -17.50 -36.93
N ALA C 191 12.61 -17.88 -35.68
CA ALA C 191 12.86 -16.87 -34.66
C ALA C 191 14.04 -15.98 -35.04
N ASN C 192 15.13 -16.59 -35.53
CA ASN C 192 16.30 -15.81 -35.90
C ASN C 192 16.11 -15.12 -37.25
N SER C 193 15.42 -15.76 -38.18
CA SER C 193 15.28 -15.20 -39.53
C SER C 193 14.30 -14.03 -39.52
N ASP C 194 14.31 -13.28 -40.63
CA ASP C 194 13.46 -12.11 -40.79
C ASP C 194 12.29 -12.34 -41.74
N HIS C 195 12.53 -12.92 -42.91
CA HIS C 195 11.47 -13.15 -43.89
C HIS C 195 10.81 -14.52 -43.69
N LEU C 196 10.41 -14.79 -42.46
CA LEU C 196 9.70 -16.03 -42.14
C LEU C 196 8.99 -15.83 -40.82
N MET C 197 7.66 -15.87 -40.84
CA MET C 197 6.89 -15.63 -39.63
C MET C 197 6.90 -16.87 -38.73
N GLN C 198 6.59 -16.65 -37.46
CA GLN C 198 6.49 -17.72 -36.48
C GLN C 198 5.03 -18.11 -36.29
N ILE C 199 4.74 -19.39 -36.51
CA ILE C 199 3.37 -19.86 -36.42
C ILE C 199 2.86 -19.73 -35.00
N GLN C 200 1.70 -19.10 -34.84
CA GLN C 200 1.05 -18.97 -33.55
C GLN C 200 0.01 -20.05 -33.30
N LYS C 201 -0.61 -20.56 -34.36
CA LYS C 201 -1.56 -21.66 -34.24
C LYS C 201 -1.68 -22.34 -35.60
N CYS C 202 -1.32 -23.62 -35.65
CA CYS C 202 -1.42 -24.41 -36.87
C CYS C 202 -2.35 -25.59 -36.58
N GLU C 203 -3.65 -25.35 -36.70
CA GLU C 203 -4.62 -26.41 -36.52
C GLU C 203 -4.41 -27.50 -37.57
N LEU C 204 -4.40 -28.76 -37.13
CA LEU C 204 -4.11 -29.88 -38.00
C LEU C 204 -5.31 -30.80 -38.07
N VAL C 205 -5.58 -31.31 -39.27
CA VAL C 205 -6.61 -32.32 -39.51
C VAL C 205 -5.98 -33.45 -40.29
N LEU C 206 -6.21 -34.68 -39.85
CA LEU C 206 -5.51 -35.83 -40.40
C LEU C 206 -6.49 -36.88 -40.92
N ILE C 207 -7.43 -36.44 -41.76
CA ILE C 207 -8.45 -37.34 -42.30
C ILE C 207 -7.80 -38.59 -42.88
N HIS C 208 -8.48 -39.72 -42.71
CA HIS C 208 -8.04 -41.00 -43.25
C HIS C 208 -9.13 -41.54 -44.16
N THR C 209 -8.73 -42.23 -45.22
CA THR C 209 -9.67 -42.81 -46.16
C THR C 209 -9.36 -44.29 -46.35
N TYR C 210 -10.40 -45.06 -46.67
CA TYR C 210 -10.26 -46.49 -46.89
C TYR C 210 -11.35 -46.94 -47.85
N PRO C 211 -11.09 -47.95 -48.67
CA PRO C 211 -12.16 -48.51 -49.51
C PRO C 211 -13.28 -49.08 -48.64
N VAL C 212 -14.51 -48.96 -49.13
CA VAL C 212 -15.65 -49.46 -48.39
C VAL C 212 -15.59 -50.98 -48.31
N GLY C 213 -16.15 -51.53 -47.24
CA GLY C 213 -16.08 -52.95 -46.98
C GLY C 213 -14.87 -53.37 -46.18
N GLU C 214 -13.96 -52.45 -45.87
CA GLU C 214 -12.77 -52.74 -45.07
C GLU C 214 -12.89 -52.09 -43.70
N ASP C 215 -12.36 -52.77 -42.69
CA ASP C 215 -12.42 -52.27 -41.33
C ASP C 215 -11.59 -51.00 -41.19
N SER C 216 -12.04 -50.11 -40.31
CA SER C 216 -11.35 -48.86 -40.03
C SER C 216 -10.22 -49.15 -39.05
N LEU C 217 -9.00 -49.22 -39.56
CA LEU C 217 -7.84 -49.51 -38.71
C LEU C 217 -7.59 -48.41 -37.69
N VAL C 218 -8.09 -47.20 -37.94
CA VAL C 218 -7.89 -46.05 -37.05
C VAL C 218 -9.27 -45.55 -36.62
N SER C 219 -9.48 -45.50 -35.31
CA SER C 219 -10.73 -44.98 -34.77
C SER C 219 -10.70 -43.45 -34.74
N ASP C 220 -11.89 -42.85 -34.67
CA ASP C 220 -11.98 -41.41 -34.59
C ASP C 220 -11.38 -40.90 -33.29
N ARG C 221 -10.67 -39.78 -33.37
CA ARG C 221 -10.08 -39.15 -32.20
C ARG C 221 -10.56 -37.71 -32.12
N SER C 222 -10.92 -37.29 -30.90
CA SER C 222 -11.42 -35.95 -30.68
C SER C 222 -10.27 -34.96 -30.72
N LYS C 223 -10.56 -33.69 -30.45
CA LYS C 223 -9.53 -32.66 -30.47
C LYS C 223 -8.54 -32.89 -29.33
N LYS C 224 -7.25 -32.79 -29.66
CA LYS C 224 -6.19 -32.98 -28.67
C LYS C 224 -5.06 -32.03 -29.01
N GLU C 225 -4.68 -31.18 -28.04
CA GLU C 225 -3.65 -30.17 -28.25
C GLU C 225 -2.33 -30.71 -27.70
N LEU C 226 -1.53 -31.29 -28.59
CA LEU C 226 -0.19 -31.73 -28.19
C LEU C 226 0.74 -30.54 -27.93
N SER C 227 0.35 -29.35 -28.36
CA SER C 227 1.13 -28.14 -28.13
C SER C 227 0.21 -26.94 -28.28
N PRO C 228 0.58 -25.79 -27.72
CA PRO C 228 -0.26 -24.60 -27.89
C PRO C 228 -0.20 -24.03 -29.30
N VAL C 229 0.45 -24.74 -30.21
CA VAL C 229 0.62 -24.30 -31.59
C VAL C 229 0.07 -25.37 -32.52
N LEU C 230 -0.58 -26.38 -31.96
CA LEU C 230 -1.08 -27.50 -32.74
C LEU C 230 -2.36 -28.02 -32.10
N THR C 231 -3.33 -28.40 -32.94
CA THR C 231 -4.61 -28.95 -32.49
C THR C 231 -4.93 -30.17 -33.34
N SER C 232 -4.60 -31.35 -32.84
CA SER C 232 -4.85 -32.59 -33.57
C SER C 232 -6.34 -32.89 -33.57
N GLU C 233 -6.90 -33.09 -34.75
CA GLU C 233 -8.33 -33.35 -34.92
C GLU C 233 -8.52 -34.49 -35.92
N VAL C 234 -7.78 -35.59 -35.71
CA VAL C 234 -7.77 -36.67 -36.68
C VAL C 234 -9.16 -37.26 -36.83
N HIS C 235 -9.67 -37.27 -38.06
CA HIS C 235 -10.95 -37.88 -38.40
C HIS C 235 -10.70 -39.18 -39.15
N SER C 236 -11.80 -39.82 -39.58
CA SER C 236 -11.72 -41.06 -40.34
C SER C 236 -13.08 -41.32 -40.97
N VAL C 237 -13.08 -41.62 -42.27
CA VAL C 237 -14.31 -41.91 -43.00
C VAL C 237 -13.93 -42.64 -44.28
N ARG C 238 -14.90 -43.38 -44.84
CA ARG C 238 -14.65 -44.13 -46.05
C ARG C 238 -14.49 -43.20 -47.25
N ALA C 239 -13.99 -43.77 -48.35
CA ALA C 239 -13.77 -43.01 -49.57
C ALA C 239 -15.09 -42.75 -50.28
N GLY C 240 -14.99 -42.12 -51.45
CA GLY C 240 -16.16 -41.85 -52.25
C GLY C 240 -17.04 -40.73 -51.74
N ARG C 241 -18.35 -40.97 -51.70
CA ARG C 241 -19.29 -39.94 -51.28
C ARG C 241 -19.07 -39.51 -49.84
N HIS C 242 -18.70 -40.45 -48.97
CA HIS C 242 -18.48 -40.09 -47.57
C HIS C 242 -17.37 -39.07 -47.41
N LEU C 243 -16.26 -39.26 -48.14
CA LEU C 243 -15.15 -38.31 -48.06
C LEU C 243 -15.55 -36.95 -48.59
N ALA C 244 -16.34 -36.92 -49.68
CA ALA C 244 -16.81 -35.65 -50.23
C ALA C 244 -17.70 -34.93 -49.22
N THR C 245 -18.60 -35.66 -48.56
CA THR C 245 -19.45 -35.05 -47.54
C THR C 245 -18.62 -34.55 -46.36
N LYS C 246 -17.59 -35.31 -45.99
CA LYS C 246 -16.74 -34.90 -44.87
C LYS C 246 -16.00 -33.61 -45.19
N LEU C 247 -15.46 -33.51 -46.41
CA LEU C 247 -14.80 -32.26 -46.78
C LEU C 247 -15.80 -31.12 -46.93
N ASN C 248 -17.03 -31.42 -47.33
CA ASN C 248 -18.06 -30.38 -47.41
C ASN C 248 -18.37 -29.83 -46.02
N ILE C 249 -18.58 -30.70 -45.04
CA ILE C 249 -18.85 -30.20 -43.69
C ILE C 249 -17.62 -29.52 -43.13
N LEU C 250 -16.43 -29.97 -43.54
CA LEU C 250 -15.20 -29.28 -43.13
C LEU C 250 -15.17 -27.85 -43.64
N VAL C 251 -15.49 -27.65 -44.93
CA VAL C 251 -15.42 -26.30 -45.49
C VAL C 251 -16.54 -25.43 -44.91
N GLN C 252 -17.66 -26.04 -44.55
CA GLN C 252 -18.71 -25.29 -43.86
C GLN C 252 -18.25 -24.86 -42.47
N GLN C 253 -17.54 -25.75 -41.76
CA GLN C 253 -17.18 -25.48 -40.37
C GLN C 253 -16.02 -24.50 -40.26
N HIS C 254 -15.03 -24.61 -41.17
CA HIS C 254 -13.80 -23.84 -41.03
C HIS C 254 -14.04 -22.34 -41.09
N PHE C 255 -14.88 -21.89 -42.02
CA PHE C 255 -15.04 -20.48 -42.31
C PHE C 255 -16.38 -19.94 -41.83
N ASP C 256 -17.04 -20.68 -40.93
CA ASP C 256 -18.36 -20.31 -40.40
C ASP C 256 -19.34 -20.05 -41.55
N LEU C 257 -19.41 -21.01 -42.46
CA LEU C 257 -20.32 -20.90 -43.59
C LEU C 257 -21.75 -21.23 -43.15
N ALA C 258 -22.65 -21.33 -44.12
CA ALA C 258 -24.04 -21.67 -43.85
C ALA C 258 -24.64 -22.24 -45.12
N SER C 259 -25.79 -22.90 -44.98
CA SER C 259 -26.47 -23.51 -46.09
C SER C 259 -27.83 -22.85 -46.31
N THR C 260 -28.30 -22.92 -47.55
CA THR C 260 -29.61 -22.42 -47.92
C THR C 260 -30.21 -23.41 -48.91
N THR C 261 -31.54 -23.49 -48.93
CA THR C 261 -32.24 -24.55 -49.64
C THR C 261 -33.38 -23.96 -50.48
N ILE C 262 -33.04 -23.00 -51.33
CA ILE C 262 -34.02 -22.35 -52.20
C ILE C 262 -34.87 -23.40 -52.90
N THR C 263 -36.18 -23.31 -52.71
CA THR C 263 -37.13 -24.26 -53.29
C THR C 263 -38.24 -23.53 -54.02
N ASN C 264 -39.29 -24.27 -54.41
CA ASN C 264 -40.45 -23.69 -55.08
C ASN C 264 -40.06 -23.05 -56.41
N ILE C 265 -39.02 -23.59 -57.05
CA ILE C 265 -38.51 -23.04 -58.32
C ILE C 265 -39.45 -23.47 -59.43
N PRO C 266 -40.01 -22.53 -60.19
CA PRO C 266 -40.80 -22.91 -61.37
C PRO C 266 -39.93 -23.57 -62.42
N MET C 267 -40.52 -24.52 -63.15
CA MET C 267 -39.79 -25.25 -64.18
C MET C 267 -40.74 -25.77 -65.26
N TYR C 279 -36.91 -28.42 -59.19
CA TYR C 279 -36.48 -29.10 -57.98
C TYR C 279 -35.74 -28.14 -57.05
N ASP C 280 -35.36 -28.63 -55.88
CA ASP C 280 -34.68 -27.81 -54.90
C ASP C 280 -33.24 -27.52 -55.34
N VAL C 281 -32.66 -26.49 -54.72
CA VAL C 281 -31.27 -26.14 -54.94
C VAL C 281 -30.66 -25.72 -53.61
N GLU C 282 -29.36 -25.93 -53.47
CA GLU C 282 -28.63 -25.63 -52.25
C GLU C 282 -27.51 -24.64 -52.55
N LEU C 283 -27.35 -23.67 -51.66
CA LEU C 283 -26.29 -22.67 -51.78
C LEU C 283 -25.53 -22.56 -50.48
N LEU C 284 -24.23 -22.28 -50.59
CA LEU C 284 -23.36 -22.11 -49.44
C LEU C 284 -22.87 -20.68 -49.41
N HIS C 285 -23.02 -20.02 -48.26
CA HIS C 285 -22.61 -18.63 -48.11
C HIS C 285 -22.21 -18.38 -46.67
N HIS C 286 -21.80 -17.14 -46.40
CA HIS C 286 -21.38 -16.79 -45.05
C HIS C 286 -22.55 -16.87 -44.09
N LYS C 287 -22.26 -17.23 -42.84
CA LYS C 287 -23.32 -17.46 -41.86
C LYS C 287 -24.08 -16.18 -41.52
N ASP C 288 -23.40 -15.03 -41.57
CA ASP C 288 -23.97 -13.77 -41.13
C ASP C 288 -25.28 -13.41 -41.85
N ALA C 289 -25.58 -14.13 -42.94
CA ALA C 289 -26.84 -13.90 -43.65
C ALA C 289 -28.04 -14.40 -42.87
N HIS C 290 -27.83 -15.23 -41.85
CA HIS C 290 -28.93 -15.84 -41.13
C HIS C 290 -29.15 -15.25 -39.75
N VAL C 291 -28.51 -14.12 -39.43
CA VAL C 291 -28.72 -13.49 -38.14
C VAL C 291 -30.14 -12.94 -38.01
N ASP C 292 -30.82 -12.69 -39.13
CA ASP C 292 -32.20 -12.21 -39.07
C ASP C 292 -33.12 -13.30 -38.54
N PHE C 293 -32.91 -14.55 -38.97
CA PHE C 293 -33.74 -15.65 -38.48
C PHE C 293 -33.55 -15.88 -36.99
N LEU C 294 -32.31 -15.79 -36.51
CA LEU C 294 -32.03 -15.98 -35.09
C LEU C 294 -32.55 -14.81 -34.26
N GLU C 312 -29.70 -28.59 -40.74
CA GLU C 312 -29.40 -27.24 -40.29
C GLU C 312 -29.41 -26.27 -41.47
N THR C 313 -30.19 -26.59 -42.49
CA THR C 313 -30.27 -25.79 -43.71
C THR C 313 -31.58 -25.04 -43.74
N ILE C 314 -31.52 -23.70 -43.75
CA ILE C 314 -32.72 -22.90 -43.89
C ILE C 314 -33.33 -23.12 -45.26
N THR C 315 -34.65 -23.04 -45.34
CA THR C 315 -35.39 -23.31 -46.57
C THR C 315 -36.17 -22.07 -46.95
N LEU C 316 -35.80 -21.44 -48.06
CA LEU C 316 -36.45 -20.25 -48.55
C LEU C 316 -37.16 -20.55 -49.87
N LYS C 317 -38.22 -19.78 -50.13
CA LYS C 317 -39.08 -20.01 -51.29
C LYS C 317 -38.93 -18.88 -52.28
N TRP C 318 -38.80 -19.22 -53.56
CA TRP C 318 -38.83 -18.24 -54.63
C TRP C 318 -40.20 -17.58 -54.67
N CYS C 319 -40.22 -16.25 -54.66
CA CYS C 319 -41.46 -15.49 -54.71
C CYS C 319 -41.55 -14.74 -56.04
N THR C 320 -42.77 -14.33 -56.37
CA THR C 320 -43.07 -13.71 -57.66
C THR C 320 -42.16 -12.50 -57.90
N PRO C 321 -41.29 -12.53 -58.91
CA PRO C 321 -40.37 -11.42 -59.16
C PRO C 321 -41.07 -10.29 -59.90
N ARG C 322 -41.29 -9.17 -59.21
CA ARG C 322 -41.84 -7.99 -59.84
C ARG C 322 -40.76 -7.25 -60.60
N THR C 323 -41.11 -6.74 -61.78
CA THR C 323 -40.15 -6.13 -62.68
C THR C 323 -39.49 -4.89 -62.08
N ASN C 324 -40.28 -3.86 -61.79
CA ASN C 324 -39.75 -2.59 -61.31
C ASN C 324 -40.63 -2.04 -60.19
N ASN C 325 -40.97 -2.89 -59.22
CA ASN C 325 -41.75 -2.45 -58.07
C ASN C 325 -40.96 -1.42 -57.26
N ILE C 326 -39.82 -1.82 -56.70
CA ILE C 326 -38.90 -0.92 -56.02
C ILE C 326 -37.49 -1.24 -56.48
N GLU C 327 -36.61 -0.26 -56.41
CA GLU C 327 -35.28 -0.36 -57.00
C GLU C 327 -34.16 -0.34 -55.98
N LEU C 328 -34.33 0.34 -54.85
CA LEU C 328 -33.28 0.47 -53.84
C LEU C 328 -33.78 -0.15 -52.53
N HIS C 329 -33.45 -1.42 -52.34
CA HIS C 329 -33.83 -2.12 -51.12
C HIS C 329 -32.89 -1.73 -49.98
N TYR C 330 -33.21 -2.21 -48.79
CA TYR C 330 -32.42 -1.96 -47.58
C TYR C 330 -31.68 -3.24 -47.24
N CYS C 331 -30.50 -3.41 -47.84
CA CYS C 331 -29.70 -4.61 -47.67
C CYS C 331 -28.67 -4.38 -46.57
N THR C 332 -28.74 -5.19 -45.52
CA THR C 332 -27.80 -5.10 -44.41
C THR C 332 -26.62 -6.04 -44.54
N GLY C 333 -26.51 -6.76 -45.65
CA GLY C 333 -25.38 -7.64 -45.88
C GLY C 333 -25.38 -8.28 -47.24
N ALA C 334 -24.24 -8.26 -47.92
CA ALA C 334 -24.11 -8.82 -49.27
C ALA C 334 -23.09 -9.95 -49.22
N TYR C 335 -23.58 -11.19 -49.22
CA TYR C 335 -22.74 -12.36 -49.04
C TYR C 335 -22.78 -13.23 -50.30
N ARG C 336 -21.61 -13.54 -50.83
CA ARG C 336 -21.52 -14.34 -52.04
C ARG C 336 -22.00 -15.75 -51.78
N ILE C 337 -22.48 -16.40 -52.84
CA ILE C 337 -22.99 -17.76 -52.74
C ILE C 337 -22.23 -18.67 -53.69
N SER C 338 -22.34 -19.97 -53.43
CA SER C 338 -21.68 -21.00 -54.22
C SER C 338 -22.51 -22.28 -54.19
N PRO C 339 -23.01 -22.73 -55.33
CA PRO C 339 -23.79 -23.97 -55.35
C PRO C 339 -22.94 -25.17 -54.97
N VAL C 340 -23.61 -26.18 -54.39
CA VAL C 340 -22.93 -27.44 -54.08
C VAL C 340 -23.02 -28.44 -55.21
N ASP C 341 -23.85 -28.17 -56.22
CA ASP C 341 -24.08 -29.07 -57.35
C ASP C 341 -24.05 -28.27 -58.65
N VAL C 342 -22.98 -27.48 -58.82
CA VAL C 342 -22.91 -26.46 -59.86
C VAL C 342 -23.14 -27.04 -61.25
N ASN C 343 -23.01 -28.35 -61.42
CA ASN C 343 -23.24 -28.97 -62.72
C ASN C 343 -24.57 -29.72 -62.79
N SER C 344 -25.46 -29.51 -61.83
CA SER C 344 -26.77 -30.15 -61.87
C SER C 344 -27.79 -29.22 -62.52
N ARG C 345 -28.84 -29.84 -63.07
CA ARG C 345 -29.83 -29.09 -63.85
C ARG C 345 -30.52 -27.98 -63.06
N PRO C 346 -31.04 -28.21 -61.84
CA PRO C 346 -31.73 -27.10 -61.14
C PRO C 346 -30.80 -25.93 -60.82
N SER C 347 -29.60 -26.23 -60.31
CA SER C 347 -28.65 -25.17 -60.01
C SER C 347 -28.22 -24.45 -61.28
N SER C 348 -28.02 -25.20 -62.36
CA SER C 348 -27.65 -24.58 -63.63
C SER C 348 -28.74 -23.62 -64.10
N CYS C 349 -30.00 -24.05 -64.02
CA CYS C 349 -31.10 -23.19 -64.44
C CYS C 349 -31.18 -21.93 -63.59
N LEU C 350 -31.09 -22.09 -62.26
CA LEU C 350 -31.20 -20.95 -61.37
C LEU C 350 -30.07 -19.96 -61.61
N THR C 351 -28.83 -20.46 -61.70
CA THR C 351 -27.69 -19.57 -61.88
C THR C 351 -27.71 -18.92 -63.25
N ASN C 352 -28.15 -19.63 -64.29
CA ASN C 352 -28.26 -19.01 -65.61
C ASN C 352 -29.32 -17.92 -65.63
N PHE C 353 -30.47 -18.16 -65.00
CA PHE C 353 -31.49 -17.13 -64.93
C PHE C 353 -30.99 -15.91 -64.17
N LEU C 354 -30.27 -16.13 -63.07
CA LEU C 354 -29.74 -15.00 -62.31
C LEU C 354 -28.73 -14.23 -63.12
N LEU C 355 -27.81 -14.93 -63.79
CA LEU C 355 -26.80 -14.26 -64.60
C LEU C 355 -27.41 -13.54 -65.79
N ASN C 356 -28.59 -13.95 -66.24
CA ASN C 356 -29.24 -13.24 -67.33
C ASN C 356 -29.62 -11.81 -66.98
N GLY C 357 -29.65 -11.47 -65.68
CA GLY C 357 -29.82 -10.09 -65.28
C GLY C 357 -30.88 -9.86 -64.21
N ARG C 358 -32.00 -10.57 -64.29
CA ARG C 358 -33.06 -10.37 -63.30
C ARG C 358 -32.66 -10.99 -61.98
N SER C 359 -33.08 -10.34 -60.89
CA SER C 359 -32.84 -10.87 -59.56
C SER C 359 -33.90 -11.90 -59.19
N VAL C 360 -33.88 -12.34 -57.94
CA VAL C 360 -34.86 -13.28 -57.41
C VAL C 360 -35.16 -12.88 -55.98
N LEU C 361 -36.44 -12.67 -55.66
CA LEU C 361 -36.85 -12.23 -54.33
C LEU C 361 -37.32 -13.45 -53.55
N LEU C 362 -36.44 -13.94 -52.67
CA LEU C 362 -36.81 -15.04 -51.80
C LEU C 362 -37.70 -14.56 -50.66
N GLU C 363 -38.32 -15.52 -49.97
CA GLU C 363 -39.11 -15.22 -48.78
C GLU C 363 -38.90 -16.31 -47.75
N GLN C 364 -38.75 -15.90 -46.49
CA GLN C 364 -38.59 -16.84 -45.39
C GLN C 364 -39.95 -17.25 -44.83
N PRO C 365 -40.12 -18.51 -44.44
CA PRO C 365 -41.36 -18.99 -43.81
C PRO C 365 -41.78 -18.15 -42.60
N SER C 370 -49.22 -12.97 -43.70
CA SER C 370 -48.35 -13.83 -42.91
C SER C 370 -46.94 -13.84 -43.46
N LYS C 371 -46.83 -13.79 -44.78
CA LYS C 371 -45.52 -13.80 -45.42
C LYS C 371 -44.80 -12.48 -45.17
N VAL C 372 -43.47 -12.56 -45.11
CA VAL C 372 -42.61 -11.39 -44.98
C VAL C 372 -41.54 -11.48 -46.06
N ILE C 373 -41.17 -10.33 -46.63
CA ILE C 373 -40.11 -10.32 -47.63
C ILE C 373 -38.75 -10.44 -46.93
N SER C 374 -37.81 -11.08 -47.60
CA SER C 374 -36.54 -11.46 -46.99
C SER C 374 -35.47 -11.44 -48.06
N HIS C 375 -34.38 -12.17 -47.80
CA HIS C 375 -33.21 -12.24 -48.67
C HIS C 375 -33.58 -12.22 -50.15
N MET C 376 -32.90 -11.37 -50.90
CA MET C 376 -33.05 -11.32 -52.36
C MET C 376 -31.72 -11.70 -53.01
N LEU C 377 -31.78 -12.58 -53.99
CA LEU C 377 -30.61 -12.87 -54.79
C LEU C 377 -30.35 -11.75 -55.78
N SER C 378 -29.14 -11.74 -56.34
CA SER C 378 -28.79 -10.76 -57.35
C SER C 378 -27.56 -11.25 -58.09
N SER C 379 -27.27 -10.61 -59.22
CA SER C 379 -26.12 -10.97 -60.04
C SER C 379 -25.44 -9.69 -60.51
N HIS C 380 -24.40 -9.29 -59.79
CA HIS C 380 -23.70 -8.04 -60.08
C HIS C 380 -22.45 -8.36 -60.88
N GLY C 381 -22.63 -8.50 -62.20
CA GLY C 381 -21.54 -8.73 -63.10
C GLY C 381 -21.11 -10.17 -63.29
N GLY C 382 -21.71 -11.10 -62.56
CA GLY C 382 -21.33 -12.49 -62.68
C GLY C 382 -20.88 -13.10 -61.38
N GLU C 383 -21.26 -12.47 -60.26
CA GLU C 383 -20.95 -12.95 -58.92
C GLU C 383 -22.24 -12.90 -58.13
N ILE C 384 -22.95 -14.03 -58.07
CA ILE C 384 -24.28 -14.05 -57.46
C ILE C 384 -24.16 -13.72 -55.99
N PHE C 385 -24.91 -12.71 -55.56
CA PHE C 385 -24.95 -12.29 -54.17
C PHE C 385 -26.24 -12.74 -53.51
N LEU C 386 -26.19 -12.86 -52.18
CA LEU C 386 -27.37 -13.13 -51.37
C LEU C 386 -27.54 -11.96 -50.40
N HIS C 387 -28.29 -10.95 -50.82
CA HIS C 387 -28.54 -9.81 -49.96
C HIS C 387 -29.51 -10.20 -48.85
N VAL C 388 -29.42 -9.47 -47.73
CA VAL C 388 -30.25 -9.74 -46.56
C VAL C 388 -31.05 -8.47 -46.27
N LEU C 389 -32.36 -8.51 -46.52
CA LEU C 389 -33.21 -7.36 -46.27
C LEU C 389 -33.56 -7.28 -44.78
N SER C 390 -34.41 -6.33 -44.44
CA SER C 390 -34.84 -6.10 -43.06
C SER C 390 -36.37 -6.04 -43.05
N SER C 391 -37.00 -7.19 -42.75
CA SER C 391 -38.46 -7.25 -42.73
C SER C 391 -39.06 -6.69 -41.46
N SER C 392 -38.28 -6.57 -40.39
CA SER C 392 -38.80 -6.05 -39.14
C SER C 392 -39.08 -4.56 -39.27
N ARG C 393 -39.87 -4.04 -38.33
CA ARG C 393 -40.23 -2.63 -38.35
C ARG C 393 -38.98 -1.76 -38.29
N SER C 394 -38.92 -0.77 -39.18
CA SER C 394 -37.80 0.14 -39.24
C SER C 394 -37.94 1.19 -38.15
N ILE C 395 -36.86 1.43 -37.42
CA ILE C 395 -36.90 2.40 -36.32
C ILE C 395 -37.07 3.81 -36.86
N LEU C 396 -36.77 4.02 -38.14
CA LEU C 396 -37.01 5.29 -38.80
C LEU C 396 -38.36 5.31 -39.51
N GLU C 397 -39.42 4.99 -38.78
CA GLU C 397 -40.77 4.99 -39.35
C GLU C 397 -41.46 6.32 -39.08
N ASP C 398 -42.34 6.69 -40.01
CA ASP C 398 -43.06 7.96 -40.00
C ASP C 398 -42.09 9.13 -39.87
N PRO C 399 -41.22 9.35 -40.85
CA PRO C 399 -40.27 10.46 -40.76
C PRO C 399 -41.00 11.78 -40.83
N PRO C 400 -40.43 12.84 -40.27
CA PRO C 400 -41.07 14.17 -40.37
C PRO C 400 -41.25 14.58 -41.83
N SER C 401 -42.37 15.23 -42.10
CA SER C 401 -42.69 15.65 -43.46
C SER C 401 -41.66 16.66 -43.95
N ILE C 402 -41.20 16.46 -45.18
CA ILE C 402 -40.27 17.41 -45.79
C ILE C 402 -40.94 18.74 -46.09
N SER C 403 -42.28 18.79 -46.08
CA SER C 403 -42.99 20.03 -46.32
C SER C 403 -43.08 20.92 -45.08
N GLU C 404 -42.65 20.42 -43.93
CA GLU C 404 -42.68 21.20 -42.70
C GLU C 404 -41.31 21.49 -42.11
N GLY C 405 -40.25 20.91 -42.67
CA GLY C 405 -38.91 21.22 -42.23
C GLY C 405 -38.47 22.57 -42.74
N CYS C 406 -37.26 22.95 -42.33
CA CYS C 406 -36.70 24.23 -42.76
C CYS C 406 -36.58 24.28 -44.28
N GLY C 407 -37.09 25.34 -44.87
CA GLY C 407 -37.06 25.49 -46.31
C GLY C 407 -38.07 24.68 -47.08
N GLY C 408 -39.02 24.06 -46.41
CA GLY C 408 -40.01 23.25 -47.09
C GLY C 408 -41.18 24.01 -47.67
N ARG C 409 -41.31 25.30 -47.33
CA ARG C 409 -42.43 26.11 -47.79
C ARG C 409 -42.11 26.93 -49.04
N VAL C 410 -41.19 26.44 -49.87
CA VAL C 410 -40.82 27.11 -51.11
C VAL C 410 -41.03 26.13 -52.26
N THR C 411 -41.78 26.58 -53.27
CA THR C 411 -42.13 25.73 -54.42
C THR C 411 -41.47 26.18 -55.70
N ASP C 412 -40.34 26.88 -55.62
CA ASP C 412 -39.63 27.37 -56.79
C ASP C 412 -38.21 26.83 -56.86
N TYR C 413 -37.99 25.63 -56.33
CA TYR C 413 -36.67 25.04 -56.34
C TYR C 413 -36.28 24.59 -57.74
N ARG C 414 -35.01 24.78 -58.09
CA ARG C 414 -34.51 24.39 -59.41
C ARG C 414 -34.20 22.89 -59.39
N ILE C 415 -35.27 22.10 -59.25
CA ILE C 415 -35.12 20.66 -59.14
C ILE C 415 -34.68 20.05 -60.46
N THR C 416 -35.24 20.51 -61.58
CA THR C 416 -34.83 19.98 -62.89
C THR C 416 -33.38 20.36 -63.20
N ASP C 417 -33.00 21.60 -62.91
CA ASP C 417 -31.62 22.02 -63.16
C ASP C 417 -30.65 21.23 -62.29
N PHE C 418 -31.00 20.99 -61.02
CA PHE C 418 -30.13 20.16 -60.20
C PHE C 418 -30.13 18.71 -60.67
N GLY C 419 -31.22 18.26 -61.29
CA GLY C 419 -31.19 16.94 -61.90
C GLY C 419 -30.19 16.86 -63.04
N GLU C 420 -30.18 17.90 -63.88
CA GLU C 420 -29.16 17.98 -64.93
C GLU C 420 -27.76 18.01 -64.32
N PHE C 421 -27.59 18.76 -63.23
CA PHE C 421 -26.30 18.85 -62.57
C PHE C 421 -25.86 17.50 -62.02
N MET C 422 -26.81 16.74 -61.46
CA MET C 422 -26.51 15.39 -61.00
C MET C 422 -26.10 14.50 -62.16
N ARG C 423 -26.84 14.57 -63.26
CA ARG C 423 -26.56 13.71 -64.41
C ARG C 423 -25.19 14.02 -65.00
N GLU C 424 -24.84 15.30 -65.09
CA GLU C 424 -23.55 15.68 -65.67
C GLU C 424 -22.39 15.18 -64.82
N ASN C 425 -22.51 15.26 -63.50
CA ASN C 425 -21.41 14.93 -62.61
C ASN C 425 -21.44 13.48 -62.15
N ARG C 426 -21.99 12.57 -62.95
CA ARG C 426 -22.04 11.17 -62.57
C ARG C 426 -20.64 10.59 -62.49
N LEU C 427 -20.52 9.46 -61.80
CA LEU C 427 -19.23 8.81 -61.62
C LEU C 427 -19.03 7.71 -62.65
N THR C 428 -17.77 7.43 -62.95
CA THR C 428 -17.37 6.34 -63.82
C THR C 428 -16.08 5.73 -63.29
N PRO C 429 -15.91 4.43 -63.40
CA PRO C 429 -14.70 3.79 -62.89
C PRO C 429 -13.51 4.06 -63.80
N PHE C 430 -12.36 4.29 -63.18
CA PHE C 430 -11.11 4.54 -63.89
C PHE C 430 -10.15 3.40 -63.59
N LEU C 431 -9.90 2.56 -64.59
CA LEU C 431 -8.93 1.48 -64.48
C LEU C 431 -7.56 1.89 -64.97
N ASP C 432 -7.40 3.11 -65.46
CA ASP C 432 -6.12 3.64 -65.94
C ASP C 432 -5.71 4.82 -65.09
N PRO C 433 -4.77 4.65 -64.17
CA PRO C 433 -4.33 5.78 -63.32
C PRO C 433 -3.30 6.63 -64.05
N ARG C 434 -3.67 7.87 -64.34
CA ARG C 434 -2.80 8.79 -65.06
C ARG C 434 -2.03 9.68 -64.10
N TYR C 435 -1.08 10.43 -64.65
CA TYR C 435 -0.25 11.36 -63.90
C TYR C 435 -0.75 12.79 -64.13
N LYS C 436 -0.76 13.59 -63.06
CA LYS C 436 -1.32 14.93 -63.14
C LYS C 436 -0.32 15.92 -63.75
N ILE C 437 0.79 16.15 -63.06
CA ILE C 437 1.77 17.13 -63.52
C ILE C 437 3.13 16.46 -63.69
N ASP C 438 3.68 15.94 -62.59
CA ASP C 438 4.98 15.28 -62.63
C ASP C 438 5.05 14.31 -61.46
N GLY C 439 4.83 13.02 -61.74
CA GLY C 439 4.84 12.03 -60.69
C GLY C 439 3.66 12.13 -59.75
N SER C 440 2.62 12.87 -60.13
CA SER C 440 1.43 13.06 -59.30
C SER C 440 0.32 12.21 -59.89
N LEU C 441 0.14 11.01 -59.33
CA LEU C 441 -0.92 10.11 -59.76
C LEU C 441 -2.21 10.57 -59.10
N GLU C 442 -2.98 11.39 -59.83
CA GLU C 442 -4.16 12.00 -59.25
C GLU C 442 -5.21 10.95 -58.91
N VAL C 443 -5.83 11.11 -57.74
CA VAL C 443 -6.92 10.24 -57.34
C VAL C 443 -8.19 10.74 -58.01
N PRO C 444 -8.84 9.93 -58.83
CA PRO C 444 -10.04 10.42 -59.55
C PRO C 444 -11.15 10.91 -58.64
N LEU C 445 -11.21 10.41 -57.40
CA LEU C 445 -12.20 10.90 -56.46
C LEU C 445 -11.97 12.37 -56.15
N GLU C 446 -10.72 12.77 -55.97
CA GLU C 446 -10.42 14.18 -55.78
C GLU C 446 -10.74 15.00 -57.02
N ARG C 447 -10.57 14.41 -58.20
CA ARG C 447 -11.01 15.09 -59.43
C ARG C 447 -12.51 15.32 -59.41
N ALA C 448 -13.28 14.31 -58.97
CA ALA C 448 -14.73 14.48 -58.88
C ALA C 448 -15.10 15.55 -57.88
N LYS C 449 -14.42 15.58 -56.73
CA LYS C 449 -14.71 16.62 -55.74
C LYS C 449 -14.38 18.01 -56.28
N ASP C 450 -13.26 18.14 -56.99
CA ASP C 450 -12.88 19.44 -57.53
C ASP C 450 -13.86 19.90 -58.61
N GLN C 451 -14.30 18.97 -59.46
CA GLN C 451 -15.32 19.32 -60.45
C GLN C 451 -16.62 19.71 -59.78
N LEU C 452 -16.98 19.01 -58.71
CA LEU C 452 -18.19 19.38 -57.96
C LEU C 452 -18.09 20.79 -57.43
N GLU C 453 -16.94 21.14 -56.84
CA GLU C 453 -16.76 22.50 -56.33
C GLU C 453 -16.81 23.51 -57.45
N LYS C 454 -16.19 23.20 -58.59
CA LYS C 454 -16.17 24.14 -59.71
C LYS C 454 -17.57 24.38 -60.27
N HIS C 455 -18.38 23.33 -60.37
CA HIS C 455 -19.71 23.45 -60.94
C HIS C 455 -20.68 24.22 -60.05
N THR C 456 -20.36 24.39 -58.77
CA THR C 456 -21.28 25.02 -57.82
C THR C 456 -20.76 26.34 -57.26
N ARG C 457 -19.79 26.98 -57.92
CA ARG C 457 -19.29 28.26 -57.42
C ARG C 457 -20.37 29.33 -57.47
N TYR C 458 -21.33 29.21 -58.38
CA TYR C 458 -22.50 30.09 -58.42
C TYR C 458 -23.68 29.23 -58.85
N TRP C 459 -24.40 28.69 -57.86
CA TRP C 459 -25.56 27.83 -58.10
C TRP C 459 -26.71 28.30 -57.22
N PRO C 460 -27.53 29.22 -57.70
CA PRO C 460 -28.71 29.63 -56.94
C PRO C 460 -29.66 28.46 -56.74
N MET C 461 -30.29 28.42 -55.57
CA MET C 461 -31.16 27.29 -55.21
C MET C 461 -32.57 27.42 -55.73
N ILE C 462 -33.09 28.64 -55.87
CA ILE C 462 -34.48 28.86 -56.24
C ILE C 462 -34.54 29.58 -57.57
N ILE C 463 -35.61 29.31 -58.33
CA ILE C 463 -35.74 29.86 -59.67
C ILE C 463 -35.81 31.38 -59.63
N SER C 464 -36.62 31.92 -58.72
CA SER C 464 -36.82 33.36 -58.68
C SER C 464 -35.56 34.11 -58.25
N GLN C 465 -34.60 33.43 -57.61
CA GLN C 465 -33.40 34.11 -57.16
C GLN C 465 -32.57 34.63 -58.33
N THR C 466 -32.43 33.83 -59.38
CA THR C 466 -31.56 34.15 -60.50
C THR C 466 -32.38 34.45 -61.74
N THR C 467 -31.72 35.10 -62.71
CA THR C 467 -32.34 35.41 -63.99
C THR C 467 -31.45 34.96 -65.14
N ILE C 468 -30.14 34.93 -64.90
CA ILE C 468 -29.20 34.53 -65.95
C ILE C 468 -29.40 33.07 -66.31
N PHE C 469 -29.56 32.20 -65.31
CA PHE C 469 -29.70 30.77 -65.57
C PHE C 469 -31.04 30.44 -66.22
N ASN C 470 -32.09 31.20 -65.91
CA ASN C 470 -33.41 30.91 -66.46
C ASN C 470 -33.50 31.23 -67.95
N MET C 471 -32.63 32.09 -68.46
CA MET C 471 -32.67 32.45 -69.88
C MET C 471 -31.97 31.41 -70.72
N GLN C 472 -32.61 31.03 -71.83
CA GLN C 472 -32.03 30.04 -72.73
C GLN C 472 -30.78 30.56 -73.44
N ALA C 473 -30.61 31.88 -73.53
CA ALA C 473 -29.49 32.44 -74.29
C ALA C 473 -28.16 32.10 -73.62
N VAL C 474 -28.06 32.29 -72.30
CA VAL C 474 -26.80 32.06 -71.60
C VAL C 474 -26.62 30.61 -71.21
N VAL C 475 -27.54 29.72 -71.57
CA VAL C 475 -27.43 28.31 -71.18
C VAL C 475 -26.14 27.68 -71.72
N PRO C 476 -25.77 27.83 -72.99
CA PRO C 476 -24.47 27.29 -73.42
C PRO C 476 -23.30 27.88 -72.65
N LEU C 477 -23.35 29.19 -72.38
CA LEU C 477 -22.27 29.82 -71.61
C LEU C 477 -22.22 29.26 -70.20
N ALA C 478 -23.37 29.06 -69.57
CA ALA C 478 -23.40 28.47 -68.24
C ALA C 478 -22.84 27.05 -68.25
N SER C 479 -23.17 26.28 -69.28
CA SER C 479 -22.71 24.90 -69.34
C SER C 479 -21.23 24.81 -69.63
N VAL C 480 -20.67 25.75 -70.39
CA VAL C 480 -19.28 25.61 -70.84
C VAL C 480 -18.32 26.35 -69.91
N ILE C 481 -18.78 27.40 -69.24
CA ILE C 481 -17.87 28.20 -68.42
C ILE C 481 -17.35 27.44 -67.20
N VAL C 482 -18.16 26.52 -66.66
CA VAL C 482 -17.75 25.78 -65.46
C VAL C 482 -16.67 24.75 -65.73
N LYS C 483 -16.38 24.46 -66.98
CA LYS C 483 -15.35 23.47 -67.29
C LYS C 483 -13.97 24.03 -66.96
N GLU C 484 -13.03 23.11 -66.71
CA GLU C 484 -11.69 23.51 -66.27
C GLU C 484 -10.97 24.34 -67.31
N SER C 485 -11.03 23.93 -68.59
CA SER C 485 -10.28 24.60 -69.65
C SER C 485 -11.14 24.64 -70.91
N LEU C 486 -11.66 25.82 -71.24
CA LEU C 486 -12.49 25.97 -72.43
C LEU C 486 -11.63 25.91 -73.68
N THR C 487 -12.09 25.13 -74.67
CA THR C 487 -11.38 25.03 -75.93
C THR C 487 -11.72 26.21 -76.84
N GLU C 488 -11.10 26.23 -78.02
CA GLU C 488 -11.34 27.31 -78.97
C GLU C 488 -12.79 27.29 -79.45
N GLU C 489 -13.34 26.10 -79.69
CA GLU C 489 -14.76 26.00 -80.02
C GLU C 489 -15.62 26.53 -78.88
N ASP C 490 -15.20 26.28 -77.63
CA ASP C 490 -15.89 26.84 -76.48
C ASP C 490 -15.81 28.37 -76.49
N VAL C 491 -14.67 28.92 -76.86
CA VAL C 491 -14.54 30.38 -76.96
C VAL C 491 -15.48 30.92 -78.02
N LEU C 492 -15.57 30.24 -79.16
CA LEU C 492 -16.50 30.68 -80.20
C LEU C 492 -17.94 30.62 -79.71
N ASN C 493 -18.29 29.55 -78.99
CA ASN C 493 -19.65 29.42 -78.47
C ASN C 493 -19.97 30.53 -77.47
N CYS C 494 -19.03 30.84 -76.58
CA CYS C 494 -19.29 31.88 -75.60
C CYS C 494 -19.35 33.26 -76.25
N GLN C 495 -18.52 33.49 -77.28
CA GLN C 495 -18.60 34.74 -78.02
C GLN C 495 -19.95 34.88 -78.72
N LYS C 496 -20.44 33.80 -79.33
CA LYS C 496 -21.76 33.84 -79.95
C LYS C 496 -22.84 34.08 -78.93
N THR C 497 -22.71 33.48 -77.74
CA THR C 497 -23.71 33.64 -76.68
C THR C 497 -23.78 35.09 -76.20
N ILE C 498 -22.62 35.69 -75.93
CA ILE C 498 -22.64 37.09 -75.53
C ILE C 498 -23.13 37.95 -76.68
N TYR C 499 -22.86 37.54 -77.93
CA TYR C 499 -23.33 38.29 -79.08
C TYR C 499 -24.85 38.37 -79.10
N ASN C 500 -25.54 37.23 -79.01
CA ASN C 500 -26.99 37.34 -79.08
C ASN C 500 -27.58 37.84 -77.76
N LEU C 501 -26.84 37.75 -76.66
CA LEU C 501 -27.27 38.42 -75.44
C LEU C 501 -27.33 39.93 -75.64
N VAL C 502 -26.28 40.51 -76.24
CA VAL C 502 -26.30 41.92 -76.56
C VAL C 502 -27.37 42.23 -77.60
N ASP C 503 -27.59 41.31 -78.54
CA ASP C 503 -28.66 41.52 -79.52
C ASP C 503 -30.02 41.60 -78.84
N MET C 504 -30.29 40.70 -77.90
CA MET C 504 -31.54 40.74 -77.17
C MET C 504 -31.66 42.00 -76.33
N GLU C 505 -30.53 42.44 -75.73
CA GLU C 505 -30.52 43.72 -75.03
C GLU C 505 -30.94 44.86 -75.96
N ARG C 506 -30.37 44.87 -77.17
CA ARG C 506 -30.72 45.92 -78.13
C ARG C 506 -32.18 45.85 -78.53
N LYS C 507 -32.71 44.64 -78.74
CA LYS C 507 -34.09 44.48 -79.16
C LYS C 507 -35.09 44.72 -78.03
N ASN C 508 -34.62 44.81 -76.78
CA ASN C 508 -35.49 45.04 -75.62
C ASN C 508 -36.56 43.95 -75.52
N ASP C 509 -36.17 42.71 -75.77
CA ASP C 509 -37.11 41.60 -75.68
C ASP C 509 -37.52 41.38 -74.22
N PRO C 510 -38.72 40.85 -73.99
CA PRO C 510 -39.15 40.60 -72.61
C PRO C 510 -38.39 39.45 -71.97
N LEU C 511 -37.50 39.78 -71.02
CA LEU C 511 -36.80 38.77 -70.26
C LEU C 511 -37.74 38.11 -69.26
N PRO C 512 -37.39 36.92 -68.76
CA PRO C 512 -38.20 36.30 -67.70
C PRO C 512 -38.30 37.21 -66.50
N ILE C 513 -39.48 37.20 -65.87
CA ILE C 513 -39.77 38.13 -64.76
C ILE C 513 -38.80 37.89 -63.61
N SER C 514 -38.58 36.63 -63.24
CA SER C 514 -37.69 36.25 -62.15
C SER C 514 -38.06 36.97 -60.85
N PRO C 523 -37.42 47.41 -61.59
CA PRO C 523 -38.05 46.24 -62.21
C PRO C 523 -38.35 46.47 -63.70
N LYS C 524 -37.85 47.58 -64.24
CA LYS C 524 -38.06 47.88 -65.64
C LYS C 524 -37.20 46.97 -66.52
N ARG C 525 -37.42 47.07 -67.83
CA ARG C 525 -36.66 46.25 -68.77
C ARG C 525 -35.17 46.57 -68.68
N ASP C 526 -34.82 47.86 -68.55
CA ASP C 526 -33.43 48.22 -68.34
C ASP C 526 -32.91 47.66 -67.02
N GLU C 527 -33.75 47.66 -65.98
CA GLU C 527 -33.35 47.06 -64.71
C GLU C 527 -33.11 45.56 -64.86
N GLN C 528 -33.99 44.88 -65.59
CA GLN C 528 -33.79 43.45 -65.83
C GLN C 528 -32.49 43.20 -66.59
N TYR C 529 -32.22 44.01 -67.62
CA TYR C 529 -30.99 43.84 -68.39
C TYR C 529 -29.76 44.07 -67.52
N ARG C 530 -29.76 45.13 -66.71
CA ARG C 530 -28.59 45.40 -65.89
C ARG C 530 -28.40 44.32 -64.84
N ILE C 531 -29.49 43.79 -64.28
CA ILE C 531 -29.35 42.77 -63.24
C ILE C 531 -28.85 41.46 -63.84
N MET C 532 -29.32 41.10 -65.05
CA MET C 532 -28.82 39.87 -65.63
C MET C 532 -27.37 40.02 -66.07
N TRP C 533 -26.98 41.20 -66.55
CA TRP C 533 -25.58 41.45 -66.86
C TRP C 533 -24.73 41.35 -65.60
N ASN C 534 -25.21 41.89 -64.48
CA ASN C 534 -24.48 41.78 -63.23
C ASN C 534 -24.35 40.32 -62.79
N GLU C 535 -25.43 39.54 -62.94
CA GLU C 535 -25.35 38.13 -62.58
C GLU C 535 -24.34 37.40 -63.46
N LEU C 536 -24.34 37.67 -64.76
CA LEU C 536 -23.41 37.00 -65.65
C LEU C 536 -21.97 37.39 -65.33
N GLU C 537 -21.72 38.68 -65.06
CA GLU C 537 -20.37 39.11 -64.74
C GLU C 537 -19.92 38.54 -63.39
N THR C 538 -20.85 38.35 -62.45
CA THR C 538 -20.50 37.69 -61.20
C THR C 538 -20.15 36.22 -61.43
N LEU C 539 -20.91 35.55 -62.30
CA LEU C 539 -20.64 34.15 -62.58
C LEU C 539 -19.28 33.98 -63.24
N VAL C 540 -18.99 34.79 -64.27
CA VAL C 540 -17.73 34.63 -64.99
C VAL C 540 -16.54 35.07 -64.14
N ARG C 541 -16.75 36.04 -63.25
CA ARG C 541 -15.64 36.51 -62.41
C ARG C 541 -15.15 35.41 -61.48
N ALA C 542 -16.06 34.64 -60.90
CA ALA C 542 -15.66 33.57 -59.99
C ALA C 542 -14.88 32.47 -60.68
N HIS C 543 -15.00 32.35 -62.01
CA HIS C 543 -14.27 31.35 -62.78
C HIS C 543 -13.07 31.95 -63.51
N ILE C 544 -12.66 33.17 -63.14
CA ILE C 544 -11.57 33.83 -63.84
C ILE C 544 -10.28 33.05 -63.71
N ASN C 545 -9.98 32.55 -62.51
CA ASN C 545 -8.74 31.82 -62.27
C ASN C 545 -8.73 30.44 -62.92
N ASN C 546 -9.86 29.97 -63.46
CA ASN C 546 -9.89 28.65 -64.06
C ASN C 546 -8.94 28.54 -65.24
N SER C 547 -8.93 29.55 -66.11
CA SER C 547 -8.02 29.54 -67.26
C SER C 547 -7.91 30.96 -67.80
N GLU C 548 -6.86 31.17 -68.60
CA GLU C 548 -6.68 32.48 -69.23
C GLU C 548 -7.77 32.78 -70.25
N LYS C 549 -8.36 31.74 -70.84
CA LYS C 549 -9.48 31.95 -71.75
C LYS C 549 -10.68 32.54 -71.02
N HIS C 550 -10.87 32.16 -69.74
CA HIS C 550 -11.92 32.79 -68.95
C HIS C 550 -11.64 34.27 -68.75
N GLN C 551 -10.37 34.62 -68.52
CA GLN C 551 -10.00 36.04 -68.45
C GLN C 551 -10.28 36.73 -69.78
N ARG C 552 -10.02 36.05 -70.89
CA ARG C 552 -10.26 36.64 -72.20
C ARG C 552 -11.75 36.92 -72.41
N VAL C 553 -12.60 35.95 -72.08
CA VAL C 553 -14.04 36.18 -72.29
C VAL C 553 -14.55 37.23 -71.32
N LEU C 554 -14.03 37.27 -70.10
CA LEU C 554 -14.43 38.33 -69.16
C LEU C 554 -14.04 39.70 -69.70
N GLU C 555 -12.83 39.82 -70.26
CA GLU C 555 -12.41 41.08 -70.85
C GLU C 555 -13.27 41.46 -72.06
N CYS C 556 -13.63 40.47 -72.88
CA CYS C 556 -14.53 40.74 -74.00
C CYS C 556 -15.89 41.23 -73.53
N LEU C 557 -16.41 40.62 -72.45
CA LEU C 557 -17.68 41.06 -71.89
C LEU C 557 -17.57 42.48 -71.36
N MET C 558 -16.47 42.80 -70.67
CA MET C 558 -16.27 44.15 -70.16
C MET C 558 -16.20 45.16 -71.30
N ALA C 559 -15.50 44.80 -72.39
CA ALA C 559 -15.41 45.70 -73.54
C ALA C 559 -16.76 45.89 -74.21
N CYS C 560 -17.56 44.83 -74.29
CA CYS C 560 -18.87 44.88 -74.94
C CYS C 560 -19.99 45.30 -73.99
N ARG C 561 -19.70 45.47 -72.70
CA ARG C 561 -20.71 45.86 -71.75
C ARG C 561 -21.15 47.30 -71.98
N SER C 562 -22.45 47.54 -71.84
CA SER C 562 -23.01 48.88 -71.98
C SER C 562 -23.11 49.56 -70.61
N LYS C 563 -21.94 49.78 -70.01
CA LYS C 563 -21.89 50.39 -68.69
C LYS C 563 -22.27 51.85 -68.77
N PRO C 564 -23.28 52.30 -67.99
CA PRO C 564 -23.73 53.70 -67.97
C PRO C 564 -22.64 54.65 -67.47
N PRO D 2 -34.08 3.34 -30.22
CA PRO D 2 -34.65 2.39 -29.25
C PRO D 2 -34.01 2.51 -27.88
N THR D 3 -34.76 3.04 -26.92
CA THR D 3 -34.32 3.15 -25.54
C THR D 3 -35.34 2.46 -24.64
N VAL D 4 -34.87 1.51 -23.84
CA VAL D 4 -35.73 0.77 -22.92
C VAL D 4 -35.37 1.23 -21.51
N VAL D 5 -36.32 1.89 -20.85
CA VAL D 5 -36.08 2.47 -19.53
C VAL D 5 -36.56 1.45 -18.50
N VAL D 6 -35.65 0.58 -18.08
CA VAL D 6 -35.95 -0.44 -17.08
C VAL D 6 -35.84 0.22 -15.71
N MET D 7 -36.96 0.66 -15.16
CA MET D 7 -36.98 1.30 -13.86
C MET D 7 -37.42 0.30 -12.81
N ASP D 8 -36.60 0.12 -11.79
CA ASP D 8 -36.96 -0.75 -10.68
C ASP D 8 -38.13 -0.15 -9.91
N VAL D 9 -39.05 -1.02 -9.48
CA VAL D 9 -40.25 -0.57 -8.79
C VAL D 9 -40.42 -1.37 -7.51
N SER D 10 -39.39 -2.12 -7.13
CA SER D 10 -39.45 -2.93 -5.94
C SER D 10 -39.58 -2.04 -4.70
N LEU D 11 -39.94 -2.68 -3.58
CA LEU D 11 -40.18 -1.95 -2.34
C LEU D 11 -38.95 -1.21 -1.84
N SER D 12 -37.76 -1.58 -2.33
CA SER D 12 -36.53 -0.98 -1.83
C SER D 12 -36.39 0.48 -2.21
N MET D 13 -37.12 0.97 -3.21
CA MET D 13 -37.05 2.37 -3.59
C MET D 13 -38.12 3.24 -2.95
N THR D 14 -38.95 2.70 -2.07
CA THR D 14 -39.85 3.52 -1.29
C THR D 14 -39.24 3.99 0.03
N ARG D 15 -37.97 3.69 0.25
CA ARG D 15 -37.30 4.13 1.47
C ARG D 15 -37.09 5.64 1.43
N PRO D 16 -37.60 6.40 2.39
CA PRO D 16 -37.37 7.84 2.39
C PRO D 16 -35.89 8.17 2.60
N VAL D 17 -35.49 9.30 2.04
CA VAL D 17 -34.13 9.82 2.19
C VAL D 17 -34.17 11.00 3.14
N SER D 18 -33.12 11.17 3.93
CA SER D 18 -33.06 12.23 4.94
C SER D 18 -32.36 13.46 4.37
N ILE D 19 -33.08 14.15 3.48
CA ILE D 19 -32.58 15.38 2.89
C ILE D 19 -32.77 16.52 3.87
N GLU D 20 -31.72 17.31 4.07
CA GLU D 20 -31.77 18.42 5.01
C GLU D 20 -32.66 19.54 4.50
N GLY D 21 -33.36 20.19 5.43
CA GLY D 21 -34.17 21.35 5.10
C GLY D 21 -35.59 21.04 4.66
N SER D 22 -35.73 20.49 3.46
CA SER D 22 -37.05 20.28 2.87
C SER D 22 -37.64 18.94 3.35
N GLU D 23 -38.80 18.59 2.80
CA GLU D 23 -39.51 17.39 3.21
C GLU D 23 -38.80 16.15 2.68
N GLU D 24 -39.19 15.00 3.21
CA GLU D 24 -38.57 13.73 2.85
C GLU D 24 -39.10 13.27 1.50
N TYR D 25 -38.20 12.88 0.61
CA TYR D 25 -38.57 12.31 -0.69
C TYR D 25 -38.20 10.83 -0.73
N GLN D 26 -39.08 10.03 -1.31
CA GLN D 26 -38.74 8.65 -1.59
C GLN D 26 -37.86 8.56 -2.83
N ARG D 27 -37.02 7.52 -2.88
CA ARG D 27 -36.14 7.35 -4.04
C ARG D 27 -36.93 7.16 -5.33
N LYS D 28 -38.15 6.63 -5.23
CA LYS D 28 -39.01 6.53 -6.40
C LYS D 28 -39.31 7.91 -6.98
N HIS D 29 -39.59 8.89 -6.12
CA HIS D 29 -39.86 10.24 -6.59
C HIS D 29 -38.60 10.87 -7.19
N LEU D 30 -37.43 10.57 -6.63
CA LEU D 30 -36.19 11.05 -7.20
C LEU D 30 -36.00 10.51 -8.62
N ALA D 31 -36.22 9.21 -8.80
CA ALA D 31 -36.15 8.63 -10.13
C ALA D 31 -37.19 9.23 -11.05
N ALA D 32 -38.38 9.51 -10.52
CA ALA D 32 -39.42 10.11 -11.34
C ALA D 32 -39.00 11.48 -11.86
N HIS D 33 -38.45 12.32 -10.99
CA HIS D 33 -37.98 13.64 -11.42
C HIS D 33 -36.85 13.52 -12.44
N GLY D 34 -35.89 12.63 -12.18
CA GLY D 34 -34.78 12.49 -13.11
C GLY D 34 -35.21 11.99 -14.47
N LEU D 35 -36.06 10.96 -14.50
CA LEU D 35 -36.55 10.46 -15.77
C LEU D 35 -37.46 11.47 -16.45
N THR D 36 -38.13 12.33 -15.66
CA THR D 36 -38.89 13.41 -16.26
C THR D 36 -37.98 14.37 -17.00
N MET D 37 -36.85 14.72 -16.39
CA MET D 37 -35.87 15.56 -17.08
C MET D 37 -35.39 14.89 -18.36
N LEU D 38 -35.06 13.60 -18.26
CA LEU D 38 -34.57 12.87 -19.43
C LEU D 38 -35.62 12.85 -20.54
N PHE D 39 -36.88 12.61 -20.20
CA PHE D 39 -37.92 12.52 -21.21
C PHE D 39 -38.23 13.88 -21.82
N GLU D 40 -38.20 14.95 -21.01
CA GLU D 40 -38.40 16.28 -21.57
C GLU D 40 -37.29 16.62 -22.55
N HIS D 41 -36.02 16.33 -22.20
CA HIS D 41 -34.95 16.59 -23.15
C HIS D 41 -35.08 15.73 -24.39
N MET D 42 -35.42 14.45 -24.22
CA MET D 42 -35.50 13.55 -25.36
C MET D 42 -36.71 13.83 -26.23
N ALA D 43 -37.68 14.60 -25.73
CA ALA D 43 -38.80 15.02 -26.56
C ALA D 43 -38.55 16.37 -27.21
N THR D 44 -37.74 17.23 -26.58
CA THR D 44 -37.52 18.55 -27.15
C THR D 44 -36.36 18.60 -28.13
N ASN D 45 -35.32 17.79 -27.92
CA ASN D 45 -34.14 17.83 -28.78
C ASN D 45 -33.80 16.49 -29.43
N TYR D 46 -34.55 15.42 -29.11
CA TYR D 46 -34.32 14.11 -29.70
C TYR D 46 -35.65 13.48 -30.07
N LYS D 47 -36.56 14.28 -30.60
CA LYS D 47 -37.96 13.89 -30.73
C LYS D 47 -38.15 12.64 -31.58
N LEU D 48 -37.22 12.32 -32.45
CA LEU D 48 -37.35 11.17 -33.34
C LEU D 48 -37.04 9.85 -32.65
N GLU D 49 -36.91 9.82 -31.33
CA GLU D 49 -36.41 8.67 -30.62
C GLU D 49 -37.54 7.78 -30.13
N PHE D 50 -37.44 6.49 -30.42
CA PHE D 50 -38.36 5.50 -29.87
C PHE D 50 -37.90 5.09 -28.48
N THR D 51 -38.81 5.13 -27.51
CA THR D 51 -38.48 4.76 -26.15
C THR D 51 -39.59 3.92 -25.55
N ALA D 52 -39.22 3.09 -24.58
CA ALA D 52 -40.17 2.23 -23.88
C ALA D 52 -39.78 2.16 -22.42
N LEU D 53 -40.77 1.95 -21.55
CA LEU D 53 -40.59 1.99 -20.10
C LEU D 53 -41.13 0.70 -19.50
N VAL D 54 -40.23 -0.25 -19.26
CA VAL D 54 -40.56 -1.51 -18.61
C VAL D 54 -40.19 -1.41 -17.15
N VAL D 55 -41.10 -1.85 -16.28
CA VAL D 55 -40.87 -1.84 -14.84
C VAL D 55 -40.82 -3.29 -14.36
N PHE D 56 -39.90 -3.56 -13.44
CA PHE D 56 -39.66 -4.92 -12.99
C PHE D 56 -39.60 -4.98 -11.48
N SER D 57 -39.96 -6.14 -10.95
CA SER D 57 -39.79 -6.45 -9.54
C SER D 57 -39.64 -7.95 -9.38
N SER D 58 -40.68 -8.63 -8.93
CA SER D 58 -40.70 -10.08 -8.99
C SER D 58 -40.91 -10.57 -10.41
N LEU D 59 -41.83 -9.93 -11.14
CA LEU D 59 -42.07 -10.23 -12.54
C LEU D 59 -42.10 -8.92 -13.32
N TRP D 60 -41.54 -8.92 -14.52
CA TRP D 60 -41.42 -7.72 -15.32
C TRP D 60 -42.67 -7.53 -16.18
N GLU D 61 -43.13 -6.29 -16.28
CA GLU D 61 -44.25 -5.94 -17.13
C GLU D 61 -43.93 -4.66 -17.88
N LEU D 62 -44.40 -4.57 -19.13
CA LEU D 62 -44.12 -3.43 -19.99
C LEU D 62 -45.39 -2.61 -20.11
N MET D 63 -45.42 -1.46 -19.42
CA MET D 63 -46.63 -0.65 -19.39
C MET D 63 -46.86 0.09 -20.70
N VAL D 64 -45.81 0.69 -21.27
CA VAL D 64 -45.91 1.46 -22.49
C VAL D 64 -44.90 0.92 -23.49
N PRO D 65 -45.33 0.50 -24.67
CA PRO D 65 -44.38 0.04 -25.69
C PRO D 65 -43.70 1.23 -26.35
N PHE D 66 -42.89 0.94 -27.36
CA PHE D 66 -42.12 1.97 -28.03
C PHE D 66 -43.04 3.03 -28.63
N THR D 67 -42.72 4.30 -28.39
CA THR D 67 -43.54 5.39 -28.87
C THR D 67 -42.72 6.67 -28.89
N ARG D 68 -43.07 7.57 -29.82
CA ARG D 68 -42.46 8.90 -29.88
C ARG D 68 -43.25 9.93 -29.08
N ASP D 69 -44.39 9.56 -28.51
CA ASP D 69 -45.22 10.48 -27.73
C ASP D 69 -44.78 10.41 -26.29
N TYR D 70 -44.05 11.43 -25.83
CA TYR D 70 -43.53 11.42 -24.48
C TYR D 70 -44.51 11.95 -23.46
N ASN D 71 -45.67 12.46 -23.89
CA ASN D 71 -46.73 12.78 -22.94
C ASN D 71 -47.41 11.52 -22.43
N THR D 72 -47.17 10.37 -23.07
CA THR D 72 -47.64 9.10 -22.52
C THR D 72 -46.72 8.60 -21.43
N LEU D 73 -45.41 8.62 -21.69
CA LEU D 73 -44.45 8.15 -20.70
C LEU D 73 -44.36 9.10 -19.51
N GLN D 74 -44.37 10.40 -19.77
CA GLN D 74 -44.26 11.38 -18.69
C GLN D 74 -45.40 11.21 -17.69
N GLU D 75 -46.58 10.82 -18.14
CA GLU D 75 -47.66 10.49 -17.22
C GLU D 75 -47.55 9.07 -16.70
N ALA D 76 -46.88 8.18 -17.44
CA ALA D 76 -46.72 6.81 -16.98
C ALA D 76 -45.77 6.70 -15.79
N LEU D 77 -44.98 7.74 -15.52
CA LEU D 77 -44.08 7.70 -14.38
C LEU D 77 -44.80 7.93 -13.05
N SER D 78 -45.81 8.82 -13.05
CA SER D 78 -46.50 9.19 -11.82
C SER D 78 -47.65 8.25 -11.48
N ASN D 79 -47.89 7.24 -12.29
CA ASN D 79 -48.98 6.29 -12.04
C ASN D 79 -48.43 4.89 -11.86
N MET D 80 -47.38 4.75 -11.06
CA MET D 80 -46.68 3.49 -10.88
C MET D 80 -47.11 2.82 -9.58
N ASP D 81 -46.98 1.50 -9.54
CA ASP D 81 -47.36 0.71 -8.39
C ASP D 81 -46.17 0.57 -7.44
N ASP D 82 -46.30 -0.32 -6.45
CA ASP D 82 -45.28 -0.51 -5.42
C ASP D 82 -45.03 -2.00 -5.18
N TYR D 83 -44.77 -2.75 -6.25
CA TYR D 83 -44.44 -4.16 -6.11
C TYR D 83 -43.23 -4.36 -5.20
N ASP D 84 -43.02 -5.60 -4.78
CA ASP D 84 -41.93 -5.98 -3.91
C ASP D 84 -41.09 -7.07 -4.58
N LYS D 85 -39.93 -7.35 -3.99
CA LYS D 85 -38.95 -8.32 -4.48
C LYS D 85 -38.24 -7.80 -5.72
N THR D 86 -36.94 -8.01 -5.82
CA THR D 86 -36.13 -7.55 -6.94
C THR D 86 -35.56 -8.73 -7.69
N CYS D 87 -35.75 -8.74 -9.02
CA CYS D 87 -35.23 -9.82 -9.85
C CYS D 87 -34.74 -9.20 -11.16
N LEU D 88 -33.44 -8.88 -11.21
CA LEU D 88 -32.87 -8.22 -12.38
C LEU D 88 -32.79 -9.14 -13.60
N GLU D 89 -32.53 -10.43 -13.38
CA GLU D 89 -32.36 -11.35 -14.50
C GLU D 89 -33.62 -11.45 -15.35
N SER D 90 -34.79 -11.51 -14.69
CA SER D 90 -36.04 -11.57 -15.44
C SER D 90 -36.25 -10.30 -16.25
N ALA D 91 -35.92 -9.15 -15.68
CA ALA D 91 -36.05 -7.90 -16.41
C ALA D 91 -35.14 -7.87 -17.63
N LEU D 92 -33.91 -8.33 -17.47
CA LEU D 92 -32.98 -8.34 -18.60
C LEU D 92 -33.46 -9.30 -19.70
N VAL D 93 -33.96 -10.47 -19.30
CA VAL D 93 -34.51 -11.42 -20.27
C VAL D 93 -35.68 -10.79 -21.01
N GLY D 94 -36.58 -10.13 -20.29
CA GLY D 94 -37.72 -9.51 -20.93
C GLY D 94 -37.32 -8.40 -21.88
N VAL D 95 -36.31 -7.61 -21.50
CA VAL D 95 -35.84 -6.55 -22.38
C VAL D 95 -35.26 -7.13 -23.66
N CYS D 96 -34.45 -8.19 -23.53
CA CYS D 96 -33.94 -8.86 -24.73
C CYS D 96 -35.09 -9.34 -25.61
N ASN D 97 -36.10 -9.98 -25.00
CA ASN D 97 -37.20 -10.53 -25.77
C ASN D 97 -37.96 -9.42 -26.50
N ILE D 98 -38.27 -8.33 -25.81
CA ILE D 98 -39.08 -7.28 -26.43
C ILE D 98 -38.31 -6.55 -27.52
N VAL D 99 -37.01 -6.30 -27.30
CA VAL D 99 -36.21 -5.65 -28.33
C VAL D 99 -36.13 -6.53 -29.56
N GLN D 100 -35.88 -7.84 -29.37
CA GLN D 100 -35.82 -8.74 -30.50
C GLN D 100 -37.16 -8.80 -31.24
N GLN D 101 -38.27 -8.83 -30.48
CA GLN D 101 -39.58 -8.92 -31.10
C GLN D 101 -39.90 -7.67 -31.91
N GLU D 102 -39.56 -6.50 -31.40
CA GLU D 102 -39.96 -5.26 -32.08
C GLU D 102 -38.99 -4.88 -33.18
N TRP D 103 -37.73 -4.68 -32.85
CA TRP D 103 -36.79 -4.12 -33.83
C TRP D 103 -36.04 -5.20 -34.60
N GLY D 104 -35.61 -6.27 -33.93
CA GLY D 104 -34.86 -7.31 -34.58
C GLY D 104 -33.57 -7.65 -33.87
N GLY D 105 -32.47 -7.74 -34.62
CA GLY D 105 -31.20 -8.10 -34.02
C GLY D 105 -30.04 -7.24 -34.48
N ALA D 106 -30.34 -6.11 -35.12
CA ALA D 106 -29.30 -5.22 -35.65
C ALA D 106 -29.43 -3.79 -35.18
N ILE D 107 -30.64 -3.29 -34.96
CA ILE D 107 -30.81 -1.89 -34.56
C ILE D 107 -30.24 -1.68 -33.16
N PRO D 108 -29.49 -0.61 -32.92
CA PRO D 108 -28.98 -0.37 -31.57
C PRO D 108 -30.11 -0.09 -30.60
N CYS D 109 -29.89 -0.46 -29.33
CA CYS D 109 -30.92 -0.32 -28.31
C CYS D 109 -30.25 -0.01 -26.98
N GLN D 110 -30.17 1.27 -26.64
CA GLN D 110 -29.68 1.65 -25.32
C GLN D 110 -30.65 1.19 -24.25
N VAL D 111 -30.12 0.80 -23.10
CA VAL D 111 -30.94 0.30 -21.99
C VAL D 111 -30.60 1.15 -20.78
N VAL D 112 -31.47 2.12 -20.48
CA VAL D 112 -31.26 2.99 -19.32
C VAL D 112 -31.89 2.33 -18.10
N LEU D 113 -31.09 1.55 -17.36
CA LEU D 113 -31.57 0.86 -16.17
C LEU D 113 -31.44 1.74 -14.95
N VAL D 114 -32.45 1.71 -14.09
CA VAL D 114 -32.49 2.52 -12.88
C VAL D 114 -32.58 1.56 -11.71
N THR D 115 -31.44 1.19 -11.15
CA THR D 115 -31.37 0.29 -10.01
C THR D 115 -31.22 1.10 -8.73
N ASP D 116 -31.13 0.38 -7.60
CA ASP D 116 -31.04 1.02 -6.30
C ASP D 116 -29.82 0.61 -5.50
N GLY D 117 -28.98 -0.28 -6.03
CA GLY D 117 -27.81 -0.72 -5.31
C GLY D 117 -28.08 -1.69 -4.18
N CYS D 118 -29.34 -2.01 -3.90
CA CYS D 118 -29.68 -2.99 -2.89
C CYS D 118 -29.62 -4.42 -3.41
N LEU D 119 -29.46 -4.60 -4.71
CA LEU D 119 -29.46 -5.92 -5.33
C LEU D 119 -30.64 -6.75 -4.87
N GLY D 120 -30.37 -7.92 -4.30
CA GLY D 120 -31.43 -8.78 -3.79
C GLY D 120 -30.98 -9.62 -2.63
N ILE D 121 -31.77 -10.63 -2.26
CA ILE D 121 -31.44 -11.49 -1.13
C ILE D 121 -31.11 -12.91 -1.56
N GLY D 122 -31.68 -13.41 -2.64
CA GLY D 122 -31.39 -14.77 -3.08
C GLY D 122 -32.27 -15.15 -4.24
N ARG D 123 -32.13 -16.42 -4.65
CA ARG D 123 -32.88 -16.99 -5.75
C ARG D 123 -32.73 -16.16 -7.02
N GLY D 124 -33.70 -15.29 -7.29
CA GLY D 124 -33.65 -14.42 -8.44
C GLY D 124 -32.81 -13.17 -8.26
N SER D 125 -32.15 -13.03 -7.12
CA SER D 125 -31.35 -11.84 -6.85
C SER D 125 -30.16 -11.76 -7.81
N LEU D 126 -29.57 -10.57 -7.89
CA LEU D 126 -28.44 -10.36 -8.78
C LEU D 126 -27.23 -11.17 -8.32
N ARG D 127 -27.00 -11.23 -7.00
CA ARG D 127 -25.82 -11.93 -6.49
C ARG D 127 -25.83 -13.41 -6.86
N HIS D 128 -26.97 -14.07 -6.66
CA HIS D 128 -27.06 -15.49 -6.93
C HIS D 128 -26.87 -15.78 -8.42
N SER D 129 -27.57 -15.05 -9.28
CA SER D 129 -27.45 -15.27 -10.71
C SER D 129 -26.04 -14.97 -11.21
N LEU D 130 -25.45 -13.87 -10.73
CA LEU D 130 -24.12 -13.50 -11.19
C LEU D 130 -23.08 -14.54 -10.75
N ALA D 131 -23.19 -15.04 -9.51
CA ALA D 131 -22.20 -15.97 -9.00
C ALA D 131 -22.36 -17.37 -9.58
N THR D 132 -23.54 -17.70 -10.11
CA THR D 132 -23.83 -19.06 -10.54
C THR D 132 -24.02 -19.17 -12.05
N GLN D 133 -24.88 -18.33 -12.64
CA GLN D 133 -25.22 -18.50 -14.05
C GLN D 133 -24.05 -18.28 -14.98
N ASN D 134 -23.00 -17.58 -14.53
CA ASN D 134 -21.82 -17.40 -15.37
C ASN D 134 -21.14 -18.74 -15.66
N GLN D 135 -21.05 -19.60 -14.66
CA GLN D 135 -20.49 -20.93 -14.82
C GLN D 135 -21.54 -21.99 -15.12
N ARG D 136 -22.81 -21.61 -15.18
CA ARG D 136 -23.90 -22.55 -15.46
C ARG D 136 -24.50 -22.36 -16.83
N SER D 137 -24.91 -21.14 -17.17
CA SER D 137 -25.48 -20.81 -18.47
C SER D 137 -26.68 -21.69 -18.80
N GLU D 138 -26.46 -22.72 -19.62
CA GLU D 138 -27.49 -23.66 -20.05
C GLU D 138 -28.58 -22.90 -20.80
N SER D 139 -29.83 -23.35 -20.69
CA SER D 139 -30.93 -22.66 -21.36
C SER D 139 -31.13 -21.26 -20.81
N ASN D 140 -31.05 -21.10 -19.49
CA ASN D 140 -31.20 -19.79 -18.88
C ASN D 140 -29.87 -19.04 -18.86
N ARG D 141 -29.28 -18.83 -20.03
CA ARG D 141 -28.03 -18.10 -20.12
C ARG D 141 -28.21 -16.66 -19.67
N PHE D 142 -27.15 -16.08 -19.10
CA PHE D 142 -27.20 -14.71 -18.64
C PHE D 142 -27.49 -13.78 -19.81
N PRO D 143 -28.54 -12.96 -19.73
CA PRO D 143 -28.88 -12.07 -20.86
C PRO D 143 -28.07 -10.79 -20.90
N LEU D 144 -27.18 -10.56 -19.94
CA LEU D 144 -26.35 -9.36 -19.96
C LEU D 144 -25.54 -9.22 -21.25
N PRO D 145 -24.96 -10.28 -21.83
CA PRO D 145 -24.38 -10.15 -23.17
C PRO D 145 -25.48 -10.03 -24.22
N PHE D 146 -25.95 -8.80 -24.43
CA PHE D 146 -27.09 -8.56 -25.29
C PHE D 146 -26.80 -9.04 -26.71
N PRO D 147 -27.76 -9.68 -27.38
CA PRO D 147 -27.59 -10.13 -28.78
C PRO D 147 -27.87 -9.04 -29.81
N PHE D 148 -27.37 -7.85 -29.55
CA PHE D 148 -27.50 -6.70 -30.46
C PHE D 148 -26.66 -5.56 -29.89
N PRO D 149 -26.32 -4.56 -30.73
CA PRO D 149 -25.47 -3.48 -30.23
C PRO D 149 -26.18 -2.62 -29.19
N SER D 150 -26.29 -3.15 -27.98
CA SER D 150 -27.02 -2.49 -26.91
C SER D 150 -26.12 -1.50 -26.18
N LYS D 151 -26.62 -0.98 -25.07
CA LYS D 151 -25.82 -0.13 -24.18
C LYS D 151 -26.51 -0.13 -22.82
N LEU D 152 -25.85 -0.72 -21.82
CA LEU D 152 -26.43 -0.84 -20.50
C LEU D 152 -25.93 0.29 -19.61
N TYR D 153 -26.77 1.28 -19.37
CA TYR D 153 -26.48 2.36 -18.45
C TYR D 153 -27.25 2.11 -17.17
N ILE D 154 -26.54 1.74 -16.11
CA ILE D 154 -27.14 1.46 -14.81
C ILE D 154 -27.00 2.72 -13.98
N MET D 155 -28.14 3.35 -13.65
CA MET D 155 -28.13 4.55 -12.82
C MET D 155 -28.50 4.16 -11.40
N CYS D 156 -27.51 3.63 -10.69
CA CYS D 156 -27.71 3.18 -9.31
C CYS D 156 -27.78 4.41 -8.41
N MET D 157 -29.01 4.91 -8.22
CA MET D 157 -29.21 6.09 -7.38
C MET D 157 -29.24 5.67 -5.91
N ALA D 158 -28.06 5.35 -5.39
CA ALA D 158 -27.89 5.02 -3.98
C ALA D 158 -26.74 5.85 -3.43
N ASN D 159 -27.03 7.08 -3.04
CA ASN D 159 -26.07 8.02 -2.45
C ASN D 159 -24.79 8.00 -3.29
N LEU D 160 -23.66 8.27 -2.64
CA LEU D 160 -22.38 8.25 -3.35
C LEU D 160 -21.89 6.81 -3.53
N GLU D 161 -20.66 6.70 -4.01
CA GLU D 161 -20.04 5.39 -4.15
C GLU D 161 -19.85 4.74 -2.78
N GLU D 162 -19.69 5.55 -1.73
CA GLU D 162 -19.45 5.02 -0.40
C GLU D 162 -20.63 4.18 0.09
N LEU D 163 -21.86 4.63 -0.16
CA LEU D 163 -23.03 3.89 0.32
C LEU D 163 -23.11 2.52 -0.34
N GLN D 164 -22.85 2.45 -1.65
CA GLN D 164 -22.91 1.17 -2.35
C GLN D 164 -21.61 0.38 -2.26
N SER D 165 -20.54 0.98 -1.72
CA SER D 165 -19.33 0.21 -1.48
C SER D 165 -19.43 -0.63 -0.21
N THR D 166 -20.37 -0.32 0.68
CA THR D 166 -20.54 -1.12 1.89
C THR D 166 -21.09 -2.50 1.57
N ASP D 167 -22.05 -2.59 0.67
CA ASP D 167 -22.77 -3.84 0.43
C ASP D 167 -22.49 -4.44 -0.93
N SER D 168 -22.78 -3.71 -2.02
CA SER D 168 -22.69 -4.32 -3.35
C SER D 168 -22.60 -3.23 -4.41
N LEU D 169 -21.43 -3.09 -5.02
CA LEU D 169 -21.24 -2.39 -6.28
C LEU D 169 -20.38 -3.18 -7.25
N GLU D 170 -19.55 -4.10 -6.75
CA GLU D 170 -18.80 -4.99 -7.62
C GLU D 170 -19.72 -5.83 -8.48
N CYS D 171 -20.89 -6.21 -7.96
CA CYS D 171 -21.85 -6.95 -8.76
C CYS D 171 -22.33 -6.12 -9.94
N LEU D 172 -22.64 -4.84 -9.71
CA LEU D 172 -23.12 -4.00 -10.79
C LEU D 172 -22.04 -3.76 -11.83
N GLU D 173 -20.82 -3.42 -11.40
CA GLU D 173 -19.80 -3.13 -12.41
C GLU D 173 -19.27 -4.40 -13.06
N ARG D 174 -19.56 -5.57 -12.48
CA ARG D 174 -19.37 -6.81 -13.22
C ARG D 174 -20.50 -7.03 -14.21
N LEU D 175 -21.72 -6.60 -13.85
CA LEU D 175 -22.85 -6.71 -14.75
C LEU D 175 -22.63 -5.90 -16.02
N ILE D 176 -22.06 -4.71 -15.88
CA ILE D 176 -21.73 -3.91 -17.06
C ILE D 176 -20.69 -4.62 -17.91
N ASP D 177 -19.75 -5.34 -17.27
CA ASP D 177 -18.66 -5.98 -18.00
C ASP D 177 -19.19 -7.03 -18.97
N LEU D 178 -20.26 -7.74 -18.60
CA LEU D 178 -20.83 -8.74 -19.49
C LEU D 178 -21.37 -8.15 -20.78
N ASN D 179 -21.56 -6.83 -20.84
CA ASN D 179 -21.97 -6.14 -22.06
C ASN D 179 -20.77 -5.72 -22.91
N ASN D 180 -19.65 -6.45 -22.80
CA ASN D 180 -18.41 -6.14 -23.51
C ASN D 180 -17.84 -4.81 -23.08
N GLY D 181 -18.09 -4.43 -21.82
CA GLY D 181 -17.54 -3.21 -21.27
C GLY D 181 -18.11 -1.93 -21.82
N GLU D 182 -19.16 -2.00 -22.63
CA GLU D 182 -19.77 -0.80 -23.22
C GLU D 182 -20.91 -0.36 -22.32
N GLY D 183 -20.71 0.76 -21.64
CA GLY D 183 -21.69 1.26 -20.70
C GLY D 183 -21.01 2.19 -19.71
N GLN D 184 -21.76 2.55 -18.68
CA GLN D 184 -21.21 3.42 -17.64
C GLN D 184 -22.08 3.33 -16.39
N ILE D 185 -21.47 2.96 -15.28
CA ILE D 185 -22.14 3.03 -13.98
C ILE D 185 -22.23 4.49 -13.58
N PHE D 186 -23.43 4.93 -13.22
CA PHE D 186 -23.67 6.31 -12.83
C PHE D 186 -24.06 6.35 -11.36
N THR D 187 -23.33 7.15 -10.58
CA THR D 187 -23.55 7.29 -9.15
C THR D 187 -23.73 8.75 -8.80
N ILE D 188 -24.69 9.03 -7.91
CA ILE D 188 -25.01 10.40 -7.52
C ILE D 188 -24.09 10.77 -6.34
N ASP D 189 -23.14 11.67 -6.60
CA ASP D 189 -22.22 12.10 -5.56
C ASP D 189 -22.84 13.24 -4.75
N GLY D 190 -23.14 12.97 -3.49
CA GLY D 190 -23.71 13.97 -2.61
C GLY D 190 -24.87 13.46 -1.78
N PRO D 191 -25.48 14.36 -1.00
CA PRO D 191 -26.54 13.98 -0.06
C PRO D 191 -27.94 13.93 -0.70
N LEU D 192 -28.04 13.28 -1.86
CA LEU D 192 -29.33 13.02 -2.53
C LEU D 192 -30.10 14.31 -2.80
N CYS D 193 -29.41 15.43 -2.95
CA CYS D 193 -30.09 16.67 -3.27
C CYS D 193 -30.59 16.63 -4.72
N LEU D 194 -31.69 17.36 -4.95
CA LEU D 194 -32.28 17.39 -6.30
C LEU D 194 -31.30 17.91 -7.33
N LYS D 195 -30.47 18.89 -6.96
CA LYS D 195 -29.49 19.41 -7.89
C LYS D 195 -28.49 18.34 -8.32
N ASN D 196 -28.10 17.47 -7.38
CA ASN D 196 -27.14 16.42 -7.71
C ASN D 196 -27.72 15.40 -8.68
N VAL D 197 -28.96 14.98 -8.47
CA VAL D 197 -29.57 14.04 -9.41
C VAL D 197 -29.82 14.71 -10.75
N GLN D 198 -30.14 16.01 -10.74
CA GLN D 198 -30.28 16.74 -12.00
C GLN D 198 -28.96 16.74 -12.76
N SER D 199 -27.86 16.98 -12.07
CA SER D 199 -26.55 16.95 -12.72
C SER D 199 -26.21 15.54 -13.20
N MET D 200 -26.60 14.52 -12.44
CA MET D 200 -26.40 13.14 -12.86
C MET D 200 -27.11 12.85 -14.17
N PHE D 201 -28.39 13.22 -14.25
CA PHE D 201 -29.14 12.98 -15.48
C PHE D 201 -28.63 13.85 -16.62
N GLY D 202 -28.13 15.04 -16.32
CA GLY D 202 -27.49 15.84 -17.34
C GLY D 202 -26.22 15.19 -17.87
N LYS D 203 -25.45 14.56 -16.99
CA LYS D 203 -24.28 13.81 -17.43
C LYS D 203 -24.69 12.67 -18.37
N LEU D 204 -25.74 11.95 -18.00
CA LEU D 204 -26.23 10.90 -18.89
C LEU D 204 -26.68 11.47 -20.22
N ILE D 205 -27.39 12.60 -20.20
CA ILE D 205 -27.88 13.22 -21.42
C ILE D 205 -26.72 13.62 -22.32
N ASP D 206 -25.71 14.26 -21.75
CA ASP D 206 -24.55 14.68 -22.54
C ASP D 206 -23.78 13.49 -23.08
N LEU D 207 -23.76 12.37 -22.34
CA LEU D 207 -23.03 11.21 -22.83
C LEU D 207 -23.79 10.52 -23.97
N ALA D 208 -25.10 10.43 -23.86
CA ALA D 208 -25.86 9.61 -24.81
C ALA D 208 -26.79 10.41 -25.70
N TYR D 209 -27.74 11.15 -25.15
CA TYR D 209 -28.81 11.76 -25.95
C TYR D 209 -28.47 13.19 -26.33
N THR D 210 -27.36 13.34 -27.06
CA THR D 210 -27.00 14.60 -27.70
C THR D 210 -27.04 14.38 -29.21
N PRO D 211 -27.87 15.11 -29.95
CA PRO D 211 -28.00 14.84 -31.38
C PRO D 211 -26.70 15.12 -32.12
N PHE D 212 -26.46 14.34 -33.16
CA PHE D 212 -25.24 14.45 -33.95
C PHE D 212 -25.49 15.52 -35.01
N HIS D 213 -24.91 16.70 -34.80
CA HIS D 213 -25.00 17.74 -35.82
C HIS D 213 -23.91 17.53 -36.87
N ALA D 214 -24.19 18.01 -38.08
CA ALA D 214 -23.28 17.85 -39.19
C ALA D 214 -23.54 18.93 -40.22
N VAL D 215 -22.60 19.09 -41.13
CA VAL D 215 -22.70 20.04 -42.23
C VAL D 215 -22.66 19.25 -43.53
N LEU D 216 -23.67 19.42 -44.38
CA LEU D 216 -23.78 18.71 -45.64
C LEU D 216 -23.31 19.63 -46.76
N LYS D 217 -22.14 19.33 -47.33
CA LYS D 217 -21.54 20.14 -48.37
C LYS D 217 -21.55 19.34 -49.67
N CYS D 218 -22.09 19.93 -50.72
CA CYS D 218 -21.99 19.40 -52.07
C CYS D 218 -21.18 20.41 -52.87
N GLY D 219 -19.86 20.29 -52.80
CA GLY D 219 -19.00 21.29 -53.38
C GLY D 219 -19.04 22.57 -52.58
N HIS D 220 -19.66 23.61 -53.13
CA HIS D 220 -19.81 24.88 -52.43
C HIS D 220 -21.15 25.03 -51.74
N LEU D 221 -22.19 24.35 -52.21
CA LEU D 221 -23.48 24.39 -51.54
C LEU D 221 -23.39 23.72 -50.18
N THR D 222 -23.98 24.34 -49.17
CA THR D 222 -23.85 23.87 -47.80
C THR D 222 -25.23 23.77 -47.16
N ALA D 223 -25.31 22.93 -46.13
CA ALA D 223 -26.54 22.77 -45.37
C ALA D 223 -26.20 22.29 -43.97
N ASP D 224 -27.04 22.63 -43.01
CA ASP D 224 -26.85 22.26 -41.61
C ASP D 224 -27.88 21.19 -41.26
N VAL D 225 -27.39 19.98 -40.98
CA VAL D 225 -28.27 18.82 -40.88
C VAL D 225 -28.19 18.20 -39.50
N GLN D 226 -28.99 17.15 -39.27
CA GLN D 226 -28.97 16.37 -38.04
C GLN D 226 -29.18 14.92 -38.43
N VAL D 227 -28.16 14.09 -38.25
CA VAL D 227 -28.22 12.69 -38.65
C VAL D 227 -28.76 11.88 -37.48
N PHE D 228 -29.98 11.36 -37.62
CA PHE D 228 -30.56 10.49 -36.61
C PHE D 228 -30.75 9.09 -37.18
N PRO D 229 -30.32 8.04 -36.47
CA PRO D 229 -29.69 8.03 -35.14
C PRO D 229 -28.24 8.50 -35.20
N ARG D 230 -27.62 8.79 -34.07
CA ARG D 230 -26.20 9.11 -34.08
C ARG D 230 -25.41 7.91 -34.59
N PRO D 231 -24.53 8.08 -35.57
CA PRO D 231 -23.85 6.91 -36.15
C PRO D 231 -23.00 6.18 -35.12
N GLU D 232 -23.02 4.87 -35.21
CA GLU D 232 -22.24 4.05 -34.31
C GLU D 232 -20.79 3.99 -34.80
N PRO D 233 -19.82 4.35 -33.97
CA PRO D 233 -18.42 4.19 -34.37
C PRO D 233 -18.12 2.74 -34.71
N PHE D 234 -17.34 2.55 -35.77
CA PHE D 234 -17.06 1.23 -36.29
C PHE D 234 -15.58 0.89 -36.14
N VAL D 235 -15.30 -0.41 -36.09
CA VAL D 235 -13.95 -0.93 -35.93
C VAL D 235 -13.65 -1.87 -37.09
N VAL D 236 -12.51 -1.66 -37.73
CA VAL D 236 -12.12 -2.53 -38.84
C VAL D 236 -11.86 -3.94 -38.36
N ASP D 237 -11.07 -4.09 -37.31
CA ASP D 237 -10.71 -5.38 -36.72
C ASP D 237 -10.05 -5.12 -35.39
N GLU D 238 -9.65 -6.20 -34.71
CA GLU D 238 -8.95 -6.10 -33.44
C GLU D 238 -7.48 -6.50 -33.54
N GLU D 239 -6.95 -6.65 -34.75
CA GLU D 239 -5.58 -7.10 -34.92
C GLU D 239 -4.69 -6.10 -35.64
N ILE D 240 -5.16 -5.47 -36.71
CA ILE D 240 -4.34 -4.53 -37.47
C ILE D 240 -4.78 -3.08 -37.24
N ASP D 241 -6.04 -2.84 -36.87
CA ASP D 241 -6.50 -1.47 -36.66
C ASP D 241 -7.58 -1.44 -35.58
N PRO D 242 -7.20 -1.31 -34.30
CA PRO D 242 -8.20 -1.40 -33.22
C PRO D 242 -8.91 -0.09 -32.91
N ILE D 243 -8.35 1.05 -33.29
CA ILE D 243 -8.94 2.35 -32.96
C ILE D 243 -10.25 2.51 -33.73
N PRO D 244 -11.37 2.74 -33.05
CA PRO D 244 -12.64 2.93 -33.76
C PRO D 244 -12.62 4.19 -34.61
N LYS D 245 -13.36 4.14 -35.72
CA LYS D 245 -13.47 5.25 -36.65
C LYS D 245 -14.90 5.77 -36.66
N VAL D 246 -15.06 7.08 -36.53
CA VAL D 246 -16.36 7.72 -36.60
C VAL D 246 -16.42 8.55 -37.88
N ILE D 247 -17.64 8.85 -38.30
CA ILE D 247 -17.84 9.67 -39.50
C ILE D 247 -17.45 11.11 -39.19
N ASN D 248 -16.93 11.79 -40.20
CA ASN D 248 -16.51 13.18 -40.00
C ASN D 248 -17.72 14.08 -39.87
N THR D 249 -17.51 15.22 -39.20
CA THR D 249 -18.58 16.19 -39.03
C THR D 249 -19.04 16.76 -40.37
N ASP D 250 -18.10 17.03 -41.27
CA ASP D 250 -18.43 17.63 -42.57
C ASP D 250 -18.58 16.52 -43.60
N LEU D 251 -19.82 16.10 -43.85
CA LEU D 251 -20.10 15.13 -44.89
C LEU D 251 -20.02 15.81 -46.25
N GLU D 252 -19.08 15.37 -47.08
CA GLU D 252 -18.85 15.97 -48.38
C GLU D 252 -19.38 15.05 -49.47
N ILE D 253 -20.29 15.57 -50.29
CA ILE D 253 -20.77 14.84 -51.45
C ILE D 253 -19.65 14.79 -52.50
N VAL D 254 -19.45 13.63 -53.09
CA VAL D 254 -18.37 13.45 -54.07
C VAL D 254 -18.88 13.13 -55.46
N GLY D 255 -19.99 12.43 -55.61
CA GLY D 255 -20.49 12.09 -56.92
C GLY D 255 -21.89 11.54 -56.81
N PHE D 256 -22.50 11.32 -57.98
CA PHE D 256 -23.87 10.84 -58.06
C PHE D 256 -23.92 9.64 -58.97
N ILE D 257 -24.53 8.56 -58.51
CA ILE D 257 -24.56 7.29 -59.22
C ILE D 257 -26.01 6.90 -59.44
N ASP D 258 -26.32 6.46 -60.65
CA ASP D 258 -27.69 6.06 -60.98
C ASP D 258 -28.16 4.96 -60.06
N ILE D 259 -29.44 5.01 -59.69
CA ILE D 259 -29.97 4.07 -58.70
C ILE D 259 -29.97 2.65 -59.24
N ALA D 260 -29.96 2.48 -60.56
CA ALA D 260 -29.92 1.14 -61.13
C ALA D 260 -28.53 0.52 -61.03
N ASP D 261 -27.48 1.35 -61.14
CA ASP D 261 -26.12 0.83 -61.10
C ASP D 261 -25.66 0.48 -59.70
N ILE D 262 -26.24 1.12 -58.68
CA ILE D 262 -25.86 0.82 -57.30
C ILE D 262 -26.49 -0.48 -56.81
N SER D 263 -27.52 -0.97 -57.49
CA SER D 263 -28.26 -2.19 -57.09
C SER D 263 -28.74 -1.98 -55.66
N SER D 264 -28.49 -2.90 -54.74
CA SER D 264 -28.88 -2.74 -53.33
C SER D 264 -27.64 -2.98 -52.48
N PRO D 265 -26.89 -1.94 -52.13
CA PRO D 265 -25.57 -2.15 -51.56
C PRO D 265 -25.66 -2.65 -50.13
N PRO D 266 -24.63 -3.36 -49.65
CA PRO D 266 -24.60 -3.72 -48.23
C PRO D 266 -24.30 -2.53 -47.35
N VAL D 267 -25.31 -2.01 -46.67
CA VAL D 267 -25.17 -0.81 -45.87
C VAL D 267 -25.01 -1.21 -44.41
N LEU D 268 -24.62 -0.25 -43.58
CA LEU D 268 -24.45 -0.48 -42.16
C LEU D 268 -25.67 -0.04 -41.37
N SER D 269 -26.18 1.15 -41.64
CA SER D 269 -27.33 1.67 -40.89
C SER D 269 -27.97 2.79 -41.69
N ARG D 270 -29.27 2.66 -41.94
CA ARG D 270 -30.02 3.71 -42.63
C ARG D 270 -30.23 4.91 -41.71
N HIS D 271 -29.79 6.08 -42.16
CA HIS D 271 -29.81 7.29 -41.33
C HIS D 271 -30.57 8.38 -42.07
N LEU D 272 -31.54 8.98 -41.39
CA LEU D 272 -32.17 10.18 -41.92
C LEU D 272 -31.28 11.41 -41.74
N VAL D 273 -31.45 12.36 -42.65
CA VAL D 273 -30.72 13.62 -42.63
C VAL D 273 -31.75 14.73 -42.63
N LEU D 274 -31.97 15.35 -41.48
CA LEU D 274 -32.98 16.39 -41.31
C LEU D 274 -32.29 17.74 -41.19
N PRO D 275 -32.60 18.70 -42.07
CA PRO D 275 -31.97 20.02 -41.94
C PRO D 275 -32.39 20.70 -40.64
N ILE D 276 -31.42 21.36 -40.01
CA ILE D 276 -31.61 22.02 -38.73
C ILE D 276 -31.29 23.50 -38.90
N ALA D 277 -32.24 24.36 -38.54
CA ALA D 277 -32.04 25.80 -38.62
C ALA D 277 -31.07 26.26 -37.54
N LEU D 278 -30.30 27.29 -37.85
CA LEU D 278 -29.35 27.84 -36.90
C LEU D 278 -29.19 29.34 -37.09
N ASN D 297 -45.22 29.16 -34.41
CA ASN D 297 -45.09 28.90 -35.83
C ASN D 297 -43.86 29.60 -36.40
N SER D 298 -42.88 29.86 -35.54
CA SER D 298 -41.67 30.55 -35.96
C SER D 298 -40.89 29.74 -36.97
N ALA D 299 -40.82 28.42 -36.78
CA ALA D 299 -40.03 27.57 -37.67
C ALA D 299 -40.56 27.61 -39.10
N ASN D 300 -41.88 27.53 -39.27
CA ASN D 300 -42.44 27.56 -40.62
C ASN D 300 -42.47 28.96 -41.19
N GLN D 301 -42.64 29.98 -40.35
CA GLN D 301 -42.72 31.35 -40.82
C GLN D 301 -41.35 31.98 -41.09
N ILE D 302 -40.27 31.36 -40.63
CA ILE D 302 -38.93 31.90 -40.85
C ILE D 302 -38.08 30.88 -41.60
N ALA D 303 -37.87 29.71 -41.00
CA ALA D 303 -37.08 28.67 -41.65
C ALA D 303 -37.83 28.01 -42.79
N GLY D 304 -39.16 28.09 -42.80
CA GLY D 304 -39.92 27.50 -43.89
C GLY D 304 -39.70 28.21 -45.21
N LYS D 305 -39.57 29.53 -45.18
CA LYS D 305 -39.42 30.31 -46.39
C LYS D 305 -37.96 30.47 -46.82
N ILE D 306 -37.02 30.38 -45.90
CA ILE D 306 -35.60 30.52 -46.26
C ILE D 306 -35.19 29.33 -47.12
N PRO D 307 -34.58 29.53 -48.28
CA PRO D 307 -34.20 28.39 -49.12
C PRO D 307 -33.13 27.55 -48.46
N ASN D 308 -33.41 26.24 -48.37
CA ASN D 308 -32.47 25.27 -47.83
C ASN D 308 -31.89 24.44 -48.96
N PHE D 309 -30.90 23.61 -48.62
CA PHE D 309 -30.28 22.75 -49.62
C PHE D 309 -30.74 21.30 -49.53
N CYS D 310 -31.04 20.81 -48.32
CA CYS D 310 -31.47 19.42 -48.19
C CYS D 310 -32.78 19.18 -48.92
N VAL D 311 -33.70 20.15 -48.88
CA VAL D 311 -34.96 20.00 -49.58
C VAL D 311 -34.73 19.89 -51.09
N LEU D 312 -33.86 20.76 -51.63
CA LEU D 312 -33.55 20.69 -53.05
C LEU D 312 -32.90 19.37 -53.41
N LEU D 313 -31.95 18.91 -52.59
CA LEU D 313 -31.28 17.66 -52.87
C LEU D 313 -32.26 16.49 -52.86
N HIS D 314 -33.12 16.43 -51.85
CA HIS D 314 -34.08 15.33 -51.75
C HIS D 314 -35.06 15.37 -52.91
N GLY D 315 -35.56 16.55 -53.26
CA GLY D 315 -36.49 16.64 -54.37
C GLY D 315 -35.86 16.22 -55.68
N SER D 316 -34.64 16.69 -55.94
CA SER D 316 -33.96 16.31 -57.17
C SER D 316 -33.70 14.81 -57.22
N LEU D 317 -33.28 14.22 -56.09
CA LEU D 317 -33.00 12.79 -56.07
C LEU D 317 -34.26 11.98 -56.28
N LYS D 318 -35.38 12.41 -55.69
CA LYS D 318 -36.62 11.68 -55.87
C LYS D 318 -37.11 11.78 -57.31
N VAL D 319 -37.05 12.98 -57.89
CA VAL D 319 -37.55 13.17 -59.26
C VAL D 319 -36.70 12.41 -60.26
N GLU D 320 -35.38 12.57 -60.17
CA GLU D 320 -34.49 11.94 -61.12
C GLU D 320 -34.32 10.45 -60.84
N GLY D 321 -34.35 10.06 -59.57
CA GLY D 321 -34.16 8.67 -59.21
C GLY D 321 -32.69 8.26 -59.20
N MET D 322 -31.89 8.95 -58.39
CA MET D 322 -30.46 8.69 -58.30
C MET D 322 -30.05 8.78 -56.84
N VAL D 323 -28.77 8.51 -56.58
CA VAL D 323 -28.22 8.64 -55.23
C VAL D 323 -27.08 9.65 -55.28
N ALA D 324 -26.45 9.91 -54.13
CA ALA D 324 -25.40 10.91 -54.02
C ALA D 324 -24.31 10.33 -53.12
N ILE D 325 -23.29 9.74 -53.76
CA ILE D 325 -22.18 9.14 -53.04
C ILE D 325 -21.53 10.19 -52.14
N VAL D 326 -21.37 9.87 -50.87
CA VAL D 326 -20.83 10.79 -49.90
C VAL D 326 -19.51 10.22 -49.38
N GLN D 327 -18.61 11.11 -48.98
CA GLN D 327 -17.32 10.72 -48.39
C GLN D 327 -17.29 11.23 -46.96
N LEU D 328 -17.53 10.32 -46.01
CA LEU D 328 -17.55 10.71 -44.60
C LEU D 328 -16.13 10.81 -44.07
N GLY D 329 -15.42 9.69 -44.05
CA GLY D 329 -14.05 9.66 -43.60
C GLY D 329 -13.16 9.05 -44.65
N PRO D 330 -11.86 9.26 -44.55
CA PRO D 330 -10.93 8.67 -45.51
C PRO D 330 -11.11 7.16 -45.56
N GLU D 331 -11.35 6.64 -46.76
CA GLU D 331 -11.59 5.21 -46.98
C GLU D 331 -12.86 4.75 -46.27
N TRP D 332 -13.88 5.60 -46.28
CA TRP D 332 -15.19 5.28 -45.72
C TRP D 332 -16.27 6.11 -46.40
N HIS D 333 -17.06 5.50 -47.29
CA HIS D 333 -18.06 6.23 -48.03
C HIS D 333 -19.46 5.77 -47.64
N GLY D 334 -20.46 6.41 -48.23
CA GLY D 334 -21.86 6.11 -47.99
C GLY D 334 -22.68 6.47 -49.19
N MET D 335 -23.92 6.90 -48.95
CA MET D 335 -24.80 7.34 -50.02
C MET D 335 -25.99 8.07 -49.42
N LEU D 336 -26.50 9.06 -50.14
CA LEU D 336 -27.59 9.92 -49.67
C LEU D 336 -28.74 9.81 -50.66
N TYR D 337 -29.58 8.80 -50.51
CA TYR D 337 -30.66 8.59 -51.46
C TYR D 337 -31.94 9.29 -50.96
N SER D 338 -33.06 9.00 -51.62
CA SER D 338 -34.35 9.58 -51.25
C SER D 338 -35.38 8.47 -51.17
N GLN D 339 -35.98 8.30 -49.99
CA GLN D 339 -37.02 7.31 -49.77
C GLN D 339 -36.57 5.91 -50.16
N LYS D 343 -43.87 4.45 -46.74
CA LYS D 343 -45.23 4.89 -47.05
C LYS D 343 -45.20 6.05 -48.04
N LYS D 344 -46.20 6.92 -47.96
CA LYS D 344 -46.24 8.09 -48.84
C LYS D 344 -45.21 9.13 -48.44
N LYS D 345 -44.84 9.18 -47.17
CA LYS D 345 -43.85 10.14 -46.71
C LYS D 345 -42.47 9.79 -47.26
N SER D 346 -41.70 10.83 -47.58
CA SER D 346 -40.36 10.67 -48.15
C SER D 346 -39.40 11.58 -47.42
N ASN D 347 -38.13 11.16 -47.36
CA ASN D 347 -37.10 11.97 -46.73
C ASN D 347 -35.74 11.53 -47.23
N LEU D 348 -34.74 12.35 -46.94
CA LEU D 348 -33.38 12.13 -47.43
C LEU D 348 -32.62 11.29 -46.41
N MET D 349 -32.76 9.97 -46.53
CA MET D 349 -32.07 9.06 -45.62
C MET D 349 -30.76 8.61 -46.23
N MET D 350 -29.67 8.81 -45.49
CA MET D 350 -28.33 8.45 -45.92
C MET D 350 -27.92 7.13 -45.29
N SER D 351 -27.11 6.36 -46.00
CA SER D 351 -26.62 5.08 -45.52
C SER D 351 -25.14 5.16 -45.20
N LEU D 352 -24.58 4.04 -44.77
CA LEU D 352 -23.16 3.95 -44.45
C LEU D 352 -22.63 2.62 -44.96
N PHE D 353 -21.52 2.65 -45.69
CA PHE D 353 -20.92 1.43 -46.18
C PHE D 353 -19.91 0.90 -45.19
N GLU D 354 -19.46 -0.33 -45.41
CA GLU D 354 -18.38 -0.89 -44.61
C GLU D 354 -17.08 -0.17 -44.94
N PRO D 355 -16.39 0.39 -43.95
CA PRO D 355 -15.15 1.13 -44.24
C PRO D 355 -14.13 0.23 -44.93
N GLY D 356 -13.44 0.80 -45.91
CA GLY D 356 -12.48 0.06 -46.68
C GLY D 356 -12.27 0.69 -48.05
N PRO D 357 -11.40 0.10 -48.85
CA PRO D 357 -11.13 0.67 -50.18
C PRO D 357 -12.31 0.51 -51.12
N GLU D 358 -12.89 -0.69 -51.18
CA GLU D 358 -14.02 -0.99 -52.05
C GLU D 358 -15.13 -1.64 -51.25
N PRO D 359 -15.96 -0.85 -50.56
CA PRO D 359 -17.12 -1.45 -49.89
C PRO D 359 -18.09 -2.12 -50.85
N LEU D 360 -18.14 -1.68 -52.10
CA LEU D 360 -19.02 -2.27 -53.10
C LEU D 360 -18.17 -3.01 -54.14
N PRO D 361 -18.14 -4.34 -54.12
CA PRO D 361 -17.28 -5.06 -55.07
C PRO D 361 -17.62 -4.80 -56.53
N TRP D 362 -18.90 -4.59 -56.85
CA TRP D 362 -19.32 -4.37 -58.23
C TRP D 362 -19.22 -2.91 -58.65
N LEU D 363 -18.50 -2.09 -57.89
CA LEU D 363 -18.28 -0.69 -58.23
C LEU D 363 -16.80 -0.35 -58.38
N GLY D 364 -15.91 -1.30 -58.15
CA GLY D 364 -14.49 -1.02 -58.16
C GLY D 364 -14.05 -0.30 -56.90
N LYS D 365 -12.74 -0.15 -56.77
CA LYS D 365 -12.19 0.61 -55.66
C LYS D 365 -12.72 2.03 -55.73
N MET D 366 -13.41 2.45 -54.66
CA MET D 366 -14.15 3.71 -54.71
C MET D 366 -13.23 4.91 -54.87
N ALA D 367 -11.93 4.75 -54.63
CA ALA D 367 -10.98 5.80 -54.93
C ALA D 367 -10.70 5.92 -56.43
N GLN D 368 -11.24 5.01 -57.24
CA GLN D 368 -11.00 5.02 -58.68
C GLN D 368 -12.25 5.44 -59.46
N LEU D 369 -13.18 6.14 -58.81
CA LEU D 369 -14.36 6.66 -59.48
C LEU D 369 -14.18 8.16 -59.68
N GLY D 370 -14.24 8.60 -60.94
CA GLY D 370 -14.04 9.99 -61.27
C GLY D 370 -15.11 10.52 -62.19
N PRO D 371 -15.00 11.79 -62.56
CA PRO D 371 -16.02 12.40 -63.42
C PRO D 371 -15.98 11.82 -64.82
N ILE D 372 -17.12 11.89 -65.50
CA ILE D 372 -17.19 11.43 -66.89
C ILE D 372 -16.46 12.36 -67.84
N SER D 373 -16.10 13.57 -67.40
CA SER D 373 -15.34 14.46 -68.26
C SER D 373 -13.94 13.94 -68.53
N ASP D 374 -13.29 13.39 -67.51
CA ASP D 374 -11.92 12.91 -67.68
C ASP D 374 -11.82 11.71 -68.60
N ALA D 375 -12.90 10.93 -68.73
CA ALA D 375 -12.89 9.80 -69.65
C ALA D 375 -12.84 10.29 -71.10
N LYS D 376 -12.40 9.42 -71.99
CA LYS D 376 -12.28 9.78 -73.39
C LYS D 376 -13.64 10.15 -73.98
N GLU D 377 -14.57 9.19 -74.01
CA GLU D 377 -15.92 9.42 -74.45
C GLU D 377 -16.83 9.52 -73.23
N ASN D 378 -18.14 9.58 -73.47
CA ASN D 378 -19.11 9.52 -72.38
C ASN D 378 -19.49 8.07 -72.15
N PRO D 379 -18.94 7.42 -71.10
CA PRO D 379 -19.24 5.99 -70.91
C PRO D 379 -20.71 5.72 -70.70
N TYR D 380 -21.43 6.66 -70.08
CA TYR D 380 -22.87 6.51 -69.91
C TYR D 380 -23.61 6.62 -71.23
N GLY D 381 -23.01 7.24 -72.24
CA GLY D 381 -23.64 7.35 -73.55
C GLY D 381 -24.43 8.63 -73.71
N GLU D 382 -24.51 9.09 -74.96
CA GLU D 382 -25.29 10.29 -75.27
C GLU D 382 -26.77 10.06 -75.01
N ASP D 383 -27.27 8.87 -75.33
CA ASP D 383 -28.67 8.51 -75.14
C ASP D 383 -28.95 7.93 -73.77
N ASP D 384 -27.96 7.94 -72.87
CA ASP D 384 -28.10 7.38 -71.52
C ASP D 384 -28.51 5.91 -71.57
N ASN D 385 -27.91 5.18 -72.50
CA ASN D 385 -28.17 3.75 -72.67
C ASN D 385 -27.08 2.88 -72.08
N LYS D 386 -25.81 3.16 -72.41
CA LYS D 386 -24.72 2.39 -71.87
C LYS D 386 -24.52 2.71 -70.39
N SER D 387 -23.86 1.79 -69.69
CA SER D 387 -23.63 1.97 -68.26
C SER D 387 -22.27 1.41 -67.88
N PRO D 388 -21.37 2.24 -67.35
CA PRO D 388 -20.04 1.73 -66.95
C PRO D 388 -20.12 0.63 -65.91
N PHE D 389 -21.03 0.73 -64.96
CA PHE D 389 -21.30 -0.26 -63.94
C PHE D 389 -22.24 -1.33 -64.46
N PRO D 390 -22.18 -2.56 -63.91
CA PRO D 390 -21.29 -3.05 -62.87
C PRO D 390 -19.95 -3.50 -63.42
N LEU D 391 -18.92 -3.60 -62.58
CA LEU D 391 -17.60 -4.00 -63.02
C LEU D 391 -17.46 -5.51 -62.95
N GLN D 392 -17.05 -6.12 -64.05
CA GLN D 392 -16.85 -7.56 -64.09
C GLN D 392 -15.68 -7.96 -63.20
N PRO D 393 -15.79 -9.03 -62.43
CA PRO D 393 -14.66 -9.48 -61.62
C PRO D 393 -13.51 -9.97 -62.51
N LYS D 394 -12.29 -9.83 -61.98
CA LYS D 394 -11.11 -10.18 -62.76
C LYS D 394 -11.08 -11.67 -63.09
N ASN D 395 -11.38 -12.52 -62.11
CA ASN D 395 -11.38 -13.97 -62.30
C ASN D 395 -12.80 -14.48 -62.18
N LYS D 396 -13.25 -15.20 -63.21
CA LYS D 396 -14.62 -15.69 -63.23
C LYS D 396 -14.85 -16.74 -62.15
N ARG D 397 -16.09 -16.83 -61.69
CA ARG D 397 -16.45 -17.80 -60.65
C ARG D 397 -16.66 -19.17 -61.28
N SER D 398 -17.20 -20.11 -60.51
CA SER D 398 -17.37 -21.48 -60.98
C SER D 398 -18.69 -21.69 -61.71
N TYR D 399 -19.79 -21.15 -61.18
CA TYR D 399 -21.09 -21.34 -61.83
C TYR D 399 -21.18 -20.60 -63.16
N ALA D 400 -20.47 -19.49 -63.31
CA ALA D 400 -20.43 -18.81 -64.60
C ALA D 400 -19.53 -19.52 -65.59
N GLN D 401 -18.45 -20.14 -65.10
CA GLN D 401 -17.55 -20.91 -65.96
C GLN D 401 -18.15 -22.31 -66.18
N ASN D 402 -17.35 -23.21 -66.74
CA ASN D 402 -17.76 -24.59 -66.98
C ASN D 402 -16.80 -25.49 -66.21
N VAL D 403 -17.10 -25.73 -64.94
CA VAL D 403 -16.29 -26.62 -64.12
C VAL D 403 -16.83 -28.04 -64.25
N THR D 404 -15.99 -29.02 -63.92
CA THR D 404 -16.31 -30.43 -64.07
C THR D 404 -16.31 -31.08 -62.69
N VAL D 405 -17.45 -31.06 -62.02
CA VAL D 405 -17.60 -31.70 -60.72
C VAL D 405 -18.14 -33.10 -60.93
N TRP D 406 -17.71 -34.03 -60.08
CA TRP D 406 -18.05 -35.44 -60.22
C TRP D 406 -18.36 -36.08 -58.88
N ILE D 407 -18.79 -35.29 -57.90
CA ILE D 407 -19.00 -35.81 -56.55
C ILE D 407 -20.06 -36.90 -56.57
N LYS D 408 -21.27 -36.56 -56.96
CA LYS D 408 -22.29 -37.58 -57.10
C LYS D 408 -22.10 -38.34 -58.41
N PRO D 409 -22.41 -39.64 -58.43
CA PRO D 409 -22.37 -40.37 -59.71
C PRO D 409 -23.33 -39.81 -60.74
N SER D 410 -24.35 -39.08 -60.30
CA SER D 410 -25.29 -38.47 -61.24
C SER D 410 -24.59 -37.48 -62.16
N GLY D 411 -23.63 -36.72 -61.63
CA GLY D 411 -22.93 -35.76 -62.46
C GLY D 411 -22.12 -36.41 -63.57
N LEU D 412 -21.36 -37.45 -63.23
CA LEU D 412 -20.60 -38.17 -64.24
C LEU D 412 -21.54 -38.86 -65.23
N GLN D 413 -22.65 -39.40 -64.74
CA GLN D 413 -23.63 -40.01 -65.63
C GLN D 413 -24.20 -38.99 -66.60
N THR D 414 -24.51 -37.78 -66.12
CA THR D 414 -25.04 -36.74 -67.00
C THR D 414 -24.00 -36.34 -68.04
N ASP D 415 -22.74 -36.18 -67.62
CA ASP D 415 -21.70 -35.80 -68.57
C ASP D 415 -21.50 -36.87 -69.63
N VAL D 416 -21.48 -38.15 -69.22
CA VAL D 416 -21.24 -39.21 -70.19
C VAL D 416 -22.44 -39.37 -71.11
N GLN D 417 -23.66 -39.18 -70.59
CA GLN D 417 -24.84 -39.22 -71.45
C GLN D 417 -24.82 -38.08 -72.46
N LYS D 418 -24.38 -36.89 -72.03
CA LYS D 418 -24.28 -35.77 -72.97
C LYS D 418 -23.24 -36.05 -74.04
N ILE D 419 -22.08 -36.59 -73.66
CA ILE D 419 -21.04 -36.85 -74.65
C ILE D 419 -21.46 -37.97 -75.60
N LEU D 420 -22.24 -38.95 -75.11
CA LEU D 420 -22.70 -40.01 -75.99
C LEU D 420 -23.79 -39.53 -76.93
N ARG D 421 -24.73 -38.73 -76.42
CA ARG D 421 -25.82 -38.23 -77.26
C ARG D 421 -25.30 -37.32 -78.36
N ASN D 422 -24.36 -36.43 -78.04
CA ASN D 422 -23.80 -35.55 -79.05
C ASN D 422 -23.00 -36.32 -80.08
N ALA D 423 -22.45 -37.48 -79.69
CA ALA D 423 -21.76 -38.32 -80.67
C ALA D 423 -22.73 -38.88 -81.70
N ARG D 424 -23.98 -39.13 -81.30
CA ARG D 424 -24.98 -39.59 -82.25
C ARG D 424 -25.29 -38.52 -83.30
N LYS D 425 -25.32 -37.26 -82.87
CA LYS D 425 -25.59 -36.13 -83.77
C LYS D 425 -24.46 -35.85 -84.75
N LEU D 426 -23.40 -36.65 -84.75
CA LEU D 426 -22.31 -36.43 -85.70
C LEU D 426 -22.79 -36.72 -87.12
N PRO D 427 -22.24 -36.02 -88.12
CA PRO D 427 -21.21 -34.98 -88.03
C PRO D 427 -21.80 -33.57 -88.07
N GLU D 428 -22.90 -33.32 -87.37
CA GLU D 428 -23.46 -31.98 -87.34
C GLU D 428 -22.76 -31.09 -86.32
N LYS D 429 -22.84 -31.47 -85.05
CA LYS D 429 -22.22 -30.72 -83.97
C LYS D 429 -20.86 -31.30 -83.60
N THR D 430 -19.97 -31.34 -84.60
CA THR D 430 -18.62 -31.87 -84.37
C THR D 430 -17.84 -31.00 -83.40
N GLN D 431 -17.96 -29.68 -83.52
CA GLN D 431 -17.20 -28.78 -82.65
C GLN D 431 -17.63 -28.93 -81.19
N THR D 432 -18.94 -29.02 -80.95
CA THR D 432 -19.41 -29.15 -79.57
C THR D 432 -19.00 -30.50 -78.97
N PHE D 433 -19.12 -31.57 -79.76
CA PHE D 433 -18.71 -32.88 -79.27
C PHE D 433 -17.21 -32.90 -78.98
N TYR D 434 -16.41 -32.31 -79.86
CA TYR D 434 -14.97 -32.24 -79.63
C TYR D 434 -14.65 -31.42 -78.39
N LYS D 435 -15.33 -30.30 -78.18
CA LYS D 435 -15.08 -29.49 -77.00
C LYS D 435 -15.46 -30.24 -75.73
N GLU D 436 -16.60 -30.94 -75.74
CA GLU D 436 -17.02 -31.70 -74.56
C GLU D 436 -16.05 -32.84 -74.27
N LEU D 437 -15.59 -33.54 -75.32
CA LEU D 437 -14.60 -34.59 -75.13
C LEU D 437 -13.29 -34.02 -74.60
N ASN D 438 -12.90 -32.85 -75.09
CA ASN D 438 -11.69 -32.20 -74.59
C ASN D 438 -11.83 -31.86 -73.12
N ARG D 439 -12.99 -31.33 -72.71
CA ARG D 439 -13.21 -31.07 -71.29
C ARG D 439 -13.14 -32.34 -70.48
N LEU D 440 -13.76 -33.41 -70.99
CA LEU D 440 -13.79 -34.68 -70.26
C LEU D 440 -12.38 -35.22 -70.06
N ARG D 441 -11.56 -35.20 -71.11
CA ARG D 441 -10.20 -35.71 -70.99
C ARG D 441 -9.34 -34.80 -70.13
N LYS D 442 -9.56 -33.48 -70.22
CA LYS D 442 -8.83 -32.56 -69.36
C LYS D 442 -9.09 -32.88 -67.90
N ALA D 443 -10.36 -33.07 -67.54
CA ALA D 443 -10.69 -33.48 -66.18
C ALA D 443 -10.11 -34.86 -65.86
N ALA D 444 -10.10 -35.77 -66.83
CA ALA D 444 -9.65 -37.13 -66.58
C ALA D 444 -8.16 -37.16 -66.20
N LEU D 445 -7.31 -36.57 -67.03
CA LEU D 445 -5.89 -36.50 -66.67
C LEU D 445 -5.61 -35.49 -65.57
N ALA D 446 -6.54 -34.60 -65.25
CA ALA D 446 -6.36 -33.77 -64.06
C ALA D 446 -6.55 -34.59 -62.79
N PHE D 447 -7.59 -35.42 -62.77
CA PHE D 447 -7.91 -36.23 -61.60
C PHE D 447 -7.20 -37.58 -61.62
N GLY D 448 -6.52 -37.91 -62.71
CA GLY D 448 -5.83 -39.18 -62.80
C GLY D 448 -6.73 -40.40 -62.80
N PHE D 449 -8.00 -40.23 -63.18
CA PHE D 449 -8.95 -41.34 -63.15
C PHE D 449 -8.99 -41.91 -64.57
N LEU D 450 -7.88 -42.58 -64.90
CA LEU D 450 -7.63 -43.04 -66.27
C LEU D 450 -8.66 -44.06 -66.74
N ASP D 451 -9.19 -44.85 -65.82
CA ASP D 451 -10.18 -45.87 -66.18
C ASP D 451 -11.38 -45.23 -66.86
N LEU D 452 -11.72 -44.00 -66.48
CA LEU D 452 -12.82 -43.28 -67.13
C LEU D 452 -12.49 -43.02 -68.61
N LEU D 453 -11.25 -42.64 -68.89
CA LEU D 453 -10.85 -42.42 -70.28
C LEU D 453 -10.90 -43.71 -71.07
N LYS D 454 -10.43 -44.82 -70.48
CA LYS D 454 -10.54 -46.11 -71.14
C LYS D 454 -12.01 -46.45 -71.42
N GLY D 455 -12.87 -46.22 -70.43
CA GLY D 455 -14.27 -46.52 -70.60
C GLY D 455 -14.93 -45.69 -71.68
N VAL D 456 -14.60 -44.40 -71.75
CA VAL D 456 -15.24 -43.58 -72.77
C VAL D 456 -14.73 -43.97 -74.15
N ALA D 457 -13.47 -44.42 -74.25
CA ALA D 457 -13.03 -45.01 -75.51
C ALA D 457 -13.86 -46.22 -75.87
N ASP D 458 -14.13 -47.09 -74.88
CA ASP D 458 -14.90 -48.29 -75.13
C ASP D 458 -16.33 -47.97 -75.59
N MET D 459 -16.97 -46.99 -74.96
CA MET D 459 -18.34 -46.66 -75.37
C MET D 459 -18.36 -45.92 -76.69
N LEU D 460 -17.32 -45.15 -77.00
CA LEU D 460 -17.22 -44.60 -78.35
C LEU D 460 -17.15 -45.72 -79.38
N GLU D 461 -16.37 -46.77 -79.10
CA GLU D 461 -16.36 -47.94 -79.97
C GLU D 461 -17.74 -48.59 -80.05
N ARG D 462 -18.44 -48.68 -78.92
CA ARG D 462 -19.75 -49.32 -78.90
C ARG D 462 -20.77 -48.55 -79.74
N GLU D 463 -20.77 -47.22 -79.61
CA GLU D 463 -21.64 -46.40 -80.44
C GLU D 463 -21.22 -46.46 -81.90
N CYS D 464 -19.93 -46.66 -82.17
CA CYS D 464 -19.49 -46.92 -83.54
C CYS D 464 -20.11 -48.19 -84.07
N THR D 465 -20.18 -49.23 -83.23
CA THR D 465 -20.84 -50.47 -83.64
C THR D 465 -22.33 -50.26 -83.88
N LEU D 466 -22.95 -49.34 -83.15
CA LEU D 466 -24.37 -49.03 -83.30
C LEU D 466 -24.61 -47.80 -84.17
N LEU D 467 -23.76 -47.59 -85.18
CA LEU D 467 -23.94 -46.46 -86.06
C LEU D 467 -25.23 -46.62 -86.87
N PRO D 468 -25.94 -45.53 -87.15
CA PRO D 468 -27.21 -45.64 -87.87
C PRO D 468 -27.00 -46.04 -89.32
N GLU D 469 -28.12 -46.36 -89.97
CA GLU D 469 -28.10 -46.77 -91.38
C GLU D 469 -27.74 -45.64 -92.32
N THR D 470 -27.73 -44.39 -91.84
CA THR D 470 -27.32 -43.27 -92.70
C THR D 470 -25.87 -43.43 -93.14
N ALA D 471 -25.00 -43.85 -92.22
CA ALA D 471 -23.59 -44.14 -92.50
C ALA D 471 -22.89 -42.92 -93.11
N HIS D 472 -22.86 -41.85 -92.33
CA HIS D 472 -22.15 -40.65 -92.75
C HIS D 472 -20.65 -40.93 -92.79
N PRO D 473 -19.96 -40.66 -93.90
CA PRO D 473 -18.53 -41.00 -93.97
C PRO D 473 -17.68 -40.20 -92.99
N ASP D 474 -17.84 -38.87 -92.96
CA ASP D 474 -17.01 -38.05 -92.09
C ASP D 474 -17.27 -38.37 -90.62
N ALA D 475 -18.52 -38.67 -90.26
CA ALA D 475 -18.85 -38.95 -88.88
C ALA D 475 -18.09 -40.17 -88.36
N ALA D 476 -18.02 -41.24 -89.17
CA ALA D 476 -17.31 -42.44 -88.74
C ALA D 476 -15.83 -42.16 -88.52
N PHE D 477 -15.22 -41.40 -89.42
CA PHE D 477 -13.80 -41.08 -89.28
C PHE D 477 -13.54 -40.30 -88.00
N GLN D 478 -14.41 -39.34 -87.68
CA GLN D 478 -14.22 -38.53 -86.47
C GLN D 478 -14.30 -39.38 -85.21
N LEU D 479 -15.30 -40.26 -85.13
CA LEU D 479 -15.44 -41.08 -83.94
C LEU D 479 -14.31 -42.10 -83.82
N THR D 480 -13.87 -42.67 -84.95
CA THR D 480 -12.74 -43.58 -84.90
C THR D 480 -11.48 -42.87 -84.45
N HIS D 481 -11.24 -41.66 -84.96
CA HIS D 481 -10.07 -40.89 -84.54
C HIS D 481 -10.14 -40.54 -83.06
N ALA D 482 -11.33 -40.15 -82.58
CA ALA D 482 -11.47 -39.84 -81.16
C ALA D 482 -11.22 -41.07 -80.29
N ALA D 483 -11.76 -42.23 -80.71
CA ALA D 483 -11.54 -43.45 -79.96
C ALA D 483 -10.06 -43.82 -79.92
N GLN D 484 -9.37 -43.66 -81.05
CA GLN D 484 -7.94 -43.95 -81.09
C GLN D 484 -7.16 -43.00 -80.19
N GLN D 485 -7.55 -41.71 -80.17
CA GLN D 485 -6.88 -40.75 -79.29
C GLN D 485 -7.08 -41.12 -77.83
N LEU D 486 -8.31 -41.48 -77.45
CA LEU D 486 -8.55 -41.88 -76.07
C LEU D 486 -7.80 -43.16 -75.73
N LYS D 487 -7.72 -44.10 -76.67
CA LYS D 487 -7.01 -45.35 -76.43
C LYS D 487 -5.53 -45.09 -76.20
N LEU D 488 -4.92 -44.22 -77.01
CA LEU D 488 -3.50 -43.93 -76.82
C LEU D 488 -3.26 -43.13 -75.55
N ALA D 489 -4.19 -42.24 -75.18
CA ALA D 489 -4.02 -41.47 -73.96
C ALA D 489 -4.26 -42.31 -72.72
N SER D 490 -4.99 -43.41 -72.83
CA SER D 490 -5.22 -44.28 -71.69
C SER D 490 -3.99 -45.07 -71.27
N THR D 491 -2.92 -45.03 -72.07
CA THR D 491 -1.68 -45.69 -71.66
C THR D 491 -0.98 -44.92 -70.54
N GLY D 492 -1.17 -43.61 -70.48
CA GLY D 492 -0.52 -42.78 -69.50
C GLY D 492 0.86 -42.27 -69.90
N THR D 493 1.38 -42.70 -71.05
CA THR D 493 2.67 -42.23 -71.51
C THR D 493 2.57 -40.81 -72.05
N SER D 494 3.73 -40.17 -72.22
CA SER D 494 3.77 -38.78 -72.65
C SER D 494 3.61 -38.66 -74.16
N GLU D 495 2.55 -39.25 -74.70
CA GLU D 495 2.21 -39.08 -76.11
C GLU D 495 1.21 -37.94 -76.29
N TYR D 496 0.06 -38.03 -75.60
CA TYR D 496 -0.90 -36.95 -75.55
C TYR D 496 -1.26 -36.60 -74.11
N ALA D 497 -0.46 -37.06 -73.15
CA ALA D 497 -0.74 -36.82 -71.73
C ALA D 497 -0.58 -35.37 -71.33
N ALA D 498 0.00 -34.53 -72.18
CA ALA D 498 0.09 -33.11 -71.87
C ALA D 498 -1.29 -32.51 -71.69
N TYR D 499 -1.41 -31.63 -70.70
CA TYR D 499 -2.71 -31.04 -70.39
C TYR D 499 -3.25 -30.24 -71.58
N ASP D 500 -2.39 -29.41 -72.18
CA ASP D 500 -2.80 -28.58 -73.30
C ASP D 500 -3.00 -29.36 -74.59
N GLN D 501 -2.65 -30.66 -74.61
CA GLN D 501 -2.78 -31.48 -75.81
C GLN D 501 -4.25 -31.78 -76.04
N ASN D 502 -4.97 -30.77 -76.51
CA ASN D 502 -6.38 -30.94 -76.82
C ASN D 502 -6.55 -31.77 -78.08
N ILE D 503 -7.58 -32.61 -78.09
CA ILE D 503 -7.82 -33.49 -79.23
C ILE D 503 -8.38 -32.67 -80.38
N THR D 504 -7.77 -32.80 -81.55
CA THR D 504 -8.20 -32.10 -82.75
C THR D 504 -8.91 -33.05 -83.69
N PRO D 505 -10.14 -32.74 -84.11
CA PRO D 505 -10.84 -33.64 -85.03
C PRO D 505 -10.14 -33.73 -86.37
N LEU D 506 -10.26 -34.90 -87.00
CA LEU D 506 -9.62 -35.12 -88.29
C LEU D 506 -10.31 -34.32 -89.38
N HIS D 507 -9.54 -33.93 -90.39
CA HIS D 507 -10.06 -33.17 -91.51
C HIS D 507 -10.86 -34.06 -92.45
#